data_9M6I
#
_entry.id   9M6I
#
_cell.length_a   1.00
_cell.length_b   1.00
_cell.length_c   1.00
_cell.angle_alpha   90.00
_cell.angle_beta   90.00
_cell.angle_gamma   90.00
#
_symmetry.space_group_name_H-M   'P 1'
#
_entity_poly.entity_id   1
_entity_poly.type   'polypeptide(L)'
_entity_poly.pdbx_seq_one_letter_code
;MASISSLGVGSNLPLDQLLTDLTKNEKGRLTPITKQQSANSAKLTAYGTLKSALEKFQTANTALNKADLFKSTVASSTTE
DLKVSTTAGACAGTYKINVTQLAAAQSLATKTTFATTKEQLGDTSVTSRTIKIEQPGRKEPLEIKLDKGDTSMEAIRDAI
NDADSGICASIVKVKENEFQLVLTANSGTDNTMKITVEGDTKLNDLLAYDSTTNTGNMQELVKAENAKLNVNGIDIERQS
NTVTDAPQGITLTLTKKVTDATVTVTKDDTKAKEAIKSWVDAYNSLVDTFSSLTKYTAVEPGEEASDKNGALLGDSVVRT
IQTGIRAQFANSGSNSAFKTMAEIGITQDGTSGKLKIDDDKLTKVLKDNTAAARELLVGDGKETGITTKIATEVKSYLAD
DGIIDNAQDNVNATLKSLTKQYLSVSNSIDETVARYKAQFTQLDTMMSKLNNTSSYLTQQFTAMNKS
;
_entity_poly.pdbx_strand_id   A,B,C,D,E
#
# COMPACT_ATOMS: atom_id res chain seq x y z
N ALA A 39 -44.90 38.66 -1.45
CA ALA A 39 -44.97 38.62 0.00
C ALA A 39 -45.29 37.22 0.50
N ASN A 40 -46.40 36.66 -0.01
CA ASN A 40 -46.79 35.32 0.39
C ASN A 40 -45.91 34.24 -0.26
N SER A 41 -45.34 34.54 -1.43
CA SER A 41 -44.44 33.59 -2.07
C SER A 41 -43.21 33.34 -1.22
N ALA A 42 -42.65 34.39 -0.61
CA ALA A 42 -41.53 34.22 0.30
C ALA A 42 -41.92 33.38 1.50
N LYS A 43 -43.14 33.58 2.02
CA LYS A 43 -43.60 32.78 3.14
C LYS A 43 -43.71 31.30 2.76
N LEU A 44 -44.25 31.02 1.56
CA LEU A 44 -44.35 29.63 1.12
C LEU A 44 -42.98 29.01 0.92
N THR A 45 -42.04 29.77 0.36
CA THR A 45 -40.68 29.26 0.20
C THR A 45 -40.04 28.96 1.54
N ALA A 46 -40.24 29.84 2.53
CA ALA A 46 -39.73 29.59 3.87
C ALA A 46 -40.36 28.36 4.49
N TYR A 47 -41.67 28.18 4.28
CA TYR A 47 -42.33 26.97 4.77
C TYR A 47 -41.73 25.72 4.16
N GLY A 48 -41.49 25.74 2.85
CA GLY A 48 -40.89 24.58 2.19
C GLY A 48 -39.47 24.30 2.69
N THR A 49 -38.68 25.35 2.87
CA THR A 49 -37.32 25.18 3.40
C THR A 49 -37.35 24.61 4.82
N LEU A 50 -38.27 25.11 5.65
CA LEU A 50 -38.42 24.59 7.01
C LEU A 50 -38.83 23.12 6.98
N LYS A 51 -39.74 22.75 6.08
CA LYS A 51 -40.15 21.36 5.97
C LYS A 51 -38.98 20.47 5.55
N SER A 52 -38.17 20.93 4.59
CA SER A 52 -37.02 20.15 4.16
C SER A 52 -36.01 19.98 5.30
N ALA A 53 -35.74 21.06 6.04
CA ALA A 53 -34.82 20.96 7.17
C ALA A 53 -35.34 20.02 8.24
N LEU A 54 -36.65 20.10 8.53
CA LEU A 54 -37.25 19.20 9.51
C LEU A 54 -37.19 17.75 9.05
N GLU A 55 -37.40 17.49 7.76
CA GLU A 55 -37.28 16.14 7.23
C GLU A 55 -35.85 15.62 7.40
N LYS A 56 -34.85 16.46 7.11
CA LYS A 56 -33.47 16.04 7.27
C LYS A 56 -33.14 15.74 8.73
N PHE A 57 -33.61 16.60 9.64
CA PHE A 57 -33.38 16.36 11.07
C PHE A 57 -34.08 15.10 11.54
N GLN A 58 -35.29 14.85 11.05
CA GLN A 58 -36.00 13.62 11.39
C GLN A 58 -35.26 12.39 10.90
N THR A 59 -34.71 12.46 9.68
CA THR A 59 -33.92 11.34 9.17
C THR A 59 -32.70 11.08 10.04
N ALA A 60 -32.00 12.15 10.43
CA ALA A 60 -30.82 11.96 11.28
C ALA A 60 -31.20 11.39 12.64
N ASN A 61 -32.30 11.88 13.22
CA ASN A 61 -32.73 11.37 14.52
C ASN A 61 -33.17 9.91 14.42
N THR A 62 -33.84 9.54 13.34
CA THR A 62 -34.21 8.15 13.13
C THR A 62 -32.98 7.27 12.98
N ALA A 63 -31.95 7.78 12.31
CA ALA A 63 -30.68 7.05 12.24
C ALA A 63 -30.10 6.86 13.64
N LEU A 64 -30.17 7.89 14.47
CA LEU A 64 -29.70 7.77 15.86
C LEU A 64 -30.58 6.86 16.71
N ASN A 65 -31.84 6.62 16.31
CA ASN A 65 -32.81 5.99 17.20
C ASN A 65 -32.36 4.61 17.66
N LYS A 66 -31.88 3.78 16.74
CA LYS A 66 -31.59 2.39 17.07
C LYS A 66 -30.49 2.31 18.13
N ALA A 67 -30.72 1.47 19.14
CA ALA A 67 -29.88 1.42 20.33
C ALA A 67 -28.80 0.36 20.27
N ASP A 68 -28.68 -0.40 19.18
CA ASP A 68 -27.65 -1.41 19.09
C ASP A 68 -26.25 -0.81 19.08
N LEU A 69 -26.12 0.47 18.75
CA LEU A 69 -24.81 1.12 18.71
C LEU A 69 -24.21 1.26 20.10
N PHE A 70 -25.04 1.43 21.12
CA PHE A 70 -24.52 1.61 22.48
C PHE A 70 -23.89 0.33 23.01
N LYS A 71 -24.47 -0.83 22.69
CA LYS A 71 -23.90 -2.12 23.08
C LYS A 71 -23.05 -2.66 21.93
N SER A 72 -22.05 -1.87 21.55
CA SER A 72 -21.16 -2.20 20.46
C SER A 72 -19.83 -2.71 21.03
N THR A 73 -19.37 -3.83 20.50
CA THR A 73 -18.12 -4.43 20.93
C THR A 73 -17.26 -4.73 19.71
N VAL A 74 -15.97 -4.92 19.95
CA VAL A 74 -15.01 -5.29 18.91
C VAL A 74 -14.15 -6.43 19.43
N ALA A 75 -13.91 -7.41 18.57
CA ALA A 75 -13.24 -8.63 18.96
C ALA A 75 -12.01 -8.87 18.09
N SER A 76 -11.09 -9.68 18.62
CA SER A 76 -9.92 -10.09 17.87
C SER A 76 -9.42 -11.42 18.41
N SER A 77 -8.60 -12.08 17.60
CA SER A 77 -8.05 -13.39 17.95
C SER A 77 -6.55 -13.41 17.71
N THR A 78 -5.88 -14.35 18.38
CA THR A 78 -4.45 -14.51 18.19
C THR A 78 -4.12 -15.16 16.86
N THR A 79 -4.90 -16.16 16.47
CA THR A 79 -4.66 -16.92 15.25
C THR A 79 -5.44 -16.31 14.07
N GLU A 80 -4.95 -16.58 12.87
CA GLU A 80 -5.60 -16.12 11.65
C GLU A 80 -6.56 -17.16 11.08
N ASP A 81 -6.59 -18.36 11.68
CA ASP A 81 -7.53 -19.38 11.22
C ASP A 81 -8.95 -19.06 11.68
N LEU A 82 -9.16 -18.99 12.99
CA LEU A 82 -10.46 -18.61 13.52
C LEU A 82 -10.81 -17.19 13.12
N LYS A 83 -12.08 -16.97 12.77
CA LYS A 83 -12.57 -15.64 12.48
C LYS A 83 -13.71 -15.30 13.44
N VAL A 84 -13.81 -14.03 13.82
CA VAL A 84 -14.75 -13.59 14.84
C VAL A 84 -15.50 -12.37 14.35
N SER A 85 -16.80 -12.29 14.63
CA SER A 85 -17.61 -11.12 14.31
C SER A 85 -18.59 -10.88 15.43
N THR A 86 -18.60 -9.66 15.96
CA THR A 86 -19.49 -9.29 17.07
C THR A 86 -20.35 -8.11 16.65
N THR A 87 -21.66 -8.23 16.90
CA THR A 87 -22.60 -7.16 16.58
C THR A 87 -23.11 -6.45 17.83
N ALA A 88 -23.71 -7.18 18.76
CA ALA A 88 -24.27 -6.58 19.96
C ALA A 88 -24.51 -7.66 21.00
N GLY A 89 -24.72 -7.22 22.24
CA GLY A 89 -25.03 -8.14 23.32
C GLY A 89 -23.92 -9.11 23.65
N ALA A 90 -22.67 -8.71 23.45
CA ALA A 90 -21.52 -9.55 23.71
C ALA A 90 -20.87 -9.15 25.03
N CYS A 91 -20.70 -10.13 25.92
CA CYS A 91 -20.03 -9.89 27.19
C CYS A 91 -18.53 -9.70 26.94
N ALA A 92 -18.05 -8.47 27.09
CA ALA A 92 -16.65 -8.18 26.88
C ALA A 92 -15.79 -9.02 27.81
N GLY A 93 -14.73 -9.61 27.26
CA GLY A 93 -13.89 -10.49 28.05
C GLY A 93 -12.95 -11.27 27.17
N THR A 94 -12.58 -12.45 27.65
CA THR A 94 -11.65 -13.33 26.97
C THR A 94 -12.24 -14.73 26.89
N TYR A 95 -12.23 -15.31 25.69
CA TYR A 95 -12.75 -16.64 25.45
C TYR A 95 -11.65 -17.53 24.89
N LYS A 96 -11.47 -18.70 25.48
CA LYS A 96 -10.51 -19.69 25.00
C LYS A 96 -11.26 -20.66 24.11
N ILE A 97 -11.18 -20.46 22.80
CA ILE A 97 -12.02 -21.16 21.85
C ILE A 97 -11.21 -22.27 21.18
N ASN A 98 -11.64 -23.51 21.39
CA ASN A 98 -11.02 -24.68 20.80
C ASN A 98 -11.95 -25.26 19.74
N VAL A 99 -11.49 -25.33 18.49
CA VAL A 99 -12.29 -25.83 17.38
C VAL A 99 -11.95 -27.31 17.22
N THR A 100 -12.70 -28.17 17.93
CA THR A 100 -12.33 -29.58 17.93
C THR A 100 -12.74 -30.29 16.66
N GLN A 101 -13.57 -29.66 15.81
CA GLN A 101 -14.07 -30.32 14.62
C GLN A 101 -14.63 -29.26 13.67
N LEU A 102 -14.67 -29.63 12.38
CA LEU A 102 -15.32 -28.84 11.35
C LEU A 102 -16.47 -29.64 10.76
N ALA A 103 -17.23 -29.00 9.89
CA ALA A 103 -18.44 -29.60 9.33
C ALA A 103 -18.17 -30.05 7.90
N ALA A 104 -18.50 -31.31 7.61
CA ALA A 104 -18.37 -31.88 6.29
C ALA A 104 -19.74 -32.20 5.72
N ALA A 105 -19.93 -31.87 4.44
CA ALA A 105 -21.14 -32.25 3.73
C ALA A 105 -21.05 -33.72 3.34
N GLN A 106 -22.09 -34.21 2.65
CA GLN A 106 -22.07 -35.54 2.07
C GLN A 106 -22.09 -35.42 0.56
N SER A 107 -21.20 -36.15 -0.10
CA SER A 107 -21.20 -36.20 -1.55
C SER A 107 -21.02 -37.66 -1.98
N LEU A 108 -21.80 -38.05 -2.97
CA LEU A 108 -21.91 -39.41 -3.48
C LEU A 108 -21.55 -39.41 -4.95
N ALA A 109 -21.14 -40.57 -5.46
CA ALA A 109 -20.77 -40.71 -6.86
C ALA A 109 -21.23 -42.06 -7.38
N THR A 110 -21.36 -42.14 -8.71
CA THR A 110 -21.78 -43.38 -9.34
C THR A 110 -20.69 -44.44 -9.26
N LYS A 111 -21.09 -45.69 -9.48
CA LYS A 111 -20.14 -46.79 -9.47
C LYS A 111 -19.61 -47.14 -10.86
N THR A 112 -20.15 -46.52 -11.90
CA THR A 112 -19.78 -46.82 -13.27
C THR A 112 -19.27 -45.56 -13.98
N THR A 113 -18.18 -45.72 -14.72
CA THR A 113 -17.67 -44.68 -15.60
C THR A 113 -18.28 -44.85 -16.98
N PHE A 114 -18.44 -43.74 -17.70
CA PHE A 114 -19.14 -43.73 -18.97
C PHE A 114 -18.24 -43.15 -20.05
N ALA A 115 -18.73 -43.23 -21.30
CA ALA A 115 -17.94 -42.77 -22.43
C ALA A 115 -17.89 -41.25 -22.50
N THR A 116 -19.03 -40.60 -22.29
CA THR A 116 -19.09 -39.14 -22.35
C THR A 116 -20.35 -38.68 -21.61
N THR A 117 -20.62 -37.38 -21.68
CA THR A 117 -21.78 -36.81 -21.00
C THR A 117 -23.08 -37.10 -21.76
N LYS A 118 -23.05 -37.01 -23.09
CA LYS A 118 -24.27 -37.08 -23.88
C LYS A 118 -24.82 -38.49 -24.05
N GLU A 119 -24.05 -39.52 -23.69
CA GLU A 119 -24.55 -40.88 -23.75
C GLU A 119 -25.74 -41.05 -22.82
N GLN A 120 -26.69 -41.89 -23.22
CA GLN A 120 -27.89 -42.12 -22.42
C GLN A 120 -27.62 -43.11 -21.30
N LEU A 121 -28.12 -42.78 -20.10
CA LEU A 121 -27.94 -43.60 -18.92
C LEU A 121 -29.21 -44.31 -18.47
N GLY A 122 -30.30 -44.16 -19.22
CA GLY A 122 -31.57 -44.76 -18.83
C GLY A 122 -32.37 -45.15 -20.04
N ASP A 123 -33.52 -45.79 -19.77
CA ASP A 123 -34.36 -46.30 -20.85
C ASP A 123 -34.91 -45.16 -21.69
N THR A 124 -34.92 -45.35 -23.01
CA THR A 124 -35.47 -44.38 -23.94
C THR A 124 -36.94 -44.62 -24.25
N SER A 125 -37.45 -45.81 -23.96
CA SER A 125 -38.87 -46.09 -24.20
C SER A 125 -39.76 -45.45 -23.15
N VAL A 126 -39.23 -45.19 -21.96
CA VAL A 126 -40.02 -44.60 -20.88
C VAL A 126 -40.16 -43.10 -21.14
N THR A 127 -41.40 -42.61 -21.07
CA THR A 127 -41.66 -41.20 -21.37
C THR A 127 -41.22 -40.28 -20.23
N SER A 128 -41.43 -40.70 -18.99
CA SER A 128 -41.09 -39.85 -17.84
C SER A 128 -40.86 -40.72 -16.63
N ARG A 129 -40.17 -40.15 -15.64
CA ARG A 129 -39.78 -40.90 -14.44
C ARG A 129 -39.52 -39.90 -13.33
N THR A 130 -39.38 -40.41 -12.11
CA THR A 130 -39.23 -39.56 -10.94
C THR A 130 -38.06 -40.03 -10.08
N ILE A 131 -37.32 -39.06 -9.54
CA ILE A 131 -36.21 -39.29 -8.63
C ILE A 131 -36.58 -38.69 -7.28
N LYS A 132 -36.51 -39.50 -6.22
CA LYS A 132 -36.96 -39.13 -4.89
C LYS A 132 -35.79 -39.13 -3.93
N ILE A 133 -35.58 -38.01 -3.24
CA ILE A 133 -34.50 -37.85 -2.28
C ILE A 133 -35.12 -37.48 -0.94
N GLU A 134 -34.80 -38.26 0.10
CA GLU A 134 -35.35 -38.08 1.43
C GLU A 134 -34.23 -37.66 2.38
N GLN A 135 -34.47 -36.58 3.12
CA GLN A 135 -33.54 -36.00 4.09
C GLN A 135 -34.24 -35.79 5.42
N PRO A 136 -33.58 -36.10 6.54
CA PRO A 136 -34.20 -35.85 7.85
C PRO A 136 -34.52 -34.39 8.11
N GLY A 137 -33.73 -33.47 7.56
CA GLY A 137 -33.91 -32.05 7.87
C GLY A 137 -34.93 -31.34 7.01
N ARG A 138 -35.61 -32.05 6.12
CA ARG A 138 -36.64 -31.46 5.27
C ARG A 138 -38.01 -32.03 5.60
N LYS A 139 -39.03 -31.20 5.45
CA LYS A 139 -40.39 -31.61 5.83
C LYS A 139 -41.00 -32.58 4.83
N GLU A 140 -40.76 -32.38 3.54
CA GLU A 140 -41.31 -33.22 2.49
C GLU A 140 -40.21 -33.65 1.54
N PRO A 141 -40.29 -34.87 0.99
CA PRO A 141 -39.21 -35.37 0.14
C PRO A 141 -39.10 -34.58 -1.16
N LEU A 142 -37.92 -34.66 -1.76
CA LEU A 142 -37.61 -33.95 -2.99
C LEU A 142 -37.85 -34.85 -4.18
N GLU A 143 -38.59 -34.34 -5.17
CA GLU A 143 -38.96 -35.11 -6.34
C GLU A 143 -38.52 -34.39 -7.60
N ILE A 144 -37.86 -35.12 -8.50
CA ILE A 144 -37.36 -34.58 -9.76
C ILE A 144 -37.97 -35.38 -10.90
N LYS A 145 -38.54 -34.67 -11.87
CA LYS A 145 -39.19 -35.30 -13.01
C LYS A 145 -38.24 -35.31 -14.21
N LEU A 146 -37.99 -36.49 -14.76
CA LEU A 146 -37.07 -36.67 -15.86
C LEU A 146 -37.83 -37.14 -17.10
N ASP A 147 -37.48 -36.55 -18.24
CA ASP A 147 -38.19 -36.76 -19.49
C ASP A 147 -37.75 -38.07 -20.15
N LYS A 148 -38.14 -38.23 -21.42
CA LYS A 148 -37.93 -39.48 -22.14
C LYS A 148 -36.46 -39.66 -22.55
N GLY A 149 -35.94 -38.74 -23.36
CA GLY A 149 -34.59 -38.83 -23.86
C GLY A 149 -33.56 -38.07 -23.08
N ASP A 150 -33.87 -37.65 -21.85
CA ASP A 150 -33.00 -36.81 -21.05
C ASP A 150 -32.28 -37.59 -19.94
N THR A 151 -31.81 -38.79 -20.25
CA THR A 151 -31.05 -39.60 -19.30
C THR A 151 -29.55 -39.46 -19.50
N SER A 152 -29.08 -38.29 -19.92
CA SER A 152 -27.65 -38.01 -20.02
C SER A 152 -27.17 -37.31 -18.76
N MET A 153 -25.92 -37.59 -18.38
CA MET A 153 -25.38 -36.99 -17.16
C MET A 153 -25.51 -35.48 -17.16
N GLU A 154 -25.41 -34.85 -18.33
CA GLU A 154 -25.63 -33.41 -18.40
C GLU A 154 -27.07 -33.06 -18.02
N ALA A 155 -28.04 -33.82 -18.54
CA ALA A 155 -29.44 -33.53 -18.28
C ALA A 155 -29.79 -33.78 -16.82
N ILE A 156 -29.34 -34.91 -16.27
CA ILE A 156 -29.56 -35.22 -14.86
C ILE A 156 -28.93 -34.14 -13.98
N ARG A 157 -27.70 -33.75 -14.31
CA ARG A 157 -27.01 -32.73 -13.54
C ARG A 157 -27.76 -31.41 -13.57
N ASP A 158 -28.23 -31.00 -14.75
CA ASP A 158 -28.94 -29.73 -14.86
C ASP A 158 -30.26 -29.77 -14.10
N ALA A 159 -31.00 -30.88 -14.19
CA ALA A 159 -32.26 -30.99 -13.47
C ALA A 159 -32.04 -30.93 -11.96
N ILE A 160 -31.04 -31.65 -11.46
CA ILE A 160 -30.82 -31.69 -10.02
C ILE A 160 -30.31 -30.33 -9.51
N ASN A 161 -29.45 -29.67 -10.27
CA ASN A 161 -29.05 -28.32 -9.87
C ASN A 161 -30.19 -27.32 -10.01
N ASP A 162 -31.19 -27.62 -10.85
CA ASP A 162 -32.35 -26.75 -10.95
C ASP A 162 -33.33 -26.97 -9.80
N ALA A 163 -33.29 -28.15 -9.18
CA ALA A 163 -34.11 -28.40 -7.99
C ALA A 163 -33.88 -27.34 -6.92
N ASP A 164 -32.61 -27.08 -6.60
CA ASP A 164 -32.23 -26.03 -5.65
C ASP A 164 -32.83 -26.29 -4.27
N SER A 165 -32.57 -27.47 -3.73
CA SER A 165 -33.07 -27.85 -2.41
C SER A 165 -32.00 -28.54 -1.61
N GLY A 166 -30.77 -28.00 -1.63
CA GLY A 166 -29.70 -28.52 -0.83
C GLY A 166 -28.92 -29.68 -1.44
N ILE A 167 -29.15 -30.01 -2.71
CA ILE A 167 -28.36 -30.98 -3.42
C ILE A 167 -27.86 -30.35 -4.72
N CYS A 168 -26.59 -30.55 -5.03
CA CYS A 168 -25.96 -29.99 -6.22
C CYS A 168 -25.24 -31.10 -6.97
N ALA A 169 -25.24 -30.99 -8.30
CA ALA A 169 -24.71 -32.02 -9.17
C ALA A 169 -23.48 -31.52 -9.92
N SER A 170 -22.56 -32.44 -10.18
CA SER A 170 -21.34 -32.14 -10.93
C SER A 170 -20.91 -33.39 -11.69
N ILE A 171 -20.05 -33.17 -12.68
CA ILE A 171 -19.50 -34.24 -13.50
C ILE A 171 -17.99 -34.26 -13.31
N VAL A 172 -17.42 -35.46 -13.20
CA VAL A 172 -16.00 -35.64 -12.95
C VAL A 172 -15.37 -36.34 -14.14
N LYS A 173 -14.33 -35.73 -14.71
CA LYS A 173 -13.58 -36.34 -15.81
C LYS A 173 -12.29 -36.90 -15.24
N VAL A 174 -12.33 -38.20 -14.92
CA VAL A 174 -11.14 -38.87 -14.38
C VAL A 174 -9.99 -38.80 -15.38
N LYS A 175 -10.27 -39.19 -16.62
CA LYS A 175 -9.31 -39.14 -17.71
C LYS A 175 -10.10 -39.15 -19.01
N GLU A 176 -9.43 -39.40 -20.13
CA GLU A 176 -10.12 -39.48 -21.41
C GLU A 176 -11.00 -40.72 -21.45
N ASN A 177 -12.21 -40.55 -21.98
CA ASN A 177 -13.21 -41.63 -22.07
C ASN A 177 -13.58 -42.17 -20.70
N GLU A 178 -13.68 -41.29 -19.70
CA GLU A 178 -14.14 -41.64 -18.37
C GLU A 178 -14.89 -40.46 -17.77
N PHE A 179 -16.05 -40.73 -17.17
CA PHE A 179 -16.87 -39.69 -16.57
C PHE A 179 -17.65 -40.27 -15.40
N GLN A 180 -17.89 -39.43 -14.39
CA GLN A 180 -18.67 -39.79 -13.21
C GLN A 180 -19.66 -38.69 -12.89
N LEU A 181 -20.74 -39.06 -12.22
CA LEU A 181 -21.73 -38.13 -11.72
C LEU A 181 -21.60 -38.05 -10.20
N VAL A 182 -21.57 -36.83 -9.66
CA VAL A 182 -21.37 -36.59 -8.24
C VAL A 182 -22.49 -35.70 -7.72
N LEU A 183 -23.16 -36.15 -6.66
CA LEU A 183 -24.26 -35.41 -6.04
C LEU A 183 -23.88 -35.07 -4.61
N THR A 184 -24.02 -33.80 -4.23
CA THR A 184 -23.57 -33.34 -2.93
C THR A 184 -24.71 -32.68 -2.16
N ALA A 185 -24.69 -32.87 -0.85
CA ALA A 185 -25.64 -32.32 0.10
C ALA A 185 -25.08 -31.01 0.67
N ASN A 186 -25.68 -30.55 1.77
CA ASN A 186 -25.14 -29.46 2.56
C ASN A 186 -24.50 -30.03 3.83
N SER A 187 -24.03 -29.16 4.71
CA SER A 187 -23.25 -29.58 5.87
C SER A 187 -24.16 -29.88 7.05
N GLY A 188 -23.89 -31.00 7.72
CA GLY A 188 -24.65 -31.42 8.88
C GLY A 188 -25.19 -32.82 8.68
N THR A 189 -25.30 -33.57 9.79
CA THR A 189 -25.83 -34.92 9.72
C THR A 189 -27.34 -34.94 9.50
N ASP A 190 -28.00 -33.78 9.57
CA ASP A 190 -29.42 -33.70 9.25
C ASP A 190 -29.67 -33.70 7.74
N ASN A 191 -28.63 -33.67 6.92
CA ASN A 191 -28.77 -33.57 5.48
C ASN A 191 -28.28 -34.82 4.74
N THR A 192 -27.95 -35.89 5.46
CA THR A 192 -27.73 -37.17 4.80
C THR A 192 -28.98 -37.59 4.06
N MET A 193 -28.81 -38.18 2.88
CA MET A 193 -29.90 -38.30 1.92
C MET A 193 -30.03 -39.74 1.42
N LYS A 194 -31.27 -40.12 1.12
CA LYS A 194 -31.61 -41.45 0.63
C LYS A 194 -32.35 -41.29 -0.69
N ILE A 195 -31.85 -41.94 -1.74
CA ILE A 195 -32.30 -41.67 -3.11
C ILE A 195 -32.91 -42.94 -3.70
N THR A 196 -34.00 -42.77 -4.43
CA THR A 196 -34.67 -43.85 -5.13
C THR A 196 -35.26 -43.30 -6.43
N VAL A 197 -35.63 -44.20 -7.34
CA VAL A 197 -36.20 -43.81 -8.62
C VAL A 197 -37.44 -44.65 -8.90
N GLU A 198 -38.51 -43.99 -9.34
CA GLU A 198 -39.75 -44.66 -9.68
C GLU A 198 -40.12 -44.36 -11.14
N GLY A 199 -40.59 -45.40 -11.84
CA GLY A 199 -40.92 -45.33 -13.25
C GLY A 199 -39.86 -45.90 -14.15
N ASP A 200 -38.61 -45.94 -13.69
CA ASP A 200 -37.49 -46.46 -14.46
C ASP A 200 -36.77 -47.50 -13.63
N THR A 201 -36.07 -48.41 -14.30
CA THR A 201 -35.33 -49.45 -13.60
C THR A 201 -33.82 -49.29 -13.74
N LYS A 202 -33.33 -48.86 -14.90
CA LYS A 202 -31.90 -48.66 -15.07
C LYS A 202 -31.42 -47.46 -14.25
N LEU A 203 -32.11 -46.33 -14.36
CA LEU A 203 -31.77 -45.17 -13.56
C LEU A 203 -31.89 -45.46 -12.08
N ASN A 204 -32.82 -46.35 -11.70
CA ASN A 204 -32.89 -46.79 -10.32
C ASN A 204 -31.75 -47.75 -9.98
N ASP A 205 -31.25 -48.47 -10.98
CA ASP A 205 -30.04 -49.26 -10.76
C ASP A 205 -28.81 -48.37 -10.68
N LEU A 206 -28.94 -47.10 -11.05
CA LEU A 206 -27.81 -46.17 -11.07
C LEU A 206 -27.77 -45.29 -9.83
N LEU A 207 -28.86 -44.57 -9.54
CA LEU A 207 -28.86 -43.48 -8.57
C LEU A 207 -29.44 -43.84 -7.22
N ALA A 208 -29.80 -45.11 -6.98
CA ALA A 208 -30.47 -45.47 -5.74
C ALA A 208 -29.44 -45.61 -4.61
N TYR A 209 -29.61 -44.80 -3.56
CA TYR A 209 -28.78 -44.90 -2.36
C TYR A 209 -29.67 -44.87 -1.13
N ASP A 210 -29.25 -45.60 -0.10
CA ASP A 210 -29.95 -45.64 1.18
C ASP A 210 -28.96 -45.25 2.28
N SER A 211 -29.10 -44.04 2.80
CA SER A 211 -28.16 -43.55 3.80
C SER A 211 -28.41 -44.15 5.18
N THR A 212 -29.68 -44.44 5.51
CA THR A 212 -29.98 -45.03 6.80
C THR A 212 -29.35 -46.41 6.95
N THR A 213 -29.44 -47.23 5.91
CA THR A 213 -28.88 -48.58 5.92
C THR A 213 -27.46 -48.64 5.35
N ASN A 214 -26.94 -47.52 4.83
CA ASN A 214 -25.61 -47.46 4.23
C ASN A 214 -25.46 -48.46 3.09
N THR A 215 -26.50 -48.57 2.27
CA THR A 215 -26.51 -49.41 1.08
C THR A 215 -26.99 -48.58 -0.09
N GLY A 216 -26.55 -48.93 -1.29
CA GLY A 216 -27.02 -48.19 -2.45
C GLY A 216 -26.24 -48.55 -3.69
N ASN A 217 -26.66 -47.94 -4.80
CA ASN A 217 -26.00 -48.12 -6.08
C ASN A 217 -24.95 -47.05 -6.36
N MET A 218 -25.02 -45.92 -5.66
CA MET A 218 -23.96 -44.93 -5.69
C MET A 218 -22.86 -45.33 -4.71
N GLN A 219 -21.90 -44.43 -4.52
CA GLN A 219 -20.81 -44.65 -3.57
C GLN A 219 -20.52 -43.35 -2.83
N GLU A 220 -20.12 -43.48 -1.57
CA GLU A 220 -19.91 -42.30 -0.74
C GLU A 220 -18.53 -41.71 -1.00
N LEU A 221 -18.49 -40.42 -1.31
CA LEU A 221 -17.21 -39.71 -1.39
C LEU A 221 -16.90 -38.98 -0.09
N VAL A 222 -17.82 -38.13 0.37
CA VAL A 222 -17.62 -37.30 1.55
C VAL A 222 -18.74 -37.57 2.53
N LYS A 223 -18.38 -37.92 3.77
CA LYS A 223 -19.32 -38.27 4.83
C LYS A 223 -19.60 -37.04 5.69
N ALA A 224 -20.82 -36.93 6.20
CA ALA A 224 -21.29 -35.73 6.87
C ALA A 224 -20.95 -35.75 8.35
N GLU A 225 -20.53 -34.60 8.87
CA GLU A 225 -20.15 -34.46 10.28
C GLU A 225 -20.64 -33.11 10.80
N ASN A 226 -20.65 -32.97 12.12
CA ASN A 226 -21.09 -31.77 12.79
C ASN A 226 -19.91 -31.00 13.37
N ALA A 227 -20.06 -29.68 13.46
CA ALA A 227 -19.03 -28.84 14.04
C ALA A 227 -19.11 -28.87 15.56
N LYS A 228 -17.95 -28.91 16.20
CA LYS A 228 -17.87 -29.01 17.65
C LYS A 228 -16.74 -28.12 18.15
N LEU A 229 -17.05 -27.25 19.11
CA LEU A 229 -16.05 -26.38 19.68
C LEU A 229 -16.31 -26.19 21.16
N ASN A 230 -15.34 -25.62 21.85
CA ASN A 230 -15.41 -25.34 23.28
C ASN A 230 -15.10 -23.87 23.50
N VAL A 231 -15.99 -23.17 24.19
CA VAL A 231 -15.86 -21.74 24.47
C VAL A 231 -16.05 -21.53 25.96
N ASN A 232 -14.98 -21.12 26.65
CA ASN A 232 -15.02 -20.78 28.07
C ASN A 232 -15.64 -21.91 28.90
N GLY A 233 -15.26 -23.14 28.58
CA GLY A 233 -15.72 -24.29 29.32
C GLY A 233 -17.08 -24.81 28.94
N ILE A 234 -17.72 -24.23 27.92
CA ILE A 234 -19.04 -24.67 27.45
C ILE A 234 -18.86 -25.29 26.07
N ASP A 235 -19.36 -26.51 25.91
CA ASP A 235 -19.29 -27.18 24.62
C ASP A 235 -20.43 -26.69 23.72
N ILE A 236 -20.10 -26.40 22.47
CA ILE A 236 -21.05 -25.92 21.47
C ILE A 236 -20.99 -26.86 20.28
N GLU A 237 -22.16 -27.27 19.80
CA GLU A 237 -22.28 -28.11 18.61
C GLU A 237 -23.17 -27.40 17.60
N ARG A 238 -22.77 -27.50 16.33
CA ARG A 238 -23.51 -26.84 15.26
C ARG A 238 -23.51 -27.73 14.02
N GLN A 239 -24.35 -27.36 13.06
CA GLN A 239 -24.39 -28.07 11.78
C GLN A 239 -23.30 -27.57 10.86
N SER A 240 -23.33 -26.29 10.50
CA SER A 240 -22.34 -25.68 9.62
C SER A 240 -21.08 -25.32 10.41
N ASN A 241 -20.22 -24.53 9.77
CA ASN A 241 -19.02 -24.00 10.41
C ASN A 241 -19.13 -22.52 10.72
N THR A 242 -20.35 -21.99 10.76
CA THR A 242 -20.61 -20.64 11.22
C THR A 242 -21.37 -20.76 12.54
N VAL A 243 -20.63 -20.68 13.64
CA VAL A 243 -21.18 -20.80 14.99
C VAL A 243 -21.58 -19.41 15.46
N THR A 244 -22.83 -19.26 15.92
CA THR A 244 -23.39 -17.95 16.15
C THR A 244 -23.84 -17.67 17.57
N ASP A 245 -24.07 -18.69 18.39
CA ASP A 245 -24.58 -18.47 19.75
C ASP A 245 -23.77 -19.27 20.78
N ALA A 246 -22.44 -19.21 20.68
CA ALA A 246 -21.69 -19.79 21.79
C ALA A 246 -21.79 -18.81 22.97
N PRO A 247 -21.31 -17.55 22.86
CA PRO A 247 -22.00 -16.47 23.57
C PRO A 247 -23.00 -15.80 22.65
N GLN A 248 -24.26 -15.65 23.07
CA GLN A 248 -25.25 -15.06 22.19
C GLN A 248 -24.87 -13.62 21.86
N GLY A 249 -24.48 -13.39 20.61
CA GLY A 249 -24.00 -12.10 20.15
C GLY A 249 -22.65 -12.15 19.45
N ILE A 250 -21.95 -13.28 19.48
CA ILE A 250 -20.65 -13.43 18.84
C ILE A 250 -20.73 -14.59 17.87
N THR A 251 -20.30 -14.36 16.63
CA THR A 251 -20.37 -15.36 15.57
C THR A 251 -18.94 -15.73 15.17
N LEU A 252 -18.63 -17.02 15.27
CA LEU A 252 -17.32 -17.53 14.90
C LEU A 252 -17.36 -18.18 13.53
N THR A 253 -16.19 -18.27 12.90
CA THR A 253 -16.01 -18.93 11.62
C THR A 253 -14.79 -19.84 11.72
N LEU A 254 -15.00 -21.12 11.42
CA LEU A 254 -14.05 -22.18 11.73
C LEU A 254 -13.35 -22.61 10.44
N THR A 255 -12.27 -21.90 10.10
CA THR A 255 -11.52 -22.27 8.90
C THR A 255 -10.61 -23.46 9.15
N LYS A 256 -9.96 -23.50 10.32
CA LYS A 256 -9.05 -24.59 10.66
C LYS A 256 -9.22 -24.94 12.14
N LYS A 257 -8.85 -26.17 12.47
CA LYS A 257 -8.84 -26.58 13.88
C LYS A 257 -7.78 -25.78 14.64
N VAL A 258 -8.23 -25.09 15.69
CA VAL A 258 -7.34 -24.27 16.50
C VAL A 258 -7.41 -24.79 17.93
N THR A 259 -6.38 -24.47 18.72
CA THR A 259 -6.31 -24.85 20.12
C THR A 259 -5.98 -23.63 20.97
N ASP A 260 -6.75 -23.45 22.03
CA ASP A 260 -6.52 -22.38 23.02
C ASP A 260 -6.38 -21.01 22.37
N ALA A 261 -7.05 -20.80 21.24
CA ALA A 261 -7.08 -19.47 20.65
C ALA A 261 -7.81 -18.51 21.58
N THR A 262 -7.21 -17.36 21.82
CA THR A 262 -7.77 -16.34 22.69
C THR A 262 -8.53 -15.34 21.85
N VAL A 263 -9.82 -15.19 22.12
CA VAL A 263 -10.65 -14.17 21.48
C VAL A 263 -10.96 -13.14 22.54
N THR A 264 -10.46 -11.93 22.35
CA THR A 264 -10.69 -10.84 23.27
C THR A 264 -11.74 -9.91 22.67
N VAL A 265 -12.73 -9.54 23.49
CA VAL A 265 -13.81 -8.66 23.10
C VAL A 265 -13.82 -7.48 24.05
N THR A 266 -13.80 -6.27 23.50
CA THR A 266 -13.80 -5.05 24.29
C THR A 266 -14.96 -4.17 23.86
N LYS A 267 -15.35 -3.26 24.76
CA LYS A 267 -16.38 -2.29 24.43
C LYS A 267 -15.87 -1.30 23.39
N ASP A 268 -16.81 -0.68 22.67
CA ASP A 268 -16.45 0.28 21.64
C ASP A 268 -17.57 1.30 21.48
N ASP A 269 -17.20 2.56 21.28
CA ASP A 269 -18.18 3.62 21.14
C ASP A 269 -17.81 4.62 20.04
N THR A 270 -16.86 4.28 19.16
CA THR A 270 -16.53 5.19 18.07
C THR A 270 -17.72 5.38 17.15
N LYS A 271 -18.45 4.31 16.86
CA LYS A 271 -19.72 4.45 16.14
C LYS A 271 -20.71 5.24 16.96
N ALA A 272 -20.76 5.00 18.27
CA ALA A 272 -21.69 5.72 19.13
C ALA A 272 -21.39 7.21 19.14
N LYS A 273 -20.12 7.58 19.33
CA LYS A 273 -19.77 8.99 19.36
C LYS A 273 -19.94 9.63 17.98
N GLU A 274 -19.67 8.88 16.91
CA GLU A 274 -19.88 9.42 15.57
C GLU A 274 -21.35 9.70 15.32
N ALA A 275 -22.23 8.79 15.74
CA ALA A 275 -23.66 9.03 15.61
C ALA A 275 -24.10 10.21 16.46
N ILE A 276 -23.56 10.33 17.67
CA ILE A 276 -23.91 11.45 18.54
C ILE A 276 -23.51 12.77 17.89
N LYS A 277 -22.28 12.85 17.36
CA LYS A 277 -21.83 14.06 16.69
C LYS A 277 -22.65 14.34 15.43
N SER A 278 -23.03 13.29 14.70
CA SER A 278 -23.85 13.48 13.51
C SER A 278 -25.20 14.07 13.87
N TRP A 279 -25.83 13.57 14.94
CA TRP A 279 -27.09 14.12 15.38
C TRP A 279 -26.93 15.56 15.88
N VAL A 280 -25.83 15.84 16.58
CA VAL A 280 -25.57 17.20 17.04
C VAL A 280 -25.43 18.15 15.86
N ASP A 281 -24.69 17.74 14.84
CA ASP A 281 -24.50 18.60 13.67
C ASP A 281 -25.80 18.75 12.89
N ALA A 282 -26.63 17.71 12.86
CA ALA A 282 -27.94 17.82 12.23
C ALA A 282 -28.82 18.83 12.98
N TYR A 283 -28.78 18.79 14.31
CA TYR A 283 -29.51 19.79 15.09
C TYR A 283 -28.98 21.19 14.84
N ASN A 284 -27.65 21.32 14.73
CA ASN A 284 -27.05 22.62 14.43
C ASN A 284 -27.53 23.14 13.08
N SER A 285 -27.54 22.28 12.06
CA SER A 285 -28.03 22.67 10.75
C SER A 285 -29.51 23.06 10.80
N LEU A 286 -30.31 22.27 11.53
CA LEU A 286 -31.73 22.57 11.64
C LEU A 286 -31.96 23.93 12.30
N VAL A 287 -31.27 24.21 13.41
CA VAL A 287 -31.49 25.46 14.11
C VAL A 287 -30.93 26.62 13.31
N ASP A 288 -29.84 26.39 12.56
CA ASP A 288 -29.33 27.43 11.67
C ASP A 288 -30.34 27.76 10.58
N THR A 289 -30.99 26.73 10.01
CA THR A 289 -32.04 26.98 9.02
C THR A 289 -33.21 27.73 9.65
N PHE A 290 -33.58 27.35 10.87
CA PHE A 290 -34.65 28.07 11.57
C PHE A 290 -34.30 29.53 11.77
N SER A 291 -33.05 29.80 12.22
CA SER A 291 -32.63 31.17 12.45
C SER A 291 -32.57 31.96 11.16
N SER A 292 -32.11 31.34 10.07
CA SER A 292 -32.10 32.02 8.78
C SER A 292 -33.51 32.36 8.32
N LEU A 293 -34.44 31.42 8.50
CA LEU A 293 -35.83 31.69 8.14
C LEU A 293 -36.48 32.68 9.11
N THR A 294 -35.95 32.82 10.32
CA THR A 294 -36.38 33.83 11.26
C THR A 294 -35.38 34.97 11.41
N LYS A 295 -34.46 35.11 10.46
CA LYS A 295 -33.45 36.15 10.55
C LYS A 295 -34.08 37.52 10.25
N TYR A 296 -33.77 38.49 11.11
CA TYR A 296 -34.25 39.85 10.95
C TYR A 296 -33.07 40.80 10.95
N THR A 297 -33.03 41.68 9.96
CA THR A 297 -31.96 42.66 9.80
C THR A 297 -32.48 44.04 10.17
N ALA A 298 -31.74 44.72 11.05
CA ALA A 298 -32.12 46.06 11.47
C ALA A 298 -32.06 47.03 10.30
N VAL A 299 -33.10 47.86 10.17
CA VAL A 299 -33.20 48.84 9.10
C VAL A 299 -33.55 50.19 9.71
N GLU A 300 -33.24 51.25 8.96
CA GLU A 300 -33.57 52.59 9.39
C GLU A 300 -35.07 52.83 9.29
N PRO A 301 -35.62 53.71 10.12
CA PRO A 301 -37.05 54.03 10.02
C PRO A 301 -37.40 54.61 8.67
N GLY A 302 -38.54 54.18 8.14
CA GLY A 302 -39.00 54.64 6.84
C GLY A 302 -38.37 53.94 5.65
N GLU A 303 -37.45 53.02 5.87
CA GLU A 303 -36.79 52.32 4.78
C GLU A 303 -37.61 51.12 4.34
N GLU A 304 -37.29 50.62 3.15
CA GLU A 304 -37.98 49.45 2.61
C GLU A 304 -37.53 48.18 3.33
N ALA A 305 -38.40 47.17 3.28
CA ALA A 305 -38.10 45.90 3.92
C ALA A 305 -36.98 45.19 3.16
N SER A 306 -35.96 44.75 3.88
CA SER A 306 -34.84 44.06 3.26
C SER A 306 -35.22 42.64 2.88
N ASP A 307 -34.73 42.19 1.71
CA ASP A 307 -34.99 40.83 1.28
C ASP A 307 -34.19 39.81 2.10
N LYS A 308 -33.16 40.27 2.81
CA LYS A 308 -32.38 39.38 3.66
C LYS A 308 -33.17 38.91 4.88
N ASN A 309 -34.26 39.58 5.21
CA ASN A 309 -35.05 39.20 6.38
C ASN A 309 -35.75 37.86 6.14
N GLY A 310 -35.76 37.03 7.18
CA GLY A 310 -36.44 35.76 7.09
C GLY A 310 -37.95 35.92 7.04
N ALA A 311 -38.60 35.01 6.31
CA ALA A 311 -40.04 35.10 6.13
C ALA A 311 -40.80 34.44 7.28
N LEU A 312 -40.10 33.70 8.14
CA LEU A 312 -40.73 33.01 9.26
C LEU A 312 -40.67 33.81 10.55
N LEU A 313 -40.63 35.13 10.48
CA LEU A 313 -40.58 35.95 11.69
C LEU A 313 -41.90 35.88 12.44
N GLY A 314 -41.81 35.61 13.74
CA GLY A 314 -42.98 35.59 14.60
C GLY A 314 -43.99 34.51 14.24
N ASP A 315 -43.52 33.28 14.02
CA ASP A 315 -44.38 32.16 13.68
C ASP A 315 -44.63 31.29 14.91
N SER A 316 -45.90 30.98 15.17
CA SER A 316 -46.25 30.15 16.31
C SER A 316 -45.71 28.72 16.19
N VAL A 317 -45.76 28.14 14.98
CA VAL A 317 -45.32 26.76 14.81
C VAL A 317 -43.82 26.65 15.09
N VAL A 318 -43.03 27.59 14.58
CA VAL A 318 -41.58 27.55 14.78
C VAL A 318 -41.26 27.67 16.26
N ARG A 319 -41.90 28.62 16.95
CA ARG A 319 -41.65 28.81 18.37
C ARG A 319 -42.06 27.58 19.17
N THR A 320 -43.20 26.97 18.83
CA THR A 320 -43.66 25.79 19.53
C THR A 320 -42.68 24.63 19.34
N ILE A 321 -42.23 24.41 18.11
CA ILE A 321 -41.31 23.30 17.84
C ILE A 321 -39.99 23.52 18.55
N GLN A 322 -39.46 24.76 18.49
CA GLN A 322 -38.20 25.05 19.15
C GLN A 322 -38.32 24.91 20.66
N THR A 323 -39.43 25.35 21.24
CA THR A 323 -39.64 25.19 22.67
C THR A 323 -39.72 23.72 23.05
N GLY A 324 -40.41 22.91 22.24
CA GLY A 324 -40.48 21.49 22.50
C GLY A 324 -39.12 20.83 22.46
N ILE A 325 -38.30 21.18 21.45
CA ILE A 325 -36.97 20.59 21.35
C ILE A 325 -36.08 21.05 22.50
N ARG A 326 -36.21 22.32 22.89
CA ARG A 326 -35.43 22.82 24.02
C ARG A 326 -35.81 22.12 25.31
N ALA A 327 -37.11 21.83 25.49
CA ALA A 327 -37.53 21.01 26.62
C ALA A 327 -36.97 19.60 26.52
N GLN A 328 -36.88 19.07 25.29
CA GLN A 328 -36.27 17.75 25.12
C GLN A 328 -34.80 17.77 25.51
N PHE A 329 -34.14 18.94 25.35
CA PHE A 329 -32.72 19.06 25.69
C PHE A 329 -32.49 18.75 27.18
N ALA A 330 -33.27 19.37 28.05
CA ALA A 330 -33.20 19.08 29.48
C ALA A 330 -34.16 17.96 29.81
N ASN A 331 -33.63 16.74 29.95
CA ASN A 331 -34.44 15.53 30.08
C ASN A 331 -35.18 15.52 31.41
N SER A 332 -36.39 14.97 31.40
CA SER A 332 -37.17 14.75 32.61
C SER A 332 -37.74 13.35 32.60
N GLY A 333 -37.77 12.72 33.77
CA GLY A 333 -38.26 11.37 33.91
C GLY A 333 -37.24 10.28 33.68
N SER A 334 -36.02 10.63 33.28
CA SER A 334 -34.97 9.65 33.05
C SER A 334 -34.36 9.19 34.37
N ASN A 335 -33.96 7.91 34.41
CA ASN A 335 -33.29 7.35 35.58
C ASN A 335 -31.79 7.53 35.54
N SER A 336 -31.25 8.15 34.49
CA SER A 336 -29.81 8.33 34.38
C SER A 336 -29.30 9.35 35.40
N ALA A 337 -28.04 9.18 35.80
CA ALA A 337 -27.43 10.12 36.72
C ALA A 337 -27.31 11.51 36.11
N PHE A 338 -26.94 11.59 34.84
CA PHE A 338 -26.84 12.86 34.13
C PHE A 338 -28.18 13.15 33.47
N LYS A 339 -28.80 14.26 33.85
CA LYS A 339 -30.12 14.62 33.35
C LYS A 339 -30.09 15.48 32.09
N THR A 340 -28.91 15.95 31.68
CA THR A 340 -28.80 16.83 30.51
C THR A 340 -27.42 16.65 29.89
N MET A 341 -27.32 16.95 28.60
CA MET A 341 -26.02 16.96 27.93
C MET A 341 -25.15 18.11 28.38
N ALA A 342 -25.70 19.08 29.13
CA ALA A 342 -24.85 20.05 29.80
C ALA A 342 -23.91 19.35 30.77
N GLU A 343 -24.42 18.36 31.51
CA GLU A 343 -23.56 17.51 32.30
C GLU A 343 -22.67 16.64 31.43
N ILE A 344 -23.19 16.19 30.28
CA ILE A 344 -22.39 15.38 29.37
C ILE A 344 -21.30 16.21 28.72
N GLY A 345 -21.62 17.42 28.27
CA GLY A 345 -20.61 18.30 27.72
C GLY A 345 -20.99 19.02 26.43
N ILE A 346 -22.22 18.84 25.96
CA ILE A 346 -22.69 19.46 24.74
C ILE A 346 -23.55 20.66 25.12
N THR A 347 -23.13 21.86 24.70
CA THR A 347 -23.81 23.10 25.07
C THR A 347 -24.17 23.89 23.82
N GLN A 348 -25.37 24.47 23.81
CA GLN A 348 -25.87 25.19 22.63
C GLN A 348 -25.59 26.68 22.79
N ASP A 349 -24.98 27.26 21.77
CA ASP A 349 -24.76 28.71 21.75
C ASP A 349 -26.04 29.42 21.34
N GLY A 350 -26.40 30.46 22.09
CA GLY A 350 -27.63 31.16 21.82
C GLY A 350 -27.63 31.89 20.49
N THR A 351 -26.54 32.60 20.19
CA THR A 351 -26.49 33.42 18.99
C THR A 351 -26.49 32.55 17.73
N SER A 352 -25.59 31.57 17.67
CA SER A 352 -25.48 30.75 16.47
C SER A 352 -26.57 29.68 16.43
N GLY A 353 -26.97 29.17 17.59
CA GLY A 353 -27.90 28.06 17.65
C GLY A 353 -27.29 26.70 17.37
N LYS A 354 -25.96 26.61 17.33
CA LYS A 354 -25.26 25.37 17.02
C LYS A 354 -24.71 24.77 18.29
N LEU A 355 -25.05 23.51 18.55
CA LEU A 355 -24.50 22.80 19.69
C LEU A 355 -23.02 22.56 19.49
N LYS A 356 -22.24 22.79 20.55
CA LYS A 356 -20.81 22.55 20.57
C LYS A 356 -20.52 21.42 21.54
N ILE A 357 -19.71 20.46 21.10
CA ILE A 357 -19.45 19.23 21.84
C ILE A 357 -18.10 19.34 22.52
N ASP A 358 -18.05 19.02 23.82
CA ASP A 358 -16.79 18.81 24.52
C ASP A 358 -16.38 17.37 24.24
N ASP A 359 -15.56 17.18 23.20
CA ASP A 359 -15.29 15.84 22.69
C ASP A 359 -14.63 14.96 23.75
N ASP A 360 -13.61 15.47 24.43
CA ASP A 360 -12.92 14.68 25.44
C ASP A 360 -13.84 14.31 26.59
N LYS A 361 -14.63 15.29 27.07
CA LYS A 361 -15.50 15.03 28.21
C LYS A 361 -16.66 14.12 27.82
N LEU A 362 -17.18 14.28 26.60
CA LEU A 362 -18.18 13.34 26.10
C LEU A 362 -17.63 11.92 26.02
N THR A 363 -16.40 11.78 25.51
CA THR A 363 -15.79 10.46 25.44
C THR A 363 -15.60 9.87 26.83
N LYS A 364 -15.18 10.70 27.80
CA LYS A 364 -15.04 10.23 29.17
C LYS A 364 -16.37 9.75 29.72
N VAL A 365 -17.43 10.52 29.50
CA VAL A 365 -18.75 10.15 30.01
C VAL A 365 -19.22 8.84 29.39
N LEU A 366 -19.04 8.70 28.07
CA LEU A 366 -19.47 7.47 27.40
C LEU A 366 -18.67 6.27 27.88
N LYS A 367 -17.35 6.42 28.04
CA LYS A 367 -16.51 5.29 28.42
C LYS A 367 -16.76 4.87 29.86
N ASP A 368 -16.94 5.83 30.76
CA ASP A 368 -17.03 5.51 32.19
C ASP A 368 -18.33 4.78 32.51
N ASN A 369 -19.46 5.29 32.04
CA ASN A 369 -20.79 4.74 32.35
C ASN A 369 -21.58 4.63 31.04
N THR A 370 -21.57 3.44 30.45
CA THR A 370 -22.31 3.21 29.21
C THR A 370 -23.81 3.10 29.47
N ALA A 371 -24.20 2.38 30.51
CA ALA A 371 -25.62 2.16 30.77
C ALA A 371 -26.34 3.46 31.10
N ALA A 372 -25.68 4.35 31.83
CA ALA A 372 -26.31 5.64 32.17
C ALA A 372 -26.62 6.45 30.92
N ALA A 373 -25.64 6.57 30.03
CA ALA A 373 -25.86 7.30 28.78
C ALA A 373 -26.91 6.62 27.92
N ARG A 374 -26.89 5.28 27.85
CA ARG A 374 -27.87 4.56 27.06
C ARG A 374 -29.29 4.80 27.58
N GLU A 375 -29.47 4.73 28.89
CA GLU A 375 -30.78 4.98 29.47
C GLU A 375 -31.21 6.43 29.24
N LEU A 376 -30.27 7.37 29.35
CA LEU A 376 -30.59 8.77 29.11
C LEU A 376 -31.07 8.98 27.68
N LEU A 377 -30.40 8.36 26.71
CA LEU A 377 -30.75 8.59 25.31
C LEU A 377 -31.83 7.61 24.83
N VAL A 378 -31.79 6.36 25.26
CA VAL A 378 -32.74 5.36 24.78
C VAL A 378 -33.71 4.98 25.88
N GLY A 379 -33.19 4.47 26.99
CA GLY A 379 -34.06 4.05 28.08
C GLY A 379 -34.89 2.85 27.70
N ASP A 380 -36.13 2.82 28.18
CA ASP A 380 -37.03 1.70 27.87
C ASP A 380 -37.45 1.71 26.41
N GLY A 381 -37.31 2.84 25.73
CA GLY A 381 -37.68 2.96 24.33
C GLY A 381 -39.12 3.31 24.05
N LYS A 382 -39.92 3.54 25.09
CA LYS A 382 -41.33 3.89 24.92
C LYS A 382 -41.63 5.31 25.36
N GLU A 383 -41.30 5.67 26.60
CA GLU A 383 -41.57 6.99 27.12
C GLU A 383 -40.32 7.76 27.54
N THR A 384 -39.33 7.09 28.10
CA THR A 384 -38.09 7.73 28.52
C THR A 384 -37.02 7.50 27.47
N GLY A 385 -35.92 8.25 27.59
CA GLY A 385 -34.86 8.20 26.61
C GLY A 385 -34.90 9.39 25.69
N ILE A 386 -33.79 10.14 25.62
CA ILE A 386 -33.78 11.38 24.83
C ILE A 386 -34.00 11.09 23.36
N THR A 387 -33.32 10.09 22.81
CA THR A 387 -33.53 9.75 21.40
C THR A 387 -34.97 9.31 21.16
N THR A 388 -35.51 8.47 22.05
CA THR A 388 -36.88 7.98 21.87
C THR A 388 -37.89 9.12 21.96
N LYS A 389 -37.75 9.99 22.97
CA LYS A 389 -38.72 11.06 23.14
C LYS A 389 -38.61 12.07 21.99
N ILE A 390 -37.40 12.35 21.52
CA ILE A 390 -37.22 13.28 20.41
C ILE A 390 -37.81 12.69 19.14
N ALA A 391 -37.62 11.39 18.92
CA ALA A 391 -38.23 10.74 17.76
C ALA A 391 -39.75 10.83 17.83
N THR A 392 -40.32 10.57 19.02
CA THR A 392 -41.77 10.66 19.17
C THR A 392 -42.26 12.09 18.91
N GLU A 393 -41.56 13.08 19.45
CA GLU A 393 -41.97 14.46 19.29
C GLU A 393 -41.89 14.90 17.83
N VAL A 394 -40.81 14.55 17.14
CA VAL A 394 -40.66 14.95 15.75
C VAL A 394 -41.67 14.22 14.87
N LYS A 395 -41.94 12.94 15.18
CA LYS A 395 -42.97 12.23 14.44
C LYS A 395 -44.33 12.87 14.63
N SER A 396 -44.65 13.27 15.87
CA SER A 396 -45.92 13.95 16.11
C SER A 396 -45.99 15.27 15.38
N TYR A 397 -44.88 16.01 15.34
CA TYR A 397 -44.86 17.27 14.60
C TYR A 397 -45.09 17.03 13.11
N LEU A 398 -44.48 15.97 12.56
CA LEU A 398 -44.63 15.63 11.15
C LEU A 398 -45.78 14.66 10.89
N ALA A 399 -46.53 14.25 11.92
CA ALA A 399 -47.63 13.33 11.72
C ALA A 399 -48.77 14.00 10.97
N ASP A 400 -49.59 13.17 10.33
CA ASP A 400 -50.76 13.67 9.63
C ASP A 400 -51.72 14.33 10.61
N ASP A 401 -52.39 15.39 10.15
CA ASP A 401 -53.27 16.24 10.94
C ASP A 401 -52.55 16.94 12.08
N GLY A 402 -51.22 16.99 12.04
CA GLY A 402 -50.44 17.65 13.07
C GLY A 402 -50.38 19.15 12.84
N ILE A 403 -49.49 19.80 13.62
CA ILE A 403 -49.36 21.25 13.55
C ILE A 403 -48.86 21.67 12.17
N ILE A 404 -47.96 20.87 11.57
CA ILE A 404 -47.45 21.21 10.25
C ILE A 404 -48.52 21.04 9.19
N ASP A 405 -49.27 19.94 9.24
CA ASP A 405 -50.35 19.71 8.28
C ASP A 405 -51.45 20.77 8.43
N ASN A 406 -51.80 21.10 9.67
CA ASN A 406 -52.81 22.14 9.90
C ASN A 406 -52.32 23.50 9.40
N ALA A 407 -51.05 23.81 9.61
CA ALA A 407 -50.49 25.06 9.10
C ALA A 407 -50.54 25.11 7.58
N GLN A 408 -50.20 23.99 6.93
CA GLN A 408 -50.26 23.94 5.48
C GLN A 408 -51.70 24.09 4.98
N ASP A 409 -52.65 23.46 5.66
CA ASP A 409 -54.05 23.60 5.27
C ASP A 409 -54.53 25.02 5.42
N ASN A 410 -54.14 25.68 6.52
CA ASN A 410 -54.53 27.07 6.72
C ASN A 410 -53.90 28.00 5.68
N VAL A 411 -52.63 27.77 5.35
CA VAL A 411 -51.96 28.62 4.37
C VAL A 411 -52.58 28.43 2.99
N ASN A 412 -52.82 27.18 2.59
CA ASN A 412 -53.38 26.92 1.27
C ASN A 412 -54.85 27.31 1.17
N ALA A 413 -55.54 27.48 2.31
CA ALA A 413 -56.95 27.87 2.30
C ALA A 413 -57.12 29.30 1.80
N ALA B 39 -39.51 21.91 -38.46
CA ALA B 39 -40.40 21.01 -37.75
C ALA B 39 -40.00 19.56 -37.96
N ASN B 40 -39.75 19.19 -39.23
CA ASN B 40 -39.36 17.83 -39.54
C ASN B 40 -37.94 17.53 -39.08
N SER B 41 -37.08 18.55 -39.02
CA SER B 41 -35.73 18.34 -38.52
C SER B 41 -35.75 17.91 -37.05
N ALA B 42 -36.62 18.52 -36.25
CA ALA B 42 -36.76 18.10 -34.86
C ALA B 42 -37.26 16.67 -34.77
N LYS B 43 -38.19 16.30 -35.64
CA LYS B 43 -38.68 14.92 -35.66
C LYS B 43 -37.56 13.93 -36.00
N LEU B 44 -36.74 14.26 -36.99
CA LEU B 44 -35.63 13.38 -37.35
C LEU B 44 -34.62 13.28 -36.22
N THR B 45 -34.33 14.41 -35.55
CA THR B 45 -33.42 14.38 -34.41
C THR B 45 -33.96 13.52 -33.29
N ALA B 46 -35.27 13.62 -33.02
CA ALA B 46 -35.89 12.78 -32.00
C ALA B 46 -35.82 11.30 -32.38
N TYR B 47 -36.05 10.99 -33.66
CA TYR B 47 -35.94 9.61 -34.11
C TYR B 47 -34.52 9.08 -33.91
N GLY B 48 -33.51 9.88 -34.26
CA GLY B 48 -32.14 9.46 -34.07
C GLY B 48 -31.78 9.26 -32.60
N THR B 49 -32.24 10.17 -31.74
CA THR B 49 -31.98 10.03 -30.31
C THR B 49 -32.64 8.79 -29.74
N LEU B 50 -33.89 8.51 -30.15
CA LEU B 50 -34.57 7.30 -29.71
C LEU B 50 -33.83 6.06 -30.19
N LYS B 51 -33.37 6.07 -31.44
CA LYS B 51 -32.63 4.92 -31.96
C LYS B 51 -31.34 4.70 -31.18
N SER B 52 -30.62 5.78 -30.85
CA SER B 52 -29.39 5.63 -30.08
C SER B 52 -29.68 5.08 -28.69
N ALA B 53 -30.72 5.61 -28.03
CA ALA B 53 -31.07 5.12 -26.69
C ALA B 53 -31.47 3.65 -26.72
N LEU B 54 -32.26 3.26 -27.72
CA LEU B 54 -32.66 1.87 -27.85
C LEU B 54 -31.48 0.97 -28.16
N GLU B 55 -30.53 1.44 -28.97
CA GLU B 55 -29.32 0.66 -29.21
C GLU B 55 -28.51 0.45 -27.94
N LYS B 56 -28.38 1.51 -27.13
CA LYS B 56 -27.67 1.37 -25.87
C LYS B 56 -28.38 0.39 -24.93
N PHE B 57 -29.70 0.48 -24.85
CA PHE B 57 -30.46 -0.44 -24.00
C PHE B 57 -30.33 -1.88 -24.51
N GLN B 58 -30.35 -2.07 -25.83
CA GLN B 58 -30.17 -3.39 -26.40
C GLN B 58 -28.79 -3.94 -26.07
N THR B 59 -27.76 -3.09 -26.13
CA THR B 59 -26.41 -3.53 -25.77
C THR B 59 -26.35 -3.96 -24.31
N ALA B 60 -26.96 -3.18 -23.42
CA ALA B 60 -26.98 -3.55 -22.00
C ALA B 60 -27.73 -4.85 -21.77
N ASN B 61 -28.87 -5.01 -22.43
CA ASN B 61 -29.66 -6.23 -22.24
C ASN B 61 -28.94 -7.45 -22.82
N THR B 62 -28.22 -7.27 -23.92
CA THR B 62 -27.42 -8.36 -24.48
C THR B 62 -26.28 -8.71 -23.54
N ALA B 63 -25.68 -7.71 -22.91
CA ALA B 63 -24.66 -7.99 -21.89
C ALA B 63 -25.25 -8.80 -20.74
N LEU B 64 -26.46 -8.46 -20.31
CA LEU B 64 -27.16 -9.24 -19.30
C LEU B 64 -27.57 -10.63 -19.79
N ASN B 65 -27.70 -10.81 -21.11
CA ASN B 65 -28.26 -12.06 -21.65
C ASN B 65 -27.44 -13.26 -21.23
N LYS B 66 -26.12 -13.13 -21.16
CA LYS B 66 -25.27 -14.22 -20.70
C LYS B 66 -25.68 -14.65 -19.30
N ALA B 67 -25.86 -15.95 -19.12
CA ALA B 67 -26.54 -16.49 -17.95
C ALA B 67 -25.62 -17.20 -16.97
N ASP B 68 -24.35 -17.42 -17.33
CA ASP B 68 -23.45 -18.11 -16.41
C ASP B 68 -23.12 -17.27 -15.18
N LEU B 69 -23.50 -15.99 -15.18
CA LEU B 69 -23.30 -15.16 -14.00
C LEU B 69 -24.13 -15.68 -12.82
N PHE B 70 -25.30 -16.26 -13.10
CA PHE B 70 -26.12 -16.78 -12.01
C PHE B 70 -25.47 -17.97 -11.33
N LYS B 71 -24.81 -18.82 -12.10
CA LYS B 71 -24.05 -19.95 -11.54
C LYS B 71 -22.60 -19.51 -11.34
N SER B 72 -22.43 -18.52 -10.48
CA SER B 72 -21.13 -17.94 -10.18
C SER B 72 -20.69 -18.38 -8.79
N THR B 73 -19.46 -18.86 -8.69
CA THR B 73 -18.90 -19.31 -7.43
C THR B 73 -17.54 -18.67 -7.22
N VAL B 74 -17.10 -18.67 -5.96
CA VAL B 74 -15.78 -18.17 -5.59
C VAL B 74 -15.10 -19.20 -4.71
N ALA B 75 -13.82 -19.44 -4.96
CA ALA B 75 -13.08 -20.50 -4.30
C ALA B 75 -11.86 -19.94 -3.58
N SER B 76 -11.40 -20.69 -2.59
CA SER B 76 -10.18 -20.33 -1.88
C SER B 76 -9.57 -21.58 -1.29
N SER B 77 -8.29 -21.48 -0.93
CA SER B 77 -7.53 -22.59 -0.39
C SER B 77 -6.79 -22.16 0.86
N THR B 78 -6.46 -23.14 1.69
CA THR B 78 -5.68 -22.87 2.89
C THR B 78 -4.21 -22.60 2.56
N THR B 79 -3.64 -23.37 1.65
CA THR B 79 -2.24 -23.25 1.27
C THR B 79 -2.07 -22.21 0.16
N GLU B 80 -0.87 -21.66 0.08
CA GLU B 80 -0.54 -20.67 -0.94
C GLU B 80 0.10 -21.32 -2.17
N ASP B 81 0.41 -22.62 -2.11
CA ASP B 81 0.97 -23.31 -3.26
C ASP B 81 -0.10 -23.59 -4.30
N LEU B 82 -1.12 -24.36 -3.92
CA LEU B 82 -2.22 -24.65 -4.83
C LEU B 82 -2.94 -23.37 -5.23
N LYS B 83 -3.33 -23.28 -6.50
CA LYS B 83 -4.13 -22.16 -6.98
C LYS B 83 -5.44 -22.70 -7.54
N VAL B 84 -6.52 -21.94 -7.37
CA VAL B 84 -7.85 -22.39 -7.73
C VAL B 84 -8.56 -21.29 -8.51
N SER B 85 -9.30 -21.68 -9.55
CA SER B 85 -10.13 -20.76 -10.31
C SER B 85 -11.47 -21.44 -10.60
N THR B 86 -12.55 -20.66 -10.55
CA THR B 86 -13.89 -21.16 -10.83
C THR B 86 -14.61 -20.20 -11.75
N THR B 87 -15.24 -20.72 -12.80
CA THR B 87 -16.00 -19.92 -13.73
C THR B 87 -17.51 -20.17 -13.60
N ALA B 88 -17.95 -21.41 -13.74
CA ALA B 88 -19.38 -21.72 -13.69
C ALA B 88 -19.55 -23.21 -13.46
N GLY B 89 -20.77 -23.60 -13.09
CA GLY B 89 -21.09 -25.00 -12.90
C GLY B 89 -20.30 -25.67 -11.80
N ALA B 90 -19.99 -24.94 -10.73
CA ALA B 90 -19.19 -25.46 -9.63
C ALA B 90 -20.09 -25.83 -8.46
N CYS B 91 -19.98 -27.09 -8.03
CA CYS B 91 -20.73 -27.55 -6.86
C CYS B 91 -20.10 -26.97 -5.60
N ALA B 92 -20.77 -25.99 -5.00
CA ALA B 92 -20.25 -25.36 -3.79
C ALA B 92 -20.03 -26.40 -2.69
N GLY B 93 -18.89 -26.31 -2.02
CA GLY B 93 -18.58 -27.28 -1.00
C GLY B 93 -17.11 -27.21 -0.62
N THR B 94 -16.60 -28.34 -0.13
CA THR B 94 -15.22 -28.45 0.34
C THR B 94 -14.56 -29.63 -0.35
N TYR B 95 -13.38 -29.40 -0.91
CA TYR B 95 -12.61 -30.43 -1.59
C TYR B 95 -11.25 -30.58 -0.92
N LYS B 96 -10.90 -31.81 -0.56
CA LYS B 96 -9.58 -32.11 0.01
C LYS B 96 -8.68 -32.55 -1.13
N ILE B 97 -7.85 -31.64 -1.62
CA ILE B 97 -7.08 -31.85 -2.83
C ILE B 97 -5.64 -32.16 -2.47
N ASN B 98 -5.19 -33.36 -2.84
CA ASN B 98 -3.82 -33.80 -2.63
C ASN B 98 -3.11 -33.83 -3.98
N VAL B 99 -2.04 -33.05 -4.10
CA VAL B 99 -1.27 -32.97 -5.35
C VAL B 99 -0.13 -33.97 -5.24
N THR B 100 -0.39 -35.22 -5.65
CA THR B 100 0.60 -36.26 -5.42
C THR B 100 1.76 -36.18 -6.40
N GLN B 101 1.65 -35.39 -7.47
CA GLN B 101 2.68 -35.35 -8.49
C GLN B 101 2.49 -34.09 -9.34
N LEU B 102 3.58 -33.66 -9.95
CA LEU B 102 3.57 -32.59 -10.94
C LEU B 102 4.02 -33.14 -12.28
N ALA B 103 3.94 -32.31 -13.30
CA ALA B 103 4.24 -32.72 -14.67
C ALA B 103 5.60 -32.21 -15.09
N ALA B 104 6.44 -33.11 -15.60
CA ALA B 104 7.76 -32.77 -16.10
C ALA B 104 7.81 -32.99 -17.61
N ALA B 105 8.41 -32.04 -18.32
CA ALA B 105 8.66 -32.20 -19.74
C ALA B 105 9.85 -33.13 -19.94
N GLN B 106 10.23 -33.32 -21.21
CA GLN B 106 11.45 -34.05 -21.53
C GLN B 106 12.41 -33.09 -22.20
N SER B 107 13.67 -33.11 -21.74
CA SER B 107 14.72 -32.33 -22.37
C SER B 107 15.95 -33.20 -22.51
N LEU B 108 16.59 -33.11 -23.68
CA LEU B 108 17.71 -33.92 -24.10
C LEU B 108 18.87 -33.00 -24.42
N ALA B 109 20.09 -33.56 -24.37
CA ALA B 109 21.28 -32.78 -24.66
C ALA B 109 22.29 -33.65 -25.39
N THR B 110 23.22 -33.00 -26.08
CA THR B 110 24.25 -33.71 -26.83
C THR B 110 25.26 -34.34 -25.89
N LYS B 111 26.01 -35.31 -26.43
CA LYS B 111 27.04 -35.98 -25.66
C LYS B 111 28.42 -35.34 -25.82
N THR B 112 28.56 -34.37 -26.71
CA THR B 112 29.83 -33.75 -27.00
C THR B 112 29.77 -32.24 -26.76
N THR B 113 30.79 -31.71 -26.11
CA THR B 113 30.97 -30.27 -25.96
C THR B 113 31.80 -29.75 -27.12
N PHE B 114 31.56 -28.50 -27.50
CA PHE B 114 32.19 -27.93 -28.67
C PHE B 114 32.94 -26.66 -28.30
N ALA B 115 33.67 -26.11 -29.28
CA ALA B 115 34.49 -24.94 -29.03
C ALA B 115 33.64 -23.68 -28.91
N THR B 116 32.65 -23.52 -29.78
CA THR B 116 31.79 -22.35 -29.77
C THR B 116 30.51 -22.68 -30.53
N THR B 117 29.69 -21.66 -30.77
CA THR B 117 28.42 -21.86 -31.47
C THR B 117 28.59 -21.91 -32.97
N LYS B 118 29.47 -21.06 -33.53
CA LYS B 118 29.59 -20.91 -34.97
C LYS B 118 30.34 -22.06 -35.64
N GLU B 119 31.02 -22.91 -34.87
CA GLU B 119 31.69 -24.06 -35.44
C GLU B 119 30.68 -24.99 -36.10
N GLN B 120 31.10 -25.64 -37.20
CA GLN B 120 30.21 -26.52 -37.94
C GLN B 120 30.13 -27.89 -37.26
N LEU B 121 28.90 -28.41 -37.18
CA LEU B 121 28.64 -29.70 -36.54
C LEU B 121 28.28 -30.79 -37.53
N GLY B 122 28.25 -30.49 -38.83
CA GLY B 122 27.86 -31.47 -39.83
C GLY B 122 28.63 -31.26 -41.11
N ASP B 123 28.38 -32.15 -42.07
CA ASP B 123 29.11 -32.13 -43.33
C ASP B 123 28.79 -30.86 -44.11
N THR B 124 29.82 -30.27 -44.71
CA THR B 124 29.66 -29.09 -45.54
C THR B 124 29.44 -29.42 -47.01
N SER B 125 29.75 -30.64 -47.43
CA SER B 125 29.53 -31.01 -48.83
C SER B 125 28.07 -31.30 -49.12
N VAL B 126 27.28 -31.62 -48.09
CA VAL B 126 25.87 -31.92 -48.28
C VAL B 126 25.09 -30.62 -48.42
N THR B 127 24.27 -30.52 -49.47
CA THR B 127 23.54 -29.29 -49.73
C THR B 127 22.35 -29.12 -48.80
N SER B 128 21.64 -30.19 -48.47
CA SER B 128 20.47 -30.11 -47.64
C SER B 128 20.23 -31.44 -46.95
N ARG B 129 19.46 -31.41 -45.87
CA ARG B 129 19.24 -32.60 -45.06
C ARG B 129 17.98 -32.42 -44.23
N THR B 130 17.51 -33.50 -43.63
CA THR B 130 16.24 -33.52 -42.92
C THR B 130 16.42 -34.04 -41.51
N ILE B 131 15.70 -33.44 -40.57
CA ILE B 131 15.65 -33.88 -39.18
C ILE B 131 14.22 -34.26 -38.87
N LYS B 132 14.01 -35.48 -38.38
CA LYS B 132 12.68 -36.05 -38.18
C LYS B 132 12.48 -36.36 -36.71
N ILE B 133 11.40 -35.82 -36.14
CA ILE B 133 11.04 -36.02 -34.74
C ILE B 133 9.64 -36.63 -34.69
N GLU B 134 9.52 -37.76 -34.01
CA GLU B 134 8.27 -38.50 -33.90
C GLU B 134 7.80 -38.48 -32.45
N GLN B 135 6.53 -38.10 -32.26
CA GLN B 135 5.87 -38.00 -30.97
C GLN B 135 4.54 -38.72 -31.00
N PRO B 136 4.21 -39.48 -29.94
CA PRO B 136 2.90 -40.16 -29.91
C PRO B 136 1.72 -39.21 -29.97
N GLY B 137 1.84 -37.99 -29.44
CA GLY B 137 0.71 -37.09 -29.37
C GLY B 137 0.47 -36.26 -30.61
N ARG B 138 1.26 -36.46 -31.65
CA ARG B 138 1.09 -35.72 -32.90
C ARG B 138 0.68 -36.67 -34.03
N LYS B 139 -0.12 -36.15 -34.96
CA LYS B 139 -0.67 -36.96 -36.03
C LYS B 139 0.38 -37.30 -37.08
N GLU B 140 1.25 -36.35 -37.42
CA GLU B 140 2.27 -36.56 -38.43
C GLU B 140 3.63 -36.11 -37.90
N PRO B 141 4.71 -36.78 -38.30
CA PRO B 141 6.03 -36.45 -37.74
C PRO B 141 6.50 -35.07 -38.15
N LEU B 142 7.42 -34.54 -37.36
CA LEU B 142 7.96 -33.20 -37.55
C LEU B 142 9.24 -33.28 -38.37
N GLU B 143 9.33 -32.46 -39.42
CA GLU B 143 10.47 -32.47 -40.32
C GLU B 143 11.07 -31.09 -40.41
N ILE B 144 12.39 -30.99 -40.25
CA ILE B 144 13.13 -29.75 -40.32
C ILE B 144 14.15 -29.86 -41.44
N LYS B 145 14.20 -28.85 -42.30
CA LYS B 145 15.12 -28.83 -43.44
C LYS B 145 16.33 -27.98 -43.10
N LEU B 146 17.52 -28.57 -43.23
CA LEU B 146 18.76 -27.89 -42.89
C LEU B 146 19.61 -27.72 -44.15
N ASP B 147 20.18 -26.52 -44.28
CA ASP B 147 20.91 -26.11 -45.48
C ASP B 147 22.32 -26.69 -45.46
N LYS B 148 23.16 -26.17 -46.37
CA LYS B 148 24.49 -26.71 -46.59
C LYS B 148 25.46 -26.31 -45.48
N GLY B 149 25.68 -25.01 -45.30
CA GLY B 149 26.60 -24.50 -44.32
C GLY B 149 26.00 -24.13 -42.99
N ASP B 150 24.77 -24.57 -42.70
CA ASP B 150 24.04 -24.18 -41.50
C ASP B 150 24.04 -25.27 -40.45
N THR B 151 25.17 -25.94 -40.24
CA THR B 151 25.30 -26.96 -39.20
C THR B 151 25.95 -26.42 -37.93
N SER B 152 25.69 -25.16 -37.59
CA SER B 152 26.15 -24.57 -36.35
C SER B 152 25.04 -24.63 -35.31
N MET B 153 25.42 -24.80 -34.04
CA MET B 153 24.43 -24.92 -32.98
C MET B 153 23.46 -23.74 -32.99
N GLU B 154 23.93 -22.55 -33.35
CA GLU B 154 23.02 -21.42 -33.49
C GLU B 154 22.00 -21.67 -34.59
N ALA B 155 22.45 -22.19 -35.73
CA ALA B 155 21.55 -22.40 -36.86
C ALA B 155 20.55 -23.52 -36.56
N ILE B 156 21.02 -24.62 -35.99
CA ILE B 156 20.13 -25.72 -35.61
C ILE B 156 19.11 -25.23 -34.59
N ARG B 157 19.58 -24.48 -33.60
CA ARG B 157 18.70 -23.96 -32.56
C ARG B 157 17.63 -23.06 -33.16
N ASP B 158 18.02 -22.15 -34.05
CA ASP B 158 17.05 -21.24 -34.64
C ASP B 158 16.05 -21.98 -35.51
N ALA B 159 16.51 -22.95 -36.30
CA ALA B 159 15.59 -23.72 -37.13
C ALA B 159 14.57 -24.49 -36.29
N ILE B 160 15.05 -25.14 -35.22
CA ILE B 160 14.14 -25.95 -34.40
C ILE B 160 13.17 -25.06 -33.65
N ASN B 161 13.62 -23.92 -33.13
CA ASN B 161 12.70 -23.00 -32.49
C ASN B 161 11.74 -22.36 -33.49
N ASP B 162 12.12 -22.30 -34.77
CA ASP B 162 11.21 -21.78 -35.79
C ASP B 162 10.18 -22.81 -36.21
N ALA B 163 10.49 -24.10 -36.05
CA ALA B 163 9.51 -25.14 -36.32
C ALA B 163 8.23 -24.93 -35.54
N ASP B 164 8.35 -24.67 -34.23
CA ASP B 164 7.22 -24.31 -33.37
C ASP B 164 6.17 -25.41 -33.33
N SER B 165 6.58 -26.61 -32.94
CA SER B 165 5.67 -27.74 -32.82
C SER B 165 5.94 -28.51 -31.54
N GLY B 166 6.11 -27.79 -30.43
CA GLY B 166 6.28 -28.43 -29.14
C GLY B 166 7.68 -28.84 -28.79
N ILE B 167 8.68 -28.43 -29.57
CA ILE B 167 10.09 -28.63 -29.22
C ILE B 167 10.79 -27.28 -29.30
N CYS B 168 11.63 -27.00 -28.31
CA CYS B 168 12.36 -25.75 -28.21
C CYS B 168 13.84 -26.03 -27.98
N ALA B 169 14.69 -25.20 -28.56
CA ALA B 169 16.13 -25.41 -28.55
C ALA B 169 16.82 -24.32 -27.73
N SER B 170 17.91 -24.71 -27.08
CA SER B 170 18.72 -23.79 -26.30
C SER B 170 20.18 -24.24 -26.33
N ILE B 171 21.07 -23.33 -25.98
CA ILE B 171 22.50 -23.59 -25.92
C ILE B 171 22.97 -23.39 -24.49
N VAL B 172 23.84 -24.27 -24.02
CA VAL B 172 24.33 -24.26 -22.65
C VAL B 172 25.82 -24.00 -22.66
N LYS B 173 26.26 -22.98 -21.93
CA LYS B 173 27.68 -22.67 -21.78
C LYS B 173 28.12 -23.19 -20.41
N VAL B 174 28.69 -24.40 -20.41
CA VAL B 174 29.17 -24.99 -19.16
C VAL B 174 30.27 -24.11 -18.56
N LYS B 175 31.26 -23.77 -19.38
CA LYS B 175 32.36 -22.91 -18.99
C LYS B 175 32.96 -22.34 -20.28
N GLU B 176 34.15 -21.75 -20.17
CA GLU B 176 34.82 -21.24 -21.35
C GLU B 176 35.26 -22.38 -22.25
N ASN B 177 35.04 -22.22 -23.55
CA ASN B 177 35.37 -23.23 -24.58
C ASN B 177 34.59 -24.52 -24.34
N GLU B 178 33.33 -24.41 -23.93
CA GLU B 178 32.44 -25.55 -23.79
C GLU B 178 31.01 -25.11 -24.10
N PHE B 179 30.32 -25.91 -24.90
CA PHE B 179 28.95 -25.60 -25.30
C PHE B 179 28.19 -26.89 -25.54
N GLN B 180 26.88 -26.86 -25.25
CA GLN B 180 25.98 -27.98 -25.47
C GLN B 180 24.70 -27.50 -26.12
N LEU B 181 24.04 -28.40 -26.83
CA LEU B 181 22.74 -28.16 -27.42
C LEU B 181 21.68 -28.94 -26.64
N VAL B 182 20.58 -28.27 -26.29
CA VAL B 182 19.52 -28.86 -25.48
C VAL B 182 18.19 -28.68 -26.20
N LEU B 183 17.45 -29.78 -26.36
CA LEU B 183 16.16 -29.79 -27.02
C LEU B 183 15.11 -30.25 -26.03
N THR B 184 14.02 -29.49 -25.89
CA THR B 184 13.01 -29.76 -24.88
C THR B 184 11.63 -29.92 -25.52
N ALA B 185 10.86 -30.82 -24.96
CA ALA B 185 9.49 -31.12 -25.34
C ALA B 185 8.52 -30.31 -24.50
N ASN B 186 7.24 -30.70 -24.52
CA ASN B 186 6.25 -30.17 -23.60
C ASN B 186 5.96 -31.22 -22.53
N SER B 187 4.99 -30.93 -21.65
CA SER B 187 4.75 -31.77 -20.48
C SER B 187 3.75 -32.88 -20.81
N GLY B 188 4.07 -34.08 -20.36
CA GLY B 188 3.22 -35.25 -20.58
C GLY B 188 4.00 -36.35 -21.25
N THR B 189 3.64 -37.59 -20.92
CA THR B 189 4.31 -38.74 -21.54
C THR B 189 3.88 -38.94 -22.99
N ASP B 190 2.88 -38.21 -23.46
CA ASP B 190 2.50 -38.25 -24.86
C ASP B 190 3.44 -37.44 -25.75
N ASN B 191 4.41 -36.74 -25.16
CA ASN B 191 5.30 -35.87 -25.91
C ASN B 191 6.75 -36.32 -25.89
N THR B 192 7.03 -37.52 -25.38
CA THR B 192 8.35 -38.10 -25.54
C THR B 192 8.63 -38.27 -27.04
N MET B 193 9.87 -38.02 -27.43
CA MET B 193 10.20 -37.80 -28.84
C MET B 193 11.36 -38.66 -29.28
N LYS B 194 11.32 -39.06 -30.55
CA LYS B 194 12.32 -39.91 -31.17
C LYS B 194 12.86 -39.20 -32.40
N ILE B 195 14.17 -39.02 -32.47
CA ILE B 195 14.80 -38.13 -33.45
C ILE B 195 15.73 -38.93 -34.35
N THR B 196 15.70 -38.60 -35.65
CA THR B 196 16.59 -39.20 -36.63
C THR B 196 16.92 -38.16 -37.68
N VAL B 197 17.95 -38.43 -38.49
CA VAL B 197 18.41 -37.51 -39.51
C VAL B 197 18.54 -38.25 -40.84
N GLU B 198 18.02 -37.64 -41.90
CA GLU B 198 18.05 -38.21 -43.25
C GLU B 198 18.89 -37.34 -44.16
N GLY B 199 19.87 -37.95 -44.83
CA GLY B 199 20.74 -37.27 -45.78
C GLY B 199 22.14 -37.03 -45.24
N ASP B 200 22.29 -36.91 -43.93
CA ASP B 200 23.58 -36.63 -43.31
C ASP B 200 23.90 -37.76 -42.34
N THR B 201 25.19 -37.96 -42.08
CA THR B 201 25.62 -39.01 -41.16
C THR B 201 26.23 -38.46 -39.88
N LYS B 202 26.94 -37.33 -39.97
CA LYS B 202 27.50 -36.71 -38.76
C LYS B 202 26.39 -36.10 -37.91
N LEU B 203 25.49 -35.34 -38.53
CA LEU B 203 24.35 -34.79 -37.80
C LEU B 203 23.47 -35.90 -37.26
N ASN B 204 23.37 -37.02 -37.99
CA ASN B 204 22.68 -38.19 -37.46
C ASN B 204 23.49 -38.85 -36.35
N ASP B 205 24.82 -38.75 -36.42
CA ASP B 205 25.65 -39.20 -35.32
C ASP B 205 25.49 -38.32 -34.09
N LEU B 206 24.93 -37.12 -34.26
CA LEU B 206 24.80 -36.15 -33.18
C LEU B 206 23.41 -36.17 -32.54
N LEU B 207 22.37 -36.01 -33.36
CA LEU B 207 21.03 -35.70 -32.86
C LEU B 207 20.09 -36.89 -32.83
N ALA B 208 20.55 -38.10 -33.13
CA ALA B 208 19.65 -39.25 -33.22
C ALA B 208 19.35 -39.78 -31.82
N TYR B 209 18.06 -39.78 -31.46
CA TYR B 209 17.60 -40.36 -30.20
C TYR B 209 16.38 -41.23 -30.47
N ASP B 210 16.26 -42.30 -29.68
CA ASP B 210 15.12 -43.21 -29.75
C ASP B 210 14.50 -43.30 -28.36
N SER B 211 13.34 -42.67 -28.19
CA SER B 211 12.69 -42.64 -26.88
C SER B 211 12.02 -43.97 -26.54
N THR B 212 11.48 -44.67 -27.54
CA THR B 212 10.83 -45.95 -27.27
C THR B 212 11.81 -46.98 -26.73
N THR B 213 13.01 -47.06 -27.31
CA THR B 213 14.02 -48.01 -26.88
C THR B 213 15.01 -47.44 -25.88
N ASN B 214 14.90 -46.13 -25.56
CA ASN B 214 15.83 -45.46 -24.64
C ASN B 214 17.27 -45.60 -25.11
N THR B 215 17.49 -45.43 -26.41
CA THR B 215 18.81 -45.43 -27.01
C THR B 215 18.94 -44.19 -27.88
N GLY B 216 20.16 -43.69 -28.04
CA GLY B 216 20.33 -42.53 -28.91
C GLY B 216 21.71 -41.95 -28.77
N ASN B 217 21.95 -40.92 -29.58
CA ASN B 217 23.23 -40.19 -29.54
C ASN B 217 23.16 -38.97 -28.64
N MET B 218 21.97 -38.49 -28.32
CA MET B 218 21.79 -37.46 -27.31
C MET B 218 21.76 -38.10 -25.92
N GLN B 219 21.49 -37.30 -24.90
CA GLN B 219 21.39 -37.79 -23.54
C GLN B 219 20.20 -37.12 -22.87
N GLU B 220 19.54 -37.85 -21.97
CA GLU B 220 18.34 -37.35 -21.32
C GLU B 220 18.69 -36.45 -20.15
N LEU B 221 18.14 -35.24 -20.15
CA LEU B 221 18.26 -34.36 -19.00
C LEU B 221 17.04 -34.46 -18.10
N VAL B 222 15.85 -34.24 -18.66
CA VAL B 222 14.60 -34.22 -17.90
C VAL B 222 13.64 -35.23 -18.50
N LYS B 223 13.14 -36.14 -17.66
CA LYS B 223 12.25 -37.21 -18.07
C LYS B 223 10.79 -36.79 -17.85
N ALA B 224 9.91 -37.26 -18.72
CA ALA B 224 8.53 -36.79 -18.77
C ALA B 224 7.65 -37.58 -17.80
N GLU B 225 6.75 -36.87 -17.12
CA GLU B 225 5.84 -37.47 -16.16
C GLU B 225 4.47 -36.80 -16.28
N ASN B 226 3.46 -37.44 -15.68
CA ASN B 226 2.08 -36.97 -15.70
C ASN B 226 1.68 -36.44 -14.32
N ALA B 227 0.77 -35.47 -14.33
CA ALA B 227 0.26 -34.91 -13.08
C ALA B 227 -0.80 -35.81 -12.49
N LYS B 228 -0.77 -35.97 -11.18
CA LYS B 228 -1.69 -36.86 -10.47
C LYS B 228 -2.13 -36.18 -9.19
N LEU B 229 -3.45 -36.10 -8.99
CA LEU B 229 -3.98 -35.51 -7.78
C LEU B 229 -5.23 -36.27 -7.35
N ASN B 230 -5.69 -35.98 -6.13
CA ASN B 230 -6.88 -36.61 -5.57
C ASN B 230 -7.80 -35.52 -5.07
N VAL B 231 -9.06 -35.56 -5.51
CA VAL B 231 -10.07 -34.57 -5.16
C VAL B 231 -11.29 -35.31 -4.66
N ASN B 232 -11.60 -35.14 -3.37
CA ASN B 232 -12.82 -35.70 -2.76
C ASN B 232 -12.96 -37.19 -3.04
N GLY B 233 -11.85 -37.92 -2.92
CA GLY B 233 -11.86 -39.35 -3.10
C GLY B 233 -11.80 -39.83 -4.52
N ILE B 234 -11.69 -38.92 -5.49
CA ILE B 234 -11.60 -39.27 -6.91
C ILE B 234 -10.19 -38.95 -7.40
N ASP B 235 -9.54 -39.93 -8.00
CA ASP B 235 -8.20 -39.71 -8.54
C ASP B 235 -8.29 -39.08 -9.92
N ILE B 236 -7.48 -38.05 -10.15
CA ILE B 236 -7.45 -37.32 -11.40
C ILE B 236 -6.03 -37.36 -11.94
N GLU B 237 -5.90 -37.64 -13.23
CA GLU B 237 -4.62 -37.64 -13.92
C GLU B 237 -4.68 -36.69 -15.12
N ARG B 238 -3.60 -35.95 -15.33
CA ARG B 238 -3.54 -34.99 -16.42
C ARG B 238 -2.14 -34.99 -17.02
N GLN B 239 -2.02 -34.32 -18.18
CA GLN B 239 -0.73 -34.17 -18.82
C GLN B 239 0.05 -33.00 -18.21
N SER B 240 -0.50 -31.79 -18.29
CA SER B 240 0.12 -30.61 -17.76
C SER B 240 -0.15 -30.49 -16.26
N ASN B 241 0.15 -29.33 -15.70
CA ASN B 241 -0.14 -29.02 -14.30
C ASN B 241 -1.30 -28.04 -14.15
N THR B 242 -2.12 -27.90 -15.19
CA THR B 242 -3.37 -27.15 -15.12
C THR B 242 -4.51 -28.16 -15.24
N VAL B 243 -5.03 -28.57 -14.08
CA VAL B 243 -6.12 -29.55 -14.01
C VAL B 243 -7.44 -28.79 -14.06
N THR B 244 -8.32 -29.20 -14.98
CA THR B 244 -9.49 -28.40 -15.28
C THR B 244 -10.83 -29.10 -15.05
N ASP B 245 -10.88 -30.42 -14.98
CA ASP B 245 -12.15 -31.14 -14.82
C ASP B 245 -12.05 -32.18 -13.72
N ALA B 246 -11.49 -31.82 -12.57
CA ALA B 246 -11.57 -32.77 -11.46
C ALA B 246 -13.00 -32.70 -10.93
N PRO B 247 -13.51 -31.55 -10.42
CA PRO B 247 -14.93 -31.25 -10.63
C PRO B 247 -15.10 -30.36 -11.85
N GLN B 248 -15.97 -30.74 -12.79
CA GLN B 248 -16.11 -29.94 -14.00
C GLN B 248 -16.62 -28.55 -13.64
N GLY B 249 -15.75 -27.56 -13.80
CA GLY B 249 -16.04 -26.19 -13.41
C GLY B 249 -14.98 -25.54 -12.56
N ILE B 250 -14.09 -26.31 -11.94
CA ILE B 250 -12.99 -25.80 -11.12
C ILE B 250 -11.68 -26.18 -11.80
N THR B 251 -10.82 -25.18 -11.99
CA THR B 251 -9.51 -25.36 -12.62
C THR B 251 -8.43 -25.13 -11.56
N LEU B 252 -7.62 -26.15 -11.32
CA LEU B 252 -6.54 -26.06 -10.35
C LEU B 252 -5.21 -25.81 -11.02
N THR B 253 -4.27 -25.27 -10.25
CA THR B 253 -2.90 -25.04 -10.70
C THR B 253 -1.95 -25.55 -9.61
N LEU B 254 -1.01 -26.39 -10.02
CA LEU B 254 -0.23 -27.23 -9.12
C LEU B 254 1.20 -26.70 -9.08
N THR B 255 1.45 -25.73 -8.19
CA THR B 255 2.80 -25.20 -8.08
C THR B 255 3.70 -26.10 -7.24
N LYS B 256 3.17 -26.67 -6.16
CA LYS B 256 3.93 -27.55 -5.29
C LYS B 256 3.05 -28.70 -4.83
N LYS B 257 3.69 -29.80 -4.45
CA LYS B 257 2.97 -30.92 -3.85
C LYS B 257 2.37 -30.49 -2.51
N VAL B 258 1.05 -30.64 -2.39
CA VAL B 258 0.34 -30.25 -1.19
C VAL B 258 -0.42 -31.48 -0.68
N THR B 259 -0.71 -31.47 0.62
CA THR B 259 -1.43 -32.56 1.26
C THR B 259 -2.62 -32.01 2.03
N ASP B 260 -3.78 -32.63 1.83
CA ASP B 260 -5.01 -32.31 2.54
C ASP B 260 -5.35 -30.83 2.49
N ALA B 261 -4.95 -30.16 1.41
CA ALA B 261 -5.36 -28.78 1.21
C ALA B 261 -6.87 -28.71 1.04
N THR B 262 -7.50 -27.80 1.78
CA THR B 262 -8.93 -27.61 1.73
C THR B 262 -9.24 -26.48 0.77
N VAL B 263 -9.98 -26.77 -0.29
CA VAL B 263 -10.46 -25.77 -1.23
C VAL B 263 -11.96 -25.64 -0.99
N THR B 264 -12.37 -24.47 -0.53
CA THR B 264 -13.78 -24.19 -0.27
C THR B 264 -14.33 -23.33 -1.40
N VAL B 265 -15.49 -23.70 -1.91
CA VAL B 265 -16.17 -23.00 -2.98
C VAL B 265 -17.55 -22.61 -2.48
N THR B 266 -17.89 -21.33 -2.61
CA THR B 266 -19.17 -20.82 -2.16
C THR B 266 -19.87 -20.10 -3.31
N LYS B 267 -21.19 -19.99 -3.19
CA LYS B 267 -21.97 -19.25 -4.19
C LYS B 267 -21.64 -17.76 -4.10
N ASP B 268 -21.87 -17.06 -5.21
CA ASP B 268 -21.58 -15.64 -5.27
C ASP B 268 -22.54 -14.97 -6.24
N ASP B 269 -23.00 -13.76 -5.90
CA ASP B 269 -23.91 -13.04 -6.76
C ASP B 269 -23.58 -11.54 -6.84
N THR B 270 -22.39 -11.14 -6.41
CA THR B 270 -22.01 -9.73 -6.55
C THR B 270 -21.96 -9.33 -8.02
N LYS B 271 -21.43 -10.20 -8.88
CA LYS B 271 -21.52 -9.97 -10.31
C LYS B 271 -22.97 -9.99 -10.77
N ALA B 272 -23.76 -10.92 -10.23
CA ALA B 272 -25.17 -11.00 -10.62
C ALA B 272 -25.92 -9.74 -10.23
N LYS B 273 -25.75 -9.28 -8.98
CA LYS B 273 -26.46 -8.08 -8.56
C LYS B 273 -25.93 -6.84 -9.28
N GLU B 274 -24.64 -6.79 -9.57
CA GLU B 274 -24.10 -5.66 -10.32
C GLU B 274 -24.66 -5.61 -11.73
N ALA B 275 -24.76 -6.77 -12.39
CA ALA B 275 -25.36 -6.81 -13.73
C ALA B 275 -26.84 -6.44 -13.67
N ILE B 276 -27.56 -6.90 -12.65
CA ILE B 276 -28.98 -6.55 -12.51
C ILE B 276 -29.14 -5.05 -12.34
N LYS B 277 -28.32 -4.45 -11.47
CA LYS B 277 -28.40 -3.01 -11.25
C LYS B 277 -28.00 -2.23 -12.49
N SER B 278 -26.98 -2.70 -13.22
CA SER B 278 -26.58 -2.03 -14.45
C SER B 278 -27.69 -2.06 -15.48
N TRP B 279 -28.36 -3.21 -15.62
CA TRP B 279 -29.48 -3.32 -16.54
C TRP B 279 -30.64 -2.44 -16.10
N VAL B 280 -30.91 -2.39 -14.79
CA VAL B 280 -31.99 -1.54 -14.28
C VAL B 280 -31.70 -0.08 -14.58
N ASP B 281 -30.46 0.36 -14.35
CA ASP B 281 -30.09 1.75 -14.62
C ASP B 281 -30.12 2.05 -16.10
N ALA B 282 -29.75 1.07 -16.94
CA ALA B 282 -29.85 1.27 -18.39
C ALA B 282 -31.30 1.45 -18.80
N TYR B 283 -32.21 0.65 -18.23
CA TYR B 283 -33.63 0.81 -18.51
C TYR B 283 -34.13 2.16 -18.00
N ASN B 284 -33.64 2.61 -16.84
CA ASN B 284 -34.01 3.91 -16.31
C ASN B 284 -33.59 5.03 -17.26
N SER B 285 -32.35 4.97 -17.75
CA SER B 285 -31.89 5.96 -18.70
C SER B 285 -32.68 5.90 -20.00
N LEU B 286 -33.03 4.69 -20.46
CA LEU B 286 -33.83 4.55 -21.66
C LEU B 286 -35.20 5.21 -21.49
N VAL B 287 -35.84 4.97 -20.35
CA VAL B 287 -37.16 5.55 -20.12
C VAL B 287 -37.07 7.06 -19.93
N ASP B 288 -35.97 7.53 -19.33
CA ASP B 288 -35.76 8.97 -19.22
C ASP B 288 -35.63 9.61 -20.61
N THR B 289 -34.88 8.95 -21.50
CA THR B 289 -34.77 9.45 -22.87
C THR B 289 -36.11 9.43 -23.58
N PHE B 290 -36.88 8.35 -23.38
CA PHE B 290 -38.20 8.26 -23.98
C PHE B 290 -39.11 9.38 -23.49
N SER B 291 -39.11 9.64 -22.17
CA SER B 291 -39.96 10.67 -21.60
C SER B 291 -39.51 12.05 -22.04
N SER B 292 -38.20 12.25 -22.24
CA SER B 292 -37.71 13.51 -22.79
C SER B 292 -38.19 13.69 -24.23
N LEU B 293 -38.15 12.62 -25.02
CA LEU B 293 -38.63 12.69 -26.40
C LEU B 293 -40.15 12.71 -26.46
N THR B 294 -40.83 12.33 -25.38
CA THR B 294 -42.27 12.46 -25.26
C THR B 294 -42.66 13.50 -24.21
N LYS B 295 -41.77 14.41 -23.85
CA LYS B 295 -42.07 15.43 -22.86
C LYS B 295 -43.01 16.47 -23.44
N TYR B 296 -44.04 16.81 -22.67
CA TYR B 296 -44.99 17.85 -23.04
C TYR B 296 -45.10 18.86 -21.90
N THR B 297 -44.93 20.13 -22.23
CA THR B 297 -44.96 21.21 -21.26
C THR B 297 -46.25 21.99 -21.43
N ALA B 298 -46.97 22.18 -20.32
CA ALA B 298 -48.22 22.93 -20.36
C ALA B 298 -47.95 24.39 -20.72
N VAL B 299 -48.71 24.90 -21.68
CA VAL B 299 -48.58 26.27 -22.15
C VAL B 299 -49.96 26.91 -22.21
N GLU B 300 -49.97 28.24 -22.23
CA GLU B 300 -51.21 28.98 -22.34
C GLU B 300 -51.81 28.78 -23.74
N PRO B 301 -53.13 28.78 -23.85
CA PRO B 301 -53.76 28.63 -25.16
C PRO B 301 -53.34 29.74 -26.12
N GLY B 302 -53.11 29.37 -27.37
CA GLY B 302 -52.67 30.32 -28.38
C GLY B 302 -51.19 30.61 -28.39
N GLU B 303 -50.42 30.04 -27.47
CA GLU B 303 -48.99 30.28 -27.42
C GLU B 303 -48.26 29.40 -28.43
N GLU B 304 -47.01 29.74 -28.69
CA GLU B 304 -46.19 28.99 -29.62
C GLU B 304 -45.76 27.65 -29.01
N ALA B 305 -45.45 26.71 -29.89
CA ALA B 305 -45.00 25.39 -29.44
C ALA B 305 -43.63 25.49 -28.79
N SER B 306 -43.50 24.88 -27.61
CA SER B 306 -42.24 24.92 -26.89
C SER B 306 -41.21 24.00 -27.52
N ASP B 307 -39.95 24.44 -27.53
CA ASP B 307 -38.88 23.59 -28.04
C ASP B 307 -38.55 22.46 -27.09
N LYS B 308 -38.82 22.64 -25.79
CA LYS B 308 -38.60 21.58 -24.82
C LYS B 308 -39.54 20.42 -25.02
N ASN B 309 -40.64 20.61 -25.75
CA ASN B 309 -41.56 19.52 -26.01
C ASN B 309 -40.94 18.50 -26.94
N GLY B 310 -41.04 17.23 -26.56
CA GLY B 310 -40.47 16.17 -27.39
C GLY B 310 -41.23 16.00 -28.69
N ALA B 311 -40.47 15.70 -29.76
CA ALA B 311 -41.09 15.56 -31.07
C ALA B 311 -41.75 14.20 -31.24
N LEU B 312 -41.55 13.28 -30.30
CA LEU B 312 -42.12 11.94 -30.37
C LEU B 312 -43.44 11.82 -29.62
N LEU B 313 -44.18 12.93 -29.47
CA LEU B 313 -45.45 12.88 -28.78
C LEU B 313 -46.50 12.16 -29.62
N GLY B 314 -47.21 11.22 -29.00
CA GLY B 314 -48.25 10.48 -29.68
C GLY B 314 -47.75 9.61 -30.82
N ASP B 315 -46.67 8.87 -30.59
CA ASP B 315 -46.08 8.00 -31.59
C ASP B 315 -46.47 6.55 -31.31
N SER B 316 -46.93 5.86 -32.36
CA SER B 316 -47.33 4.47 -32.22
C SER B 316 -46.16 3.54 -31.87
N VAL B 317 -44.99 3.78 -32.46
CA VAL B 317 -43.84 2.90 -32.21
C VAL B 317 -43.44 2.97 -30.74
N VAL B 318 -43.35 4.18 -30.20
CA VAL B 318 -42.92 4.34 -28.80
C VAL B 318 -43.90 3.68 -27.86
N ARG B 319 -45.20 3.91 -28.07
CA ARG B 319 -46.21 3.31 -27.21
C ARG B 319 -46.20 1.79 -27.32
N THR B 320 -46.05 1.26 -28.53
CA THR B 320 -46.01 -0.19 -28.71
C THR B 320 -44.82 -0.80 -27.99
N ILE B 321 -43.64 -0.19 -28.15
CA ILE B 321 -42.43 -0.72 -27.53
C ILE B 321 -42.54 -0.66 -26.01
N GLN B 322 -43.02 0.48 -25.49
CA GLN B 322 -43.13 0.62 -24.03
C GLN B 322 -44.15 -0.36 -23.46
N THR B 323 -45.29 -0.52 -24.14
CA THR B 323 -46.29 -1.48 -23.68
C THR B 323 -45.74 -2.90 -23.71
N GLY B 324 -45.02 -3.25 -24.78
CA GLY B 324 -44.45 -4.59 -24.86
C GLY B 324 -43.46 -4.86 -23.74
N ILE B 325 -42.58 -3.90 -23.47
CA ILE B 325 -41.56 -4.08 -22.44
C ILE B 325 -42.22 -4.15 -21.05
N ARG B 326 -43.23 -3.30 -20.82
CA ARG B 326 -43.93 -3.34 -19.54
C ARG B 326 -44.64 -4.68 -19.35
N ALA B 327 -45.20 -5.23 -20.43
CA ALA B 327 -45.73 -6.59 -20.37
C ALA B 327 -44.63 -7.60 -20.13
N GLN B 328 -43.43 -7.34 -20.63
CA GLN B 328 -42.31 -8.25 -20.39
C GLN B 328 -41.96 -8.32 -18.91
N PHE B 329 -42.01 -7.19 -18.18
CA PHE B 329 -41.86 -7.28 -16.73
C PHE B 329 -42.96 -8.12 -16.11
N ALA B 330 -44.20 -7.93 -16.53
CA ALA B 330 -45.29 -8.77 -16.06
C ALA B 330 -45.30 -10.05 -16.90
N ASN B 331 -44.28 -10.89 -16.72
CA ASN B 331 -44.03 -12.03 -17.57
C ASN B 331 -45.06 -13.12 -17.34
N SER B 332 -45.30 -13.93 -18.38
CA SER B 332 -46.18 -15.08 -18.31
C SER B 332 -45.47 -16.30 -18.86
N GLY B 333 -45.83 -17.47 -18.32
CA GLY B 333 -45.22 -18.72 -18.74
C GLY B 333 -44.01 -19.15 -17.95
N SER B 334 -43.50 -18.29 -17.07
CA SER B 334 -42.34 -18.64 -16.25
C SER B 334 -42.73 -19.64 -15.17
N ASN B 335 -41.83 -20.59 -14.91
CA ASN B 335 -42.06 -21.60 -13.88
C ASN B 335 -41.57 -21.16 -12.51
N SER B 336 -41.02 -19.96 -12.39
CA SER B 336 -40.53 -19.47 -11.11
C SER B 336 -41.68 -19.23 -10.13
N ALA B 337 -41.37 -19.29 -8.85
CA ALA B 337 -42.37 -19.00 -7.82
C ALA B 337 -42.86 -17.56 -7.92
N PHE B 338 -41.95 -16.63 -8.19
CA PHE B 338 -42.30 -15.22 -8.38
C PHE B 338 -42.66 -15.04 -9.85
N LYS B 339 -43.91 -14.62 -10.11
CA LYS B 339 -44.35 -14.40 -11.48
C LYS B 339 -44.04 -13.01 -12.01
N THR B 340 -43.56 -12.10 -11.15
CA THR B 340 -43.29 -10.73 -11.55
C THR B 340 -41.99 -10.26 -10.91
N MET B 341 -41.25 -9.42 -11.63
CA MET B 341 -40.04 -8.82 -11.08
C MET B 341 -40.35 -7.84 -9.95
N ALA B 342 -41.57 -7.31 -9.91
CA ALA B 342 -41.94 -6.42 -8.81
C ALA B 342 -41.91 -7.15 -7.47
N GLU B 343 -42.15 -8.46 -7.50
CA GLU B 343 -42.05 -9.26 -6.27
C GLU B 343 -40.62 -9.27 -5.75
N ILE B 344 -39.64 -9.20 -6.66
CA ILE B 344 -38.24 -9.19 -6.25
C ILE B 344 -37.93 -7.93 -5.44
N GLY B 345 -38.43 -6.77 -5.88
CA GLY B 345 -38.22 -5.55 -5.14
C GLY B 345 -37.96 -4.32 -5.99
N ILE B 346 -37.92 -4.48 -7.31
CA ILE B 346 -37.65 -3.39 -8.23
C ILE B 346 -39.00 -2.89 -8.76
N THR B 347 -39.31 -1.63 -8.46
CA THR B 347 -40.59 -1.04 -8.83
C THR B 347 -40.37 0.26 -9.60
N GLN B 348 -41.17 0.47 -10.65
CA GLN B 348 -41.01 1.63 -11.53
C GLN B 348 -41.96 2.75 -11.09
N ASP B 349 -41.40 3.92 -10.82
CA ASP B 349 -42.21 5.09 -10.52
C ASP B 349 -42.92 5.58 -11.77
N GLY B 350 -44.21 5.91 -11.62
CA GLY B 350 -44.99 6.33 -12.78
C GLY B 350 -44.52 7.66 -13.35
N THR B 351 -44.26 8.64 -12.48
CA THR B 351 -43.91 9.97 -12.94
C THR B 351 -42.54 9.98 -13.62
N SER B 352 -41.53 9.41 -12.95
CA SER B 352 -40.17 9.45 -13.49
C SER B 352 -39.96 8.37 -14.54
N GLY B 353 -40.55 7.20 -14.33
CA GLY B 353 -40.36 6.08 -15.22
C GLY B 353 -39.09 5.29 -14.98
N LYS B 354 -38.28 5.68 -14.00
CA LYS B 354 -37.03 5.00 -13.69
C LYS B 354 -37.25 4.04 -12.52
N LEU B 355 -36.69 2.84 -12.66
CA LEU B 355 -36.89 1.80 -11.65
C LEU B 355 -36.13 2.13 -10.38
N LYS B 356 -36.72 1.78 -9.24
CA LYS B 356 -36.09 1.88 -7.93
C LYS B 356 -35.97 0.47 -7.37
N ILE B 357 -34.77 0.13 -6.89
CA ILE B 357 -34.45 -1.22 -6.48
C ILE B 357 -34.47 -1.31 -4.96
N ASP B 358 -35.19 -2.30 -4.43
CA ASP B 358 -35.09 -2.68 -3.04
C ASP B 358 -33.88 -3.61 -2.93
N ASP B 359 -32.71 -3.02 -2.65
CA ASP B 359 -31.46 -3.78 -2.72
C ASP B 359 -31.45 -4.93 -1.73
N ASP B 360 -31.93 -4.70 -0.50
CA ASP B 360 -31.94 -5.77 0.50
C ASP B 360 -32.83 -6.92 0.08
N LYS B 361 -34.03 -6.62 -0.41
CA LYS B 361 -34.95 -7.67 -0.81
C LYS B 361 -34.44 -8.41 -2.05
N LEU B 362 -33.83 -7.68 -2.98
CA LEU B 362 -33.21 -8.34 -4.14
C LEU B 362 -32.10 -9.29 -3.69
N THR B 363 -31.26 -8.85 -2.76
CA THR B 363 -30.19 -9.70 -2.26
C THR B 363 -30.74 -10.94 -1.58
N LYS B 364 -31.80 -10.77 -0.76
CA LYS B 364 -32.42 -11.91 -0.10
C LYS B 364 -32.99 -12.90 -1.12
N VAL B 365 -33.67 -12.38 -2.15
CA VAL B 365 -34.25 -13.24 -3.17
C VAL B 365 -33.15 -14.01 -3.91
N LEU B 366 -32.07 -13.33 -4.28
CA LEU B 366 -30.99 -14.00 -4.99
C LEU B 366 -30.32 -15.05 -4.12
N LYS B 367 -30.07 -14.73 -2.84
CA LYS B 367 -29.33 -15.64 -1.97
C LYS B 367 -30.17 -16.86 -1.61
N ASP B 368 -31.46 -16.66 -1.31
CA ASP B 368 -32.27 -17.76 -0.79
C ASP B 368 -32.59 -18.78 -1.88
N ASN B 369 -33.03 -18.31 -3.05
CA ASN B 369 -33.44 -19.19 -4.15
C ASN B 369 -32.78 -18.71 -5.43
N THR B 370 -31.63 -19.30 -5.77
CA THR B 370 -30.93 -18.91 -6.98
C THR B 370 -31.61 -19.43 -8.24
N ALA B 371 -32.06 -20.69 -8.22
CA ALA B 371 -32.68 -21.28 -9.40
C ALA B 371 -33.98 -20.58 -9.77
N ALA B 372 -34.75 -20.16 -8.76
CA ALA B 372 -36.01 -19.46 -9.04
C ALA B 372 -35.76 -18.15 -9.78
N ALA B 373 -34.82 -17.33 -9.27
CA ALA B 373 -34.49 -16.09 -9.94
C ALA B 373 -33.91 -16.34 -11.32
N ARG B 374 -33.07 -17.37 -11.45
CA ARG B 374 -32.46 -17.67 -12.75
C ARG B 374 -33.52 -18.04 -13.78
N GLU B 375 -34.47 -18.89 -13.40
CA GLU B 375 -35.55 -19.24 -14.32
C GLU B 375 -36.42 -18.02 -14.62
N LEU B 376 -36.65 -17.17 -13.62
CA LEU B 376 -37.44 -15.97 -13.81
C LEU B 376 -36.79 -15.04 -14.84
N LEU B 377 -35.46 -14.90 -14.78
CA LEU B 377 -34.76 -14.07 -15.75
C LEU B 377 -34.37 -14.85 -17.00
N VAL B 378 -33.86 -16.06 -16.86
CA VAL B 378 -33.30 -16.78 -18.00
C VAL B 378 -34.22 -17.92 -18.42
N GLY B 379 -34.45 -18.86 -17.52
CA GLY B 379 -35.24 -20.04 -17.88
C GLY B 379 -34.51 -20.91 -18.87
N ASP B 380 -35.25 -21.50 -19.81
CA ASP B 380 -34.64 -22.35 -20.82
C ASP B 380 -33.82 -21.56 -21.83
N GLY B 381 -34.02 -20.24 -21.87
CA GLY B 381 -33.28 -19.39 -22.78
C GLY B 381 -33.86 -19.25 -24.17
N LYS B 382 -34.96 -19.95 -24.46
CA LYS B 382 -35.60 -19.89 -25.78
C LYS B 382 -36.94 -19.19 -25.74
N GLU B 383 -37.85 -19.63 -24.88
CA GLU B 383 -39.21 -19.09 -24.84
C GLU B 383 -39.55 -18.38 -23.54
N THR B 384 -39.02 -18.81 -22.41
CA THR B 384 -39.33 -18.21 -21.11
C THR B 384 -38.11 -17.49 -20.57
N GLY B 385 -38.33 -16.75 -19.48
CA GLY B 385 -37.27 -15.97 -18.87
C GLY B 385 -37.36 -14.49 -19.21
N ILE B 386 -37.46 -13.63 -18.19
CA ILE B 386 -37.68 -12.21 -18.43
C ILE B 386 -36.57 -11.62 -19.30
N THR B 387 -35.32 -11.98 -19.01
CA THR B 387 -34.22 -11.51 -19.85
C THR B 387 -34.36 -12.04 -21.27
N THR B 388 -34.76 -13.31 -21.42
CA THR B 388 -34.93 -13.89 -22.74
C THR B 388 -36.06 -13.20 -23.51
N LYS B 389 -37.20 -13.01 -22.86
CA LYS B 389 -38.33 -12.32 -23.51
C LYS B 389 -37.95 -10.91 -23.91
N ILE B 390 -37.27 -10.17 -23.02
CA ILE B 390 -36.91 -8.79 -23.31
C ILE B 390 -35.88 -8.74 -24.44
N ALA B 391 -34.91 -9.66 -24.43
CA ALA B 391 -33.93 -9.70 -25.51
C ALA B 391 -34.61 -9.97 -26.85
N THR B 392 -35.52 -10.94 -26.89
CA THR B 392 -36.24 -11.23 -28.13
C THR B 392 -37.05 -10.03 -28.59
N GLU B 393 -37.76 -9.39 -27.65
CA GLU B 393 -38.62 -8.26 -28.00
C GLU B 393 -37.80 -7.09 -28.54
N VAL B 394 -36.70 -6.75 -27.86
CA VAL B 394 -35.88 -5.62 -28.28
C VAL B 394 -35.17 -5.93 -29.59
N LYS B 395 -34.74 -7.18 -29.78
CA LYS B 395 -34.13 -7.56 -31.05
C LYS B 395 -35.14 -7.43 -32.18
N SER B 396 -36.38 -7.87 -31.95
CA SER B 396 -37.41 -7.73 -32.98
C SER B 396 -37.71 -6.26 -33.26
N TYR B 397 -37.74 -5.43 -32.22
CA TYR B 397 -37.95 -4.00 -32.43
C TYR B 397 -36.83 -3.38 -33.26
N LEU B 398 -35.58 -3.78 -32.98
CA LEU B 398 -34.44 -3.25 -33.70
C LEU B 398 -34.04 -4.10 -34.91
N ALA B 399 -34.77 -5.18 -35.19
CA ALA B 399 -34.45 -6.02 -36.32
C ALA B 399 -34.70 -5.28 -37.63
N ASP B 400 -34.01 -5.75 -38.68
CA ASP B 400 -34.21 -5.18 -40.00
C ASP B 400 -35.64 -5.47 -40.48
N ASP B 401 -36.19 -4.53 -41.24
CA ASP B 401 -37.58 -4.53 -41.70
C ASP B 401 -38.57 -4.44 -40.55
N GLY B 402 -38.12 -4.05 -39.36
CA GLY B 402 -39.00 -3.94 -38.21
C GLY B 402 -39.76 -2.62 -38.21
N ILE B 403 -40.41 -2.35 -37.07
CA ILE B 403 -41.23 -1.15 -36.94
C ILE B 403 -40.36 0.10 -37.03
N ILE B 404 -39.14 0.05 -36.48
CA ILE B 404 -38.25 1.21 -36.56
C ILE B 404 -37.76 1.41 -37.98
N ASP B 405 -37.38 0.33 -38.66
CA ASP B 405 -36.94 0.44 -40.05
C ASP B 405 -38.08 0.92 -40.95
N ASN B 406 -39.30 0.41 -40.72
CA ASN B 406 -40.44 0.87 -41.50
C ASN B 406 -40.73 2.34 -41.24
N ALA B 407 -40.63 2.78 -39.98
CA ALA B 407 -40.83 4.19 -39.68
C ALA B 407 -39.79 5.06 -40.36
N GLN B 408 -38.53 4.63 -40.35
CA GLN B 408 -37.48 5.40 -41.03
C GLN B 408 -37.72 5.45 -42.53
N ASP B 409 -38.14 4.32 -43.12
CA ASP B 409 -38.43 4.31 -44.55
C ASP B 409 -39.59 5.25 -44.89
N ASN B 410 -40.63 5.26 -44.04
CA ASN B 410 -41.75 6.16 -44.28
C ASN B 410 -41.33 7.62 -44.15
N VAL B 411 -40.50 7.94 -43.15
CA VAL B 411 -40.07 9.32 -42.95
C VAL B 411 -39.19 9.78 -44.10
N ASN B 412 -38.24 8.94 -44.51
CA ASN B 412 -37.33 9.32 -45.58
C ASN B 412 -38.01 9.32 -46.95
N ALA B 413 -39.18 8.70 -47.07
CA ALA B 413 -39.90 8.67 -48.33
C ALA B 413 -40.43 10.06 -48.69
N ALA C 39 -2.07 30.97 -50.56
CA ALA C 39 -2.31 29.75 -51.33
C ALA C 39 -1.14 28.78 -51.16
N ASN C 40 0.08 29.25 -51.46
CA ASN C 40 1.26 28.40 -51.33
C ASN C 40 1.65 28.19 -49.87
N SER C 41 1.30 29.14 -49.00
CA SER C 41 1.59 28.99 -47.57
C SER C 41 0.83 27.81 -46.99
N ALA C 42 -0.43 27.64 -47.38
CA ALA C 42 -1.21 26.49 -46.93
C ALA C 42 -0.59 25.19 -47.43
N LYS C 43 -0.11 25.19 -48.68
CA LYS C 43 0.54 24.00 -49.22
C LYS C 43 1.80 23.65 -48.44
N LEU C 44 2.61 24.66 -48.11
CA LEU C 44 3.82 24.41 -47.33
C LEU C 44 3.49 23.91 -45.93
N THR C 45 2.46 24.48 -45.31
CA THR C 45 2.04 24.02 -43.99
C THR C 45 1.57 22.57 -44.05
N ALA C 46 0.81 22.21 -45.07
CA ALA C 46 0.36 20.84 -45.23
C ALA C 46 1.54 19.89 -45.45
N TYR C 47 2.52 20.32 -46.25
CA TYR C 47 3.71 19.50 -46.46
C TYR C 47 4.45 19.27 -45.15
N GLY C 48 4.60 20.34 -44.35
CA GLY C 48 5.28 20.18 -43.06
C GLY C 48 4.54 19.28 -42.11
N THR C 49 3.21 19.42 -42.05
CA THR C 49 2.41 18.54 -41.19
C THR C 49 2.51 17.09 -41.63
N LEU C 50 2.46 16.84 -42.94
CA LEU C 50 2.60 15.48 -43.44
C LEU C 50 3.98 14.92 -43.11
N LYS C 51 5.02 15.74 -43.25
CA LYS C 51 6.36 15.29 -42.91
C LYS C 51 6.48 14.94 -41.44
N SER C 52 5.89 15.76 -40.56
CA SER C 52 5.93 15.47 -39.13
C SER C 52 5.19 14.18 -38.81
N ALA C 53 4.02 13.99 -39.41
CA ALA C 53 3.25 12.77 -39.17
C ALA C 53 4.01 11.54 -39.65
N LEU C 54 4.63 11.63 -40.84
CA LEU C 54 5.42 10.52 -41.35
C LEU C 54 6.64 10.24 -40.48
N GLU C 55 7.28 11.29 -39.95
CA GLU C 55 8.39 11.07 -39.03
C GLU C 55 7.94 10.35 -37.76
N LYS C 56 6.78 10.74 -37.21
CA LYS C 56 6.27 10.07 -36.03
C LYS C 56 5.95 8.60 -36.32
N PHE C 57 5.33 8.34 -37.47
CA PHE C 57 5.02 6.95 -37.83
C PHE C 57 6.30 6.15 -38.05
N GLN C 58 7.31 6.77 -38.65
CA GLN C 58 8.60 6.10 -38.83
C GLN C 58 9.25 5.77 -37.49
N THR C 59 9.16 6.69 -36.54
CA THR C 59 9.70 6.42 -35.20
C THR C 59 8.97 5.25 -34.55
N ALA C 60 7.64 5.22 -34.67
CA ALA C 60 6.87 4.10 -34.11
C ALA C 60 7.25 2.78 -34.78
N ASN C 61 7.40 2.79 -36.11
CA ASN C 61 7.78 1.57 -36.82
C ASN C 61 9.18 1.11 -36.41
N THR C 62 10.11 2.06 -36.25
CA THR C 62 11.45 1.71 -35.81
C THR C 62 11.43 1.11 -34.40
N ALA C 63 10.58 1.65 -33.53
CA ALA C 63 10.41 1.05 -32.20
C ALA C 63 9.88 -0.37 -32.31
N LEU C 64 8.91 -0.60 -33.20
CA LEU C 64 8.38 -1.93 -33.42
C LEU C 64 9.39 -2.88 -34.09
N ASN C 65 10.40 -2.34 -34.78
CA ASN C 65 11.23 -3.16 -35.65
C ASN C 65 11.93 -4.30 -34.90
N LYS C 66 12.50 -3.99 -33.73
CA LYS C 66 13.31 -4.99 -33.02
C LYS C 66 12.47 -6.19 -32.66
N ALA C 67 12.99 -7.38 -32.95
CA ALA C 67 12.22 -8.63 -32.88
C ALA C 67 12.39 -9.38 -31.56
N ASP C 68 13.15 -8.84 -30.61
CA ASP C 68 13.32 -9.53 -29.33
C ASP C 68 12.02 -9.63 -28.55
N LEU C 69 11.03 -8.80 -28.88
CA LEU C 69 9.76 -8.82 -28.17
C LEU C 69 8.98 -10.11 -28.44
N PHE C 70 9.12 -10.68 -29.64
CA PHE C 70 8.37 -11.89 -29.97
C PHE C 70 8.86 -13.08 -29.15
N LYS C 71 10.18 -13.18 -28.95
CA LYS C 71 10.74 -14.24 -28.10
C LYS C 71 10.90 -13.72 -26.68
N SER C 72 9.76 -13.40 -26.07
CA SER C 72 9.70 -12.85 -24.73
C SER C 72 9.17 -13.92 -23.78
N THR C 73 9.87 -14.10 -22.67
CA THR C 73 9.48 -15.06 -21.65
C THR C 73 9.47 -14.38 -20.28
N VAL C 74 8.77 -15.03 -19.34
CA VAL C 74 8.71 -14.56 -17.96
C VAL C 74 8.96 -15.75 -17.04
N ALA C 75 9.75 -15.53 -16.01
CA ALA C 75 10.19 -16.61 -15.13
C ALA C 75 9.84 -16.30 -13.69
N SER C 76 9.80 -17.36 -12.88
CA SER C 76 9.58 -17.22 -11.45
C SER C 76 10.19 -18.42 -10.74
N SER C 77 10.39 -18.26 -9.43
CA SER C 77 11.00 -19.28 -8.60
C SER C 77 10.17 -19.47 -7.33
N THR C 78 10.33 -20.64 -6.72
CA THR C 78 9.63 -20.93 -5.47
C THR C 78 10.24 -20.18 -4.30
N THR C 79 11.57 -20.14 -4.22
CA THR C 79 12.28 -19.50 -3.12
C THR C 79 12.56 -18.04 -3.43
N GLU C 80 12.74 -17.26 -2.37
CA GLU C 80 13.08 -15.84 -2.49
C GLU C 80 14.58 -15.59 -2.42
N ASP C 81 15.39 -16.63 -2.27
CA ASP C 81 16.83 -16.46 -2.31
C ASP C 81 17.33 -16.34 -3.75
N LEU C 82 17.09 -17.37 -4.56
CA LEU C 82 17.43 -17.32 -5.97
C LEU C 82 16.65 -16.23 -6.67
N LYS C 83 17.32 -15.49 -7.56
CA LYS C 83 16.65 -14.51 -8.39
C LYS C 83 16.86 -14.87 -9.85
N VAL C 84 15.86 -14.57 -10.69
CA VAL C 84 15.86 -14.99 -12.09
C VAL C 84 15.49 -13.80 -12.97
N SER C 85 16.16 -13.67 -14.12
CA SER C 85 15.82 -12.66 -15.11
C SER C 85 15.96 -13.25 -16.50
N THR C 86 14.91 -13.12 -17.30
CA THR C 86 14.91 -13.67 -18.66
C THR C 86 14.62 -12.56 -19.65
N THR C 87 15.42 -12.47 -20.70
CA THR C 87 15.26 -11.47 -21.74
C THR C 87 14.74 -12.07 -23.04
N ALA C 88 15.46 -13.04 -23.61
CA ALA C 88 15.06 -13.63 -24.88
C ALA C 88 15.79 -14.95 -25.06
N GLY C 89 15.31 -15.74 -26.02
CA GLY C 89 15.94 -17.01 -26.35
C GLY C 89 15.94 -18.01 -25.23
N ALA C 90 14.91 -17.99 -24.38
CA ALA C 90 14.81 -18.90 -23.25
C ALA C 90 13.82 -20.00 -23.57
N CYS C 91 14.25 -21.25 -23.43
CA CYS C 91 13.39 -22.40 -23.64
C CYS C 91 12.40 -22.50 -22.49
N ALA C 92 11.14 -22.19 -22.75
CA ALA C 92 10.11 -22.24 -21.72
C ALA C 92 10.03 -23.64 -21.13
N GLY C 93 9.95 -23.71 -19.80
CA GLY C 93 9.94 -25.00 -19.14
C GLY C 93 10.18 -24.86 -17.65
N THR C 94 10.76 -25.91 -17.08
CA THR C 94 11.03 -25.97 -15.64
C THR C 94 12.47 -26.37 -15.42
N TYR C 95 13.19 -25.61 -14.60
CA TYR C 95 14.59 -25.88 -14.28
C TYR C 95 14.73 -26.09 -12.79
N LYS C 96 15.34 -27.20 -12.39
CA LYS C 96 15.64 -27.48 -10.99
C LYS C 96 17.06 -26.98 -10.73
N ILE C 97 17.18 -25.81 -10.12
CA ILE C 97 18.46 -25.13 -9.97
C ILE C 97 18.95 -25.29 -8.54
N ASN C 98 20.10 -25.95 -8.39
CA ASN C 98 20.76 -26.13 -7.10
C ASN C 98 21.99 -25.26 -7.04
N VAL C 99 22.03 -24.32 -6.09
CA VAL C 99 23.13 -23.38 -5.95
C VAL C 99 24.11 -24.00 -4.96
N THR C 100 25.05 -24.79 -5.46
CA THR C 100 25.91 -25.55 -4.55
C THR C 100 27.00 -24.67 -3.92
N GLN C 101 27.20 -23.46 -4.43
CA GLN C 101 28.30 -22.63 -3.95
C GLN C 101 28.05 -21.20 -4.38
N LEU C 102 28.65 -20.27 -3.64
CA LEU C 102 28.67 -18.86 -3.99
C LEU C 102 30.12 -18.43 -4.22
N ALA C 103 30.29 -17.19 -4.67
CA ALA C 103 31.60 -16.68 -5.04
C ALA C 103 32.13 -15.74 -3.95
N ALA C 104 33.34 -16.01 -3.49
CA ALA C 104 34.00 -15.19 -2.49
C ALA C 104 35.20 -14.49 -3.12
N ALA C 105 35.37 -13.21 -2.80
CA ALA C 105 36.55 -12.46 -3.21
C ALA C 105 37.71 -12.81 -2.29
N GLN C 106 38.86 -12.19 -2.53
CA GLN C 106 40.00 -12.32 -1.65
C GLN C 106 40.29 -10.97 -1.01
N SER C 107 40.45 -10.97 0.30
CA SER C 107 40.83 -9.76 1.03
C SER C 107 41.92 -10.11 2.02
N LEU C 108 42.94 -9.25 2.07
CA LEU C 108 44.15 -9.40 2.83
C LEU C 108 44.27 -8.25 3.82
N ALA C 109 45.02 -8.46 4.89
CA ALA C 109 45.21 -7.42 5.90
C ALA C 109 46.64 -7.47 6.42
N THR C 110 47.10 -6.34 6.96
CA THR C 110 48.45 -6.27 7.50
C THR C 110 48.55 -7.07 8.79
N LYS C 111 49.79 -7.31 9.22
CA LYS C 111 50.06 -8.08 10.42
C LYS C 111 50.32 -7.21 11.64
N THR C 112 50.52 -5.91 11.44
CA THR C 112 50.82 -4.98 12.53
C THR C 112 49.70 -3.96 12.66
N THR C 113 49.28 -3.73 13.91
CA THR C 113 48.37 -2.63 14.22
C THR C 113 49.18 -1.38 14.51
N PHE C 114 48.61 -0.21 14.21
CA PHE C 114 49.33 1.04 14.32
C PHE C 114 48.57 1.99 15.24
N ALA C 115 49.21 3.13 15.51
CA ALA C 115 48.62 4.10 16.44
C ALA C 115 47.45 4.84 15.81
N THR C 116 47.59 5.24 14.55
CA THR C 116 46.55 6.00 13.86
C THR C 116 46.78 5.87 12.36
N THR C 117 46.04 6.68 11.59
CA THR C 117 46.14 6.63 10.13
C THR C 117 47.29 7.50 9.62
N LYS C 118 47.48 8.68 10.20
CA LYS C 118 48.45 9.65 9.68
C LYS C 118 49.89 9.28 9.99
N GLU C 119 50.13 8.31 10.87
CA GLU C 119 51.49 7.87 11.15
C GLU C 119 52.12 7.27 9.88
N GLN C 120 53.43 7.48 9.73
CA GLN C 120 54.14 7.01 8.56
C GLN C 120 54.47 5.53 8.68
N LEU C 121 54.26 4.79 7.59
CA LEU C 121 54.50 3.36 7.54
C LEU C 121 55.71 2.98 6.69
N GLY C 122 56.44 3.95 6.17
CA GLY C 122 57.58 3.68 5.32
C GLY C 122 58.63 4.75 5.45
N ASP C 123 59.75 4.54 4.75
CA ASP C 123 60.88 5.45 4.85
C ASP C 123 60.52 6.82 4.30
N THR C 124 60.96 7.86 5.00
CA THR C 124 60.74 9.24 4.55
C THR C 124 61.88 9.78 3.70
N SER C 125 63.03 9.11 3.71
CA SER C 125 64.15 9.57 2.88
C SER C 125 63.95 9.20 1.42
N VAL C 126 63.14 8.18 1.14
CA VAL C 126 62.92 7.75 -0.23
C VAL C 126 61.91 8.69 -0.90
N THR C 127 62.26 9.16 -2.10
CA THR C 127 61.41 10.12 -2.79
C THR C 127 60.18 9.46 -3.41
N SER C 128 60.34 8.25 -3.96
CA SER C 128 59.24 7.58 -4.63
C SER C 128 59.50 6.08 -4.63
N ARG C 129 58.43 5.32 -4.84
CA ARG C 129 58.51 3.86 -4.78
C ARG C 129 57.35 3.28 -5.58
N THR C 130 57.41 1.98 -5.82
CA THR C 130 56.45 1.29 -6.68
C THR C 130 55.85 0.10 -5.94
N ILE C 131 54.53 -0.09 -6.11
CA ILE C 131 53.80 -1.23 -5.57
C ILE C 131 53.26 -2.01 -6.76
N LYS C 132 53.58 -3.30 -6.82
CA LYS C 132 53.28 -4.15 -7.96
C LYS C 132 52.35 -5.27 -7.53
N ILE C 133 51.22 -5.40 -8.21
CA ILE C 133 50.22 -6.43 -7.93
C ILE C 133 50.01 -7.23 -9.20
N GLU C 134 50.18 -8.55 -9.10
CA GLU C 134 50.06 -9.46 -10.23
C GLU C 134 48.86 -10.37 -10.03
N GLN C 135 48.00 -10.44 -11.05
CA GLN C 135 46.79 -11.24 -11.06
C GLN C 135 46.73 -12.09 -12.32
N PRO C 136 46.31 -13.36 -12.21
CA PRO C 136 46.18 -14.18 -13.42
C PRO C 136 45.20 -13.65 -14.44
N GLY C 137 44.15 -12.95 -14.01
CA GLY C 137 43.12 -12.52 -14.92
C GLY C 137 43.38 -11.20 -15.61
N ARG C 138 44.54 -10.59 -15.38
CA ARG C 138 44.90 -9.33 -16.02
C ARG C 138 46.10 -9.53 -16.95
N LYS C 139 46.11 -8.74 -18.03
CA LYS C 139 47.14 -8.90 -19.05
C LYS C 139 48.49 -8.34 -18.60
N GLU C 140 48.49 -7.21 -17.91
CA GLU C 140 49.71 -6.59 -17.44
C GLU C 140 49.60 -6.26 -15.97
N PRO C 141 50.70 -6.34 -15.23
CA PRO C 141 50.63 -6.12 -13.77
C PRO C 141 50.27 -4.69 -13.42
N LEU C 142 49.74 -4.53 -12.21
CA LEU C 142 49.28 -3.24 -11.72
C LEU C 142 50.40 -2.57 -10.93
N GLU C 143 50.68 -1.31 -11.25
CA GLU C 143 51.76 -0.58 -10.63
C GLU C 143 51.23 0.72 -10.03
N ILE C 144 51.60 0.99 -8.79
CA ILE C 144 51.18 2.18 -8.06
C ILE C 144 52.43 2.93 -7.61
N LYS C 145 52.46 4.24 -7.89
CA LYS C 145 53.59 5.08 -7.54
C LYS C 145 53.29 5.84 -6.24
N LEU C 146 54.18 5.69 -5.27
CA LEU C 146 54.01 6.31 -3.95
C LEU C 146 55.09 7.36 -3.74
N ASP C 147 54.67 8.49 -3.18
CA ASP C 147 55.53 9.66 -3.03
C ASP C 147 56.42 9.52 -1.79
N LYS C 148 57.05 10.62 -1.40
CA LYS C 148 58.05 10.61 -0.34
C LYS C 148 57.40 10.49 1.04
N GLY C 149 56.58 11.46 1.41
CA GLY C 149 55.94 11.49 2.71
C GLY C 149 54.55 10.89 2.78
N ASP C 150 54.16 10.10 1.78
CA ASP C 150 52.81 9.56 1.68
C ASP C 150 52.74 8.09 2.08
N THR C 151 53.44 7.70 3.14
CA THR C 151 53.39 6.34 3.65
C THR C 151 52.40 6.18 4.80
N SER C 152 51.32 6.95 4.79
CA SER C 152 50.26 6.83 5.78
C SER C 152 49.15 5.94 5.23
N MET C 153 48.53 5.16 6.11
CA MET C 153 47.47 4.25 5.68
C MET C 153 46.39 4.97 4.89
N GLU C 154 46.10 6.22 5.23
CA GLU C 154 45.16 7.00 4.44
C GLU C 154 45.68 7.21 3.02
N ALA C 155 46.97 7.56 2.88
CA ALA C 155 47.52 7.82 1.56
C ALA C 155 47.61 6.55 0.72
N ILE C 156 48.07 5.46 1.32
CA ILE C 156 48.13 4.19 0.61
C ILE C 156 46.73 3.76 0.18
N ARG C 157 45.76 3.90 1.10
CA ARG C 157 44.38 3.53 0.79
C ARG C 157 43.83 4.35 -0.36
N ASP C 158 44.07 5.66 -0.34
CA ASP C 158 43.55 6.52 -1.40
C ASP C 158 44.21 6.20 -2.74
N ALA C 159 45.52 5.95 -2.74
CA ALA C 159 46.20 5.61 -3.99
C ALA C 159 45.68 4.30 -4.57
N ILE C 160 45.51 3.29 -3.72
CA ILE C 160 45.08 1.99 -4.21
C ILE C 160 43.64 2.04 -4.69
N ASN C 161 42.78 2.77 -3.98
CA ASN C 161 41.42 2.96 -4.48
C ASN C 161 41.39 3.81 -5.74
N ASP C 162 42.41 4.65 -5.96
CA ASP C 162 42.48 5.42 -7.20
C ASP C 162 42.98 4.58 -8.37
N ALA C 163 43.69 3.49 -8.08
CA ALA C 163 44.11 2.57 -9.13
C ALA C 163 42.92 2.10 -9.96
N ASP C 164 41.86 1.64 -9.29
CA ASP C 164 40.62 1.23 -9.95
C ASP C 164 40.86 0.09 -10.94
N SER C 165 41.49 -0.98 -10.46
CA SER C 165 41.77 -2.14 -11.30
C SER C 165 41.44 -3.42 -10.54
N GLY C 166 40.31 -3.46 -9.86
CA GLY C 166 39.87 -4.65 -9.17
C GLY C 166 40.43 -4.86 -7.78
N ILE C 167 41.11 -3.87 -7.21
CA ILE C 167 41.55 -3.91 -5.82
C ILE C 167 41.05 -2.65 -5.14
N CYS C 168 40.52 -2.81 -3.92
CA CYS C 168 40.00 -1.70 -3.14
C CYS C 168 40.57 -1.75 -1.73
N ALA C 169 40.79 -0.58 -1.16
CA ALA C 169 41.46 -0.45 0.12
C ALA C 169 40.52 0.10 1.19
N SER C 170 40.73 -0.35 2.43
CA SER C 170 39.94 0.11 3.55
C SER C 170 40.79 0.06 4.81
N ILE C 171 40.35 0.79 5.83
CA ILE C 171 41.03 0.85 7.12
C ILE C 171 40.08 0.28 8.18
N VAL C 172 40.63 -0.51 9.10
CA VAL C 172 39.85 -1.17 10.14
C VAL C 172 40.30 -0.64 11.50
N LYS C 173 39.34 -0.16 12.28
CA LYS C 173 39.60 0.30 13.64
C LYS C 173 39.13 -0.79 14.60
N VAL C 174 40.07 -1.64 15.00
CA VAL C 174 39.74 -2.72 15.94
C VAL C 174 39.23 -2.13 17.25
N LYS C 175 39.98 -1.19 17.82
CA LYS C 175 39.62 -0.49 19.03
C LYS C 175 40.39 0.82 19.06
N GLU C 176 40.43 1.47 20.21
CA GLU C 176 41.20 2.70 20.32
C GLU C 176 42.69 2.40 20.25
N ASN C 177 43.42 3.23 19.50
CA ASN C 177 44.85 3.09 19.28
C ASN C 177 45.18 1.76 18.57
N GLU C 178 44.33 1.34 17.64
CA GLU C 178 44.58 0.17 16.82
C GLU C 178 43.98 0.41 15.44
N PHE C 179 44.75 0.07 14.41
CA PHE C 179 44.31 0.26 13.02
C PHE C 179 44.97 -0.79 12.14
N GLN C 180 44.23 -1.19 11.09
CA GLN C 180 44.71 -2.16 10.11
C GLN C 180 44.38 -1.67 8.71
N LEU C 181 45.16 -2.13 7.74
CA LEU C 181 44.93 -1.87 6.33
C LEU C 181 44.44 -3.16 5.68
N VAL C 182 43.37 -3.06 4.89
CA VAL C 182 42.75 -4.22 4.24
C VAL C 182 42.61 -3.95 2.76
N LEU C 183 43.10 -4.89 1.95
CA LEU C 183 43.07 -4.79 0.49
C LEU C 183 42.24 -5.95 -0.06
N THR C 184 41.28 -5.64 -0.92
CA THR C 184 40.34 -6.65 -1.39
C THR C 184 40.33 -6.71 -2.92
N ALA C 185 40.19 -7.92 -3.44
CA ALA C 185 40.11 -8.22 -4.86
C ALA C 185 38.65 -8.26 -5.30
N ASN C 186 38.41 -8.83 -6.48
CA ASN C 186 37.07 -9.14 -6.94
C ASN C 186 36.83 -10.64 -6.81
N SER C 187 35.68 -11.12 -7.27
CA SER C 187 35.27 -12.51 -7.05
C SER C 187 35.79 -13.40 -8.15
N GLY C 188 36.33 -14.56 -7.76
CA GLY C 188 36.84 -15.53 -8.72
C GLY C 188 38.29 -15.86 -8.38
N THR C 189 38.67 -17.11 -8.65
CA THR C 189 40.05 -17.53 -8.41
C THR C 189 41.02 -16.96 -9.43
N ASP C 190 40.52 -16.31 -10.49
CA ASP C 190 41.38 -15.62 -11.44
C ASP C 190 41.87 -14.28 -10.91
N ASN C 191 41.40 -13.84 -9.74
CA ASN C 191 41.74 -12.52 -9.21
C ASN C 191 42.57 -12.58 -7.94
N THR C 192 43.04 -13.76 -7.54
CA THR C 192 44.02 -13.83 -6.47
C THR C 192 45.28 -13.07 -6.88
N MET C 193 45.88 -12.39 -5.92
CA MET C 193 46.88 -11.37 -6.23
C MET C 193 48.18 -11.61 -5.48
N LYS C 194 49.27 -11.17 -6.09
CA LYS C 194 50.62 -11.29 -5.53
C LYS C 194 51.25 -9.90 -5.52
N ILE C 195 51.67 -9.44 -4.35
CA ILE C 195 52.05 -8.04 -4.16
C ILE C 195 53.53 -7.96 -3.77
N THR C 196 54.22 -6.97 -4.32
CA THR C 196 55.62 -6.70 -4.02
C THR C 196 55.87 -5.21 -4.12
N VAL C 197 57.01 -4.76 -3.60
CA VAL C 197 57.36 -3.35 -3.58
C VAL C 197 58.78 -3.17 -4.09
N GLU C 198 58.96 -2.18 -4.97
CA GLU C 198 60.27 -1.84 -5.53
C GLU C 198 60.65 -0.44 -5.10
N GLY C 199 61.87 -0.30 -4.56
CA GLY C 199 62.44 0.96 -4.15
C GLY C 199 62.44 1.17 -2.65
N ASP C 200 61.53 0.53 -1.93
CA ASP C 200 61.41 0.66 -0.48
C ASP C 200 61.56 -0.71 0.16
N THR C 201 62.00 -0.72 1.42
CA THR C 201 62.19 -1.98 2.12
C THR C 201 61.18 -2.17 3.27
N LYS C 202 60.84 -1.10 3.98
CA LYS C 202 59.85 -1.21 5.05
C LYS C 202 58.46 -1.47 4.47
N LEU C 203 58.06 -0.68 3.47
CA LEU C 203 56.79 -0.91 2.81
C LEU C 203 56.76 -2.28 2.15
N ASN C 204 57.91 -2.78 1.69
CA ASN C 204 57.97 -4.14 1.18
C ASN C 204 57.91 -5.16 2.32
N ASP C 205 58.41 -4.79 3.50
CA ASP C 205 58.22 -5.63 4.67
C ASP C 205 56.77 -5.60 5.14
N LEU C 206 55.98 -4.67 4.63
CA LEU C 206 54.58 -4.51 5.06
C LEU C 206 53.60 -5.18 4.10
N LEU C 207 53.64 -4.81 2.82
CA LEU C 207 52.59 -5.13 1.87
C LEU C 207 52.90 -6.30 0.94
N ALA C 208 54.03 -6.97 1.12
CA ALA C 208 54.42 -8.03 0.19
C ALA C 208 53.65 -9.31 0.49
N TYR C 209 52.89 -9.78 -0.51
CA TYR C 209 52.19 -11.05 -0.41
C TYR C 209 52.43 -11.86 -1.68
N ASP C 210 52.49 -13.18 -1.53
CA ASP C 210 52.65 -14.11 -2.64
C ASP C 210 51.51 -15.12 -2.57
N SER C 211 50.54 -14.99 -3.48
CA SER C 211 49.38 -15.88 -3.45
C SER C 211 49.70 -17.26 -4.04
N THR C 212 50.62 -17.33 -5.00
CA THR C 212 50.96 -18.62 -5.60
C THR C 212 51.59 -19.54 -4.56
N THR C 213 52.50 -19.01 -3.74
CA THR C 213 53.18 -19.80 -2.71
C THR C 213 52.50 -19.70 -1.35
N ASN C 214 51.46 -18.88 -1.22
CA ASN C 214 50.75 -18.67 0.06
C ASN C 214 51.72 -18.19 1.14
N THR C 215 52.60 -17.27 0.77
CA THR C 215 53.54 -16.65 1.72
C THR C 215 53.44 -15.14 1.54
N GLY C 216 53.71 -14.39 2.60
CA GLY C 216 53.68 -12.95 2.45
C GLY C 216 53.78 -12.26 3.79
N ASN C 217 53.81 -10.93 3.73
CA ASN C 217 53.85 -10.10 4.93
C ASN C 217 52.47 -9.66 5.38
N MET C 218 51.48 -9.72 4.49
CA MET C 218 50.09 -9.52 4.85
C MET C 218 49.52 -10.84 5.38
N GLN C 219 48.21 -10.88 5.59
CA GLN C 219 47.54 -12.10 5.98
C GLN C 219 46.16 -12.15 5.33
N GLU C 220 45.74 -13.35 4.94
CA GLU C 220 44.48 -13.52 4.23
C GLU C 220 43.31 -13.39 5.19
N LEU C 221 42.33 -12.56 4.81
CA LEU C 221 41.07 -12.52 5.53
C LEU C 221 40.01 -13.38 4.82
N VAL C 222 39.81 -13.14 3.53
CA VAL C 222 38.79 -13.83 2.76
C VAL C 222 39.44 -14.50 1.55
N LYS C 223 39.21 -15.80 1.41
CA LYS C 223 39.79 -16.60 0.34
C LYS C 223 38.83 -16.71 -0.84
N ALA C 224 39.38 -16.76 -2.05
CA ALA C 224 38.59 -16.67 -3.27
C ALA C 224 38.05 -18.03 -3.70
N GLU C 225 36.80 -18.04 -4.15
CA GLU C 225 36.14 -19.26 -4.59
C GLU C 225 35.28 -18.95 -5.81
N ASN C 226 34.88 -20.01 -6.52
CA ASN C 226 34.07 -19.93 -7.71
C ASN C 226 32.64 -20.37 -7.44
N ALA C 227 31.70 -19.81 -8.19
CA ALA C 227 30.30 -20.18 -8.07
C ALA C 227 30.03 -21.46 -8.84
N LYS C 228 29.21 -22.33 -8.25
CA LYS C 228 28.90 -23.63 -8.83
C LYS C 228 27.43 -23.94 -8.62
N LEU C 229 26.75 -24.31 -9.69
CA LEU C 229 25.33 -24.64 -9.60
C LEU C 229 25.01 -25.75 -10.60
N ASN C 230 23.82 -26.33 -10.44
CA ASN C 230 23.33 -27.38 -11.31
C ASN C 230 21.97 -26.97 -11.85
N VAL C 231 21.81 -27.01 -13.16
CA VAL C 231 20.58 -26.61 -13.83
C VAL C 231 20.18 -27.73 -14.78
N ASN C 232 19.06 -28.40 -14.49
CA ASN C 232 18.50 -29.44 -15.35
C ASN C 232 19.55 -30.50 -15.69
N GLY C 233 20.33 -30.90 -14.70
CA GLY C 233 21.33 -31.94 -14.89
C GLY C 233 22.63 -31.49 -15.50
N ILE C 234 22.80 -30.19 -15.76
CA ILE C 234 24.03 -29.65 -16.33
C ILE C 234 24.72 -28.82 -15.27
N ASP C 235 25.99 -29.12 -15.01
CA ASP C 235 26.77 -28.34 -14.05
C ASP C 235 27.28 -27.06 -14.70
N ILE C 236 27.15 -25.95 -13.98
CA ILE C 236 27.58 -24.63 -14.44
C ILE C 236 28.54 -24.07 -13.40
N GLU C 237 29.66 -23.54 -13.87
CA GLU C 237 30.65 -22.89 -13.02
C GLU C 237 30.87 -21.47 -13.52
N ARG C 238 31.00 -20.53 -12.59
CA ARG C 238 31.19 -19.13 -12.93
C ARG C 238 32.15 -18.49 -11.95
N GLN C 239 32.59 -17.28 -12.29
CA GLN C 239 33.45 -16.51 -11.39
C GLN C 239 32.63 -15.78 -10.34
N SER C 240 31.73 -14.89 -10.78
CA SER C 240 30.88 -14.12 -9.90
C SER C 240 29.67 -14.96 -9.47
N ASN C 241 28.69 -14.28 -8.87
CA ASN C 241 27.42 -14.89 -8.50
C ASN C 241 26.29 -14.46 -9.41
N THR C 242 26.61 -13.92 -10.58
CA THR C 242 25.62 -13.63 -11.62
C THR C 242 25.87 -14.61 -12.76
N VAL C 243 25.11 -15.71 -12.76
CA VAL C 243 25.22 -16.75 -13.77
C VAL C 243 24.29 -16.40 -14.92
N THR C 244 24.83 -16.40 -16.14
CA THR C 244 24.10 -15.84 -17.28
C THR C 244 23.83 -16.81 -18.42
N ASP C 245 24.56 -17.91 -18.53
CA ASP C 245 24.40 -18.83 -19.66
C ASP C 245 24.28 -20.26 -19.18
N ALA C 246 23.46 -20.51 -18.16
CA ALA C 246 23.21 -21.92 -17.85
C ALA C 246 22.24 -22.44 -18.92
N PRO C 247 21.00 -21.90 -19.07
CA PRO C 247 20.44 -21.82 -20.42
C PRO C 247 20.74 -20.47 -21.04
N GLN C 248 21.27 -20.43 -22.26
CA GLN C 248 21.63 -19.15 -22.85
C GLN C 248 20.37 -18.32 -23.05
N GLY C 249 20.24 -17.25 -22.27
CA GLY C 249 19.06 -16.40 -22.27
C GLY C 249 18.45 -16.18 -20.91
N ILE C 250 18.88 -16.91 -19.88
CA ILE C 250 18.36 -16.78 -18.54
C ILE C 250 19.53 -16.48 -17.60
N THR C 251 19.38 -15.43 -16.78
CA THR C 251 20.42 -14.98 -15.88
C THR C 251 19.95 -15.18 -14.44
N LEU C 252 20.70 -15.97 -13.69
CA LEU C 252 20.39 -16.24 -12.28
C LEU C 252 21.23 -15.36 -11.37
N THR C 253 20.74 -15.17 -10.16
CA THR C 253 21.44 -14.42 -9.12
C THR C 253 21.38 -15.23 -7.83
N LEU C 254 22.54 -15.46 -7.24
CA LEU C 254 22.74 -16.47 -6.19
C LEU C 254 22.95 -15.75 -4.87
N THR C 255 21.85 -15.46 -4.16
CA THR C 255 21.98 -14.81 -2.87
C THR C 255 22.28 -15.80 -1.75
N LYS C 256 21.66 -16.98 -1.79
CA LYS C 256 21.89 -18.01 -0.79
C LYS C 256 21.92 -19.37 -1.47
N LYS C 257 22.59 -20.32 -0.82
CA LYS C 257 22.55 -21.70 -1.29
C LYS C 257 21.13 -22.23 -1.23
N VAL C 258 20.66 -22.79 -2.35
CA VAL C 258 19.30 -23.28 -2.46
C VAL C 258 19.36 -24.70 -3.01
N THR C 259 18.34 -25.49 -2.69
CA THR C 259 18.24 -26.86 -3.16
C THR C 259 16.90 -27.09 -3.85
N ASP C 260 16.97 -27.69 -5.05
CA ASP C 260 15.79 -28.10 -5.81
C ASP C 260 14.80 -26.95 -6.00
N ALA C 261 15.29 -25.74 -6.11
CA ALA C 261 14.42 -24.62 -6.47
C ALA C 261 13.90 -24.81 -7.89
N THR C 262 12.60 -24.68 -8.05
CA THR C 262 11.96 -24.80 -9.35
C THR C 262 11.82 -23.41 -9.94
N VAL C 263 12.45 -23.19 -11.09
CA VAL C 263 12.31 -21.95 -11.84
C VAL C 263 11.50 -22.29 -13.08
N THR C 264 10.30 -21.72 -13.16
CA THR C 264 9.41 -21.95 -14.29
C THR C 264 9.46 -20.74 -15.21
N VAL C 265 9.59 -21.00 -16.51
CA VAL C 265 9.65 -19.97 -17.52
C VAL C 265 8.54 -20.25 -18.52
N THR C 266 7.73 -19.22 -18.79
CA THR C 266 6.61 -19.35 -19.72
C THR C 266 6.72 -18.28 -20.79
N LYS C 267 6.06 -18.52 -21.91
CA LYS C 267 6.01 -17.54 -22.99
C LYS C 267 5.18 -16.34 -22.55
N ASP C 268 5.44 -15.19 -23.18
CA ASP C 268 4.74 -13.97 -22.85
C ASP C 268 4.66 -13.08 -24.08
N ASP C 269 3.51 -12.41 -24.25
CA ASP C 269 3.32 -11.53 -25.39
C ASP C 269 2.61 -10.23 -25.02
N THR C 270 2.51 -9.91 -23.73
CA THR C 270 1.89 -8.65 -23.34
C THR C 270 2.69 -7.47 -23.88
N LYS C 271 4.02 -7.56 -23.82
CA LYS C 271 4.86 -6.56 -24.49
C LYS C 271 4.64 -6.60 -25.99
N ALA C 272 4.56 -7.81 -26.56
CA ALA C 272 4.36 -7.95 -28.00
C ALA C 272 3.03 -7.34 -28.42
N LYS C 273 1.94 -7.70 -27.72
CA LYS C 273 0.65 -7.16 -28.09
C LYS C 273 0.57 -5.66 -27.83
N GLU C 274 1.21 -5.17 -26.77
CA GLU C 274 1.21 -3.74 -26.52
C GLU C 274 1.95 -2.99 -27.62
N ALA C 275 3.07 -3.52 -28.09
CA ALA C 275 3.77 -2.92 -29.21
C ALA C 275 2.92 -2.96 -30.47
N ILE C 276 2.19 -4.07 -30.69
CA ILE C 276 1.31 -4.16 -31.85
C ILE C 276 0.23 -3.08 -31.79
N LYS C 277 -0.41 -2.93 -30.63
CA LYS C 277 -1.43 -1.89 -30.48
C LYS C 277 -0.83 -0.50 -30.66
N SER C 278 0.37 -0.27 -30.12
CA SER C 278 1.02 1.04 -30.26
C SER C 278 1.28 1.36 -31.73
N TRP C 279 1.80 0.39 -32.49
CA TRP C 279 2.04 0.63 -33.90
C TRP C 279 0.73 0.83 -34.67
N VAL C 280 -0.29 0.05 -34.32
CA VAL C 280 -1.58 0.21 -35.01
C VAL C 280 -2.16 1.59 -34.74
N ASP C 281 -2.08 2.06 -33.50
CA ASP C 281 -2.60 3.38 -33.18
C ASP C 281 -1.77 4.48 -33.84
N ALA C 282 -0.45 4.26 -33.95
CA ALA C 282 0.38 5.22 -34.68
C ALA C 282 -0.01 5.28 -36.15
N TYR C 283 -0.29 4.13 -36.76
CA TYR C 283 -0.77 4.12 -38.14
C TYR C 283 -2.12 4.80 -38.26
N ASN C 284 -2.99 4.58 -37.26
CA ASN C 284 -4.28 5.26 -37.25
C ASN C 284 -4.11 6.77 -37.21
N SER C 285 -3.22 7.26 -36.35
CA SER C 285 -2.95 8.70 -36.29
C SER C 285 -2.37 9.20 -37.61
N LEU C 286 -1.47 8.44 -38.22
CA LEU C 286 -0.88 8.84 -39.49
C LEU C 286 -1.95 8.96 -40.58
N VAL C 287 -2.83 7.96 -40.69
CA VAL C 287 -3.85 8.00 -41.73
C VAL C 287 -4.89 9.06 -41.42
N ASP C 288 -5.15 9.33 -40.14
CA ASP C 288 -6.04 10.43 -39.78
C ASP C 288 -5.45 11.76 -40.21
N THR C 289 -4.14 11.96 -40.00
CA THR C 289 -3.48 13.17 -40.46
C THR C 289 -3.53 13.27 -41.98
N PHE C 290 -3.30 12.14 -42.66
CA PHE C 290 -3.37 12.13 -44.12
C PHE C 290 -4.76 12.52 -44.62
N SER C 291 -5.81 11.96 -43.99
CA SER C 291 -7.17 12.28 -44.39
C SER C 291 -7.52 13.73 -44.09
N SER C 292 -7.03 14.26 -42.97
CA SER C 292 -7.24 15.67 -42.67
C SER C 292 -6.57 16.56 -43.70
N LEU C 293 -5.34 16.21 -44.11
CA LEU C 293 -4.65 16.99 -45.12
C LEU C 293 -5.26 16.76 -46.51
N THR C 294 -5.96 15.64 -46.69
CA THR C 294 -6.70 15.38 -47.93
C THR C 294 -8.20 15.50 -47.74
N LYS C 295 -8.65 16.17 -46.68
CA LYS C 295 -10.07 16.33 -46.45
C LYS C 295 -10.68 17.33 -47.43
N TYR C 296 -11.80 16.95 -48.02
CA TYR C 296 -12.51 17.81 -48.96
C TYR C 296 -13.96 17.95 -48.50
N THR C 297 -14.46 19.18 -48.55
CA THR C 297 -15.82 19.49 -48.14
C THR C 297 -16.63 19.92 -49.34
N ALA C 298 -17.81 19.32 -49.51
CA ALA C 298 -18.68 19.68 -50.63
C ALA C 298 -19.19 21.10 -50.47
N VAL C 299 -19.24 21.83 -51.59
CA VAL C 299 -19.70 23.21 -51.60
C VAL C 299 -20.73 23.38 -52.71
N GLU C 300 -21.57 24.40 -52.57
CA GLU C 300 -22.56 24.71 -53.59
C GLU C 300 -21.88 25.31 -54.81
N PRO C 301 -22.48 25.14 -55.99
CA PRO C 301 -21.91 25.76 -57.20
C PRO C 301 -21.85 27.27 -57.07
N GLY C 302 -20.73 27.85 -57.51
CA GLY C 302 -20.52 29.27 -57.44
C GLY C 302 -20.06 29.79 -56.10
N GLU C 303 -19.93 28.93 -55.09
CA GLU C 303 -19.51 29.36 -53.77
C GLU C 303 -17.99 29.40 -53.67
N GLU C 304 -17.51 30.09 -52.64
CA GLU C 304 -16.08 30.20 -52.41
C GLU C 304 -15.52 28.87 -51.87
N ALA C 305 -14.23 28.67 -52.08
CA ALA C 305 -13.58 27.46 -51.59
C ALA C 305 -13.53 27.46 -50.06
N SER C 306 -13.94 26.35 -49.47
CA SER C 306 -13.94 26.24 -48.01
C SER C 306 -12.53 26.13 -47.47
N ASP C 307 -12.26 26.85 -46.37
CA ASP C 307 -10.94 26.77 -45.75
C ASP C 307 -10.74 25.46 -45.02
N LYS C 308 -11.81 24.72 -44.75
CA LYS C 308 -11.69 23.42 -44.09
C LYS C 308 -11.11 22.36 -45.02
N ASN C 309 -11.05 22.63 -46.31
CA ASN C 309 -10.52 21.64 -47.26
C ASN C 309 -9.03 21.44 -47.05
N GLY C 310 -8.60 20.18 -47.13
CA GLY C 310 -7.18 19.88 -47.01
C GLY C 310 -6.39 20.39 -48.21
N ALA C 311 -5.16 20.83 -47.92
CA ALA C 311 -4.32 21.38 -48.97
C ALA C 311 -3.64 20.31 -49.80
N LEU C 312 -3.65 19.06 -49.32
CA LEU C 312 -2.99 17.95 -50.00
C LEU C 312 -3.95 17.17 -50.90
N LEU C 313 -4.99 17.81 -51.43
CA LEU C 313 -5.93 17.13 -52.30
C LEU C 313 -5.28 16.82 -53.64
N GLY C 314 -5.41 15.58 -54.09
CA GLY C 314 -4.88 15.17 -55.38
C GLY C 314 -3.38 15.30 -55.51
N ASP C 315 -2.64 14.85 -54.51
CA ASP C 315 -1.18 14.90 -54.51
C ASP C 315 -0.61 13.54 -54.89
N SER C 316 0.34 13.54 -55.82
CA SER C 316 0.98 12.30 -56.24
C SER C 316 1.77 11.63 -55.13
N VAL C 317 2.48 12.41 -54.31
CA VAL C 317 3.31 11.84 -53.26
C VAL C 317 2.45 11.11 -52.24
N VAL C 318 1.35 11.74 -51.81
CA VAL C 318 0.48 11.14 -50.80
C VAL C 318 -0.12 9.85 -51.34
N ARG C 319 -0.63 9.89 -52.57
CA ARG C 319 -1.24 8.70 -53.16
C ARG C 319 -0.22 7.58 -53.31
N THR C 320 0.99 7.90 -53.75
CA THR C 320 2.02 6.88 -53.92
C THR C 320 2.39 6.26 -52.59
N ILE C 321 2.57 7.08 -51.55
CA ILE C 321 2.96 6.56 -50.24
C ILE C 321 1.85 5.68 -49.67
N GLN C 322 0.60 6.14 -49.77
CA GLN C 322 -0.51 5.36 -49.24
C GLN C 322 -0.68 4.05 -50.01
N THR C 323 -0.49 4.09 -51.33
CA THR C 323 -0.56 2.85 -52.12
C THR C 323 0.54 1.89 -51.72
N GLY C 324 1.76 2.39 -51.49
CA GLY C 324 2.83 1.53 -51.05
C GLY C 324 2.55 0.90 -49.69
N ILE C 325 2.02 1.70 -48.76
CA ILE C 325 1.69 1.17 -47.44
C ILE C 325 0.59 0.11 -47.54
N ARG C 326 -0.44 0.37 -48.37
CA ARG C 326 -1.51 -0.59 -48.52
C ARG C 326 -1.02 -1.88 -49.19
N ALA C 327 -0.07 -1.75 -50.12
CA ALA C 327 0.55 -2.95 -50.68
C ALA C 327 1.35 -3.71 -49.63
N GLN C 328 2.03 -2.99 -48.73
CA GLN C 328 2.71 -3.64 -47.63
C GLN C 328 1.72 -4.34 -46.70
N PHE C 329 0.49 -3.82 -46.60
CA PHE C 329 -0.53 -4.47 -45.79
C PHE C 329 -0.84 -5.87 -46.31
N ALA C 330 -0.93 -6.02 -47.63
CA ALA C 330 -1.09 -7.34 -48.24
C ALA C 330 0.28 -7.94 -48.48
N ASN C 331 0.78 -8.71 -47.52
CA ASN C 331 2.13 -9.24 -47.54
C ASN C 331 2.31 -10.20 -48.70
N SER C 332 3.50 -10.19 -49.30
CA SER C 332 3.86 -11.12 -50.35
C SER C 332 5.26 -11.66 -50.08
N GLY C 333 5.45 -12.95 -50.39
CA GLY C 333 6.72 -13.60 -50.17
C GLY C 333 6.92 -14.19 -48.79
N SER C 334 5.97 -14.00 -47.88
CA SER C 334 6.09 -14.54 -46.54
C SER C 334 5.80 -16.03 -46.51
N ASN C 335 6.50 -16.74 -45.63
CA ASN C 335 6.30 -18.18 -45.46
C ASN C 335 5.24 -18.50 -44.40
N SER C 336 4.66 -17.48 -43.77
CA SER C 336 3.67 -17.71 -42.72
C SER C 336 2.36 -18.23 -43.32
N ALA C 337 1.62 -18.97 -42.49
CA ALA C 337 0.32 -19.46 -42.91
C ALA C 337 -0.66 -18.31 -43.15
N PHE C 338 -0.61 -17.28 -42.31
CA PHE C 338 -1.43 -16.09 -42.48
C PHE C 338 -0.68 -15.13 -43.38
N LYS C 339 -1.38 -14.55 -44.36
CA LYS C 339 -0.76 -13.60 -45.27
C LYS C 339 -1.12 -12.15 -44.98
N THR C 340 -2.06 -11.89 -44.07
CA THR C 340 -2.52 -10.54 -43.80
C THR C 340 -3.05 -10.47 -42.37
N MET C 341 -2.98 -9.27 -41.77
CA MET C 341 -3.57 -9.06 -40.45
C MET C 341 -5.08 -9.08 -40.48
N ALA C 342 -5.69 -9.04 -41.68
CA ALA C 342 -7.13 -9.29 -41.77
C ALA C 342 -7.46 -10.69 -41.25
N GLU C 343 -6.62 -11.68 -41.60
CA GLU C 343 -6.73 -12.99 -40.98
C GLU C 343 -6.45 -12.91 -39.48
N ILE C 344 -5.47 -12.08 -39.09
CA ILE C 344 -5.13 -11.94 -37.67
C ILE C 344 -6.26 -11.26 -36.92
N GLY C 345 -6.84 -10.20 -37.48
CA GLY C 345 -7.97 -9.55 -36.85
C GLY C 345 -7.99 -8.04 -36.91
N ILE C 346 -6.97 -7.43 -37.54
CA ILE C 346 -6.87 -5.99 -37.65
C ILE C 346 -7.35 -5.58 -39.03
N THR C 347 -8.41 -4.78 -39.08
CA THR C 347 -9.03 -4.37 -40.34
C THR C 347 -9.09 -2.86 -40.44
N GLN C 348 -8.86 -2.35 -41.65
CA GLN C 348 -8.80 -0.91 -41.87
C GLN C 348 -10.16 -0.40 -42.33
N ASP C 349 -10.71 0.56 -41.60
CA ASP C 349 -11.96 1.20 -42.00
C ASP C 349 -11.71 2.12 -43.19
N GLY C 350 -12.70 2.22 -44.07
CA GLY C 350 -12.52 3.02 -45.28
C GLY C 350 -12.65 4.51 -45.02
N THR C 351 -13.74 4.92 -44.36
CA THR C 351 -13.99 6.34 -44.17
C THR C 351 -12.96 6.97 -43.24
N SER C 352 -12.74 6.35 -42.07
CA SER C 352 -11.81 6.93 -41.11
C SER C 352 -10.36 6.65 -41.50
N GLY C 353 -10.10 5.48 -42.09
CA GLY C 353 -8.75 5.10 -42.43
C GLY C 353 -7.93 4.56 -41.29
N LYS C 354 -8.51 4.43 -40.10
CA LYS C 354 -7.79 3.98 -38.91
C LYS C 354 -8.10 2.51 -38.68
N LEU C 355 -7.05 1.75 -38.34
CA LEU C 355 -7.19 0.32 -38.14
C LEU C 355 -7.97 0.03 -36.86
N LYS C 356 -8.79 -1.02 -36.90
CA LYS C 356 -9.52 -1.52 -35.76
C LYS C 356 -9.05 -2.93 -35.46
N ILE C 357 -8.73 -3.21 -34.20
CA ILE C 357 -8.09 -4.45 -33.80
C ILE C 357 -9.13 -5.37 -33.16
N ASP C 358 -9.15 -6.63 -33.59
CA ASP C 358 -9.87 -7.69 -32.88
C ASP C 358 -8.92 -8.22 -31.82
N ASP C 359 -9.00 -7.64 -30.61
CA ASP C 359 -8.01 -7.94 -29.58
C ASP C 359 -8.03 -9.43 -29.21
N ASP C 360 -9.22 -10.01 -29.06
CA ASP C 360 -9.30 -11.42 -28.71
C ASP C 360 -8.70 -12.30 -29.80
N LYS C 361 -9.02 -12.01 -31.06
CA LYS C 361 -8.53 -12.84 -32.16
C LYS C 361 -7.03 -12.64 -32.37
N LEU C 362 -6.54 -11.41 -32.19
CA LEU C 362 -5.11 -11.16 -32.25
C LEU C 362 -4.38 -11.91 -31.15
N THR C 363 -4.92 -11.90 -29.93
CA THR C 363 -4.31 -12.63 -28.83
C THR C 363 -4.31 -14.13 -29.12
N LYS C 364 -5.41 -14.64 -29.68
CA LYS C 364 -5.47 -16.06 -30.06
C LYS C 364 -4.38 -16.40 -31.07
N VAL C 365 -4.25 -15.56 -32.10
CA VAL C 365 -3.24 -15.81 -33.14
C VAL C 365 -1.84 -15.79 -32.55
N LEU C 366 -1.55 -14.81 -31.70
CA LEU C 366 -0.22 -14.71 -31.09
C LEU C 366 0.06 -15.90 -30.19
N LYS C 367 -0.91 -16.31 -29.38
CA LYS C 367 -0.68 -17.38 -28.40
C LYS C 367 -0.54 -18.73 -29.10
N ASP C 368 -1.36 -19.00 -30.12
CA ASP C 368 -1.38 -20.33 -30.72
C ASP C 368 -0.10 -20.61 -31.51
N ASN C 369 0.31 -19.67 -32.37
CA ASN C 369 1.47 -19.86 -33.24
C ASN C 369 2.34 -18.60 -33.16
N THR C 370 3.36 -18.65 -32.32
CA THR C 370 4.27 -17.51 -32.16
C THR C 370 5.20 -17.37 -33.36
N ALA C 371 5.78 -18.47 -33.83
CA ALA C 371 6.73 -18.39 -34.92
C ALA C 371 6.09 -17.91 -36.21
N ALA C 372 4.84 -18.31 -36.46
CA ALA C 372 4.14 -17.86 -37.65
C ALA C 372 3.98 -16.35 -37.67
N ALA C 373 3.48 -15.78 -36.56
CA ALA C 373 3.33 -14.33 -36.47
C ALA C 373 4.67 -13.62 -36.55
N ARG C 374 5.70 -14.19 -35.90
CA ARG C 374 7.02 -13.57 -35.92
C ARG C 374 7.58 -13.50 -37.33
N GLU C 375 7.47 -14.60 -38.09
CA GLU C 375 7.91 -14.58 -39.48
C GLU C 375 7.06 -13.63 -40.31
N LEU C 376 5.76 -13.57 -40.04
CA LEU C 376 4.87 -12.69 -40.78
C LEU C 376 5.28 -11.24 -40.59
N LEU C 377 5.63 -10.85 -39.36
CA LEU C 377 6.06 -9.48 -39.10
C LEU C 377 7.55 -9.28 -39.34
N VAL C 378 8.39 -10.23 -38.93
CA VAL C 378 9.83 -10.03 -38.98
C VAL C 378 10.46 -10.90 -40.06
N GLY C 379 10.32 -12.21 -39.93
CA GLY C 379 10.97 -13.10 -40.88
C GLY C 379 12.47 -13.08 -40.70
N ASP C 380 13.21 -13.20 -41.81
CA ASP C 380 14.66 -13.18 -41.74
C ASP C 380 15.21 -11.80 -41.42
N GLY C 381 14.38 -10.76 -41.55
CA GLY C 381 14.79 -9.41 -41.22
C GLY C 381 15.45 -8.65 -42.35
N LYS C 382 15.62 -9.25 -43.52
CA LYS C 382 16.26 -8.60 -44.66
C LYS C 382 15.28 -8.31 -45.78
N GLU C 383 14.57 -9.33 -46.28
CA GLU C 383 13.65 -9.16 -47.39
C GLU C 383 12.20 -9.45 -47.05
N THR C 384 11.92 -10.38 -46.13
CA THR C 384 10.57 -10.74 -45.77
C THR C 384 10.21 -10.17 -44.41
N GLY C 385 8.94 -10.27 -44.06
CA GLY C 385 8.43 -9.74 -42.80
C GLY C 385 7.75 -8.41 -43.00
N ILE C 386 6.51 -8.28 -42.52
CA ILE C 386 5.75 -7.05 -42.75
C ILE C 386 6.43 -5.86 -42.09
N THR C 387 6.89 -6.03 -40.85
CA THR C 387 7.60 -4.94 -40.18
C THR C 387 8.86 -4.56 -40.96
N THR C 388 9.61 -5.56 -41.43
CA THR C 388 10.85 -5.29 -42.15
C THR C 388 10.57 -4.54 -43.45
N LYS C 389 9.62 -5.03 -44.25
CA LYS C 389 9.31 -4.39 -45.52
C LYS C 389 8.74 -2.99 -45.31
N ILE C 390 7.88 -2.83 -44.30
CA ILE C 390 7.32 -1.52 -44.01
C ILE C 390 8.41 -0.54 -43.57
N ALA C 391 9.32 -0.99 -42.72
CA ALA C 391 10.42 -0.13 -42.31
C ALA C 391 11.28 0.28 -43.48
N THR C 392 11.61 -0.67 -44.36
CA THR C 392 12.41 -0.36 -45.54
C THR C 392 11.69 0.65 -46.42
N GLU C 393 10.39 0.44 -46.65
CA GLU C 393 9.62 1.34 -47.51
C GLU C 393 9.56 2.74 -46.92
N VAL C 394 9.31 2.84 -45.61
CA VAL C 394 9.18 4.16 -44.98
C VAL C 394 10.52 4.88 -44.96
N LYS C 395 11.61 4.16 -44.69
CA LYS C 395 12.93 4.79 -44.76
C LYS C 395 13.23 5.27 -46.17
N SER C 396 12.89 4.48 -47.18
CA SER C 396 13.10 4.91 -48.56
C SER C 396 12.27 6.15 -48.88
N TYR C 397 11.03 6.19 -48.40
CA TYR C 397 10.17 7.35 -48.63
C TYR C 397 10.74 8.59 -47.96
N LEU C 398 11.24 8.46 -46.73
CA LEU C 398 11.70 9.60 -45.95
C LEU C 398 13.20 9.88 -46.12
N ALA C 399 13.92 9.05 -46.88
CA ALA C 399 15.34 9.27 -47.05
C ALA C 399 15.61 10.50 -47.91
N ASP C 400 16.85 10.97 -47.86
CA ASP C 400 17.27 12.06 -48.73
C ASP C 400 17.20 11.62 -50.18
N ASP C 401 16.93 12.59 -51.06
CA ASP C 401 16.63 12.38 -52.48
C ASP C 401 15.39 11.54 -52.70
N GLY C 402 14.56 11.36 -51.67
CA GLY C 402 13.33 10.62 -51.82
C GLY C 402 12.23 11.47 -52.43
N ILE C 403 11.02 10.90 -52.45
CA ILE C 403 9.90 11.58 -53.08
C ILE C 403 9.56 12.88 -52.33
N ILE C 404 9.65 12.86 -51.00
CA ILE C 404 9.39 14.07 -50.24
C ILE C 404 10.50 15.10 -50.45
N ASP C 405 11.76 14.65 -50.42
CA ASP C 405 12.88 15.56 -50.65
C ASP C 405 12.83 16.13 -52.07
N ASN C 406 12.49 15.29 -53.05
CA ASN C 406 12.36 15.78 -54.42
C ASN C 406 11.22 16.79 -54.54
N ALA C 407 10.09 16.53 -53.87
CA ALA C 407 8.98 17.47 -53.91
C ALA C 407 9.38 18.80 -53.28
N GLN C 408 10.09 18.76 -52.15
CA GLN C 408 10.53 20.00 -51.51
C GLN C 408 11.52 20.75 -52.39
N ASP C 409 12.43 20.03 -53.06
CA ASP C 409 13.37 20.68 -53.96
C ASP C 409 12.65 21.33 -55.14
N ASN C 410 11.63 20.65 -55.67
CA ASN C 410 10.84 21.23 -56.76
C ASN C 410 10.11 22.48 -56.29
N VAL C 411 9.55 22.44 -55.08
CA VAL C 411 8.85 23.61 -54.54
C VAL C 411 9.81 24.77 -54.37
N ASN C 412 11.00 24.51 -53.82
CA ASN C 412 12.00 25.57 -53.64
C ASN C 412 12.56 26.05 -54.96
N ALA C 413 12.47 25.25 -56.02
CA ALA C 413 12.99 25.64 -57.33
C ALA C 413 12.14 26.75 -57.95
N ALA D 39 15.72 52.77 -21.89
CA ALA D 39 16.89 52.16 -22.50
C ALA D 39 17.81 51.56 -21.44
N ASN D 40 18.19 52.37 -20.46
CA ASN D 40 19.07 51.89 -19.40
C ASN D 40 18.31 51.01 -18.41
N SER D 41 17.01 51.21 -18.27
CA SER D 41 16.22 50.36 -17.38
C SER D 41 16.22 48.91 -17.86
N ALA D 42 16.11 48.71 -19.18
CA ALA D 42 16.19 47.37 -19.73
C ALA D 42 17.57 46.75 -19.48
N LYS D 43 18.62 47.57 -19.58
CA LYS D 43 19.97 47.08 -19.29
C LYS D 43 20.09 46.64 -17.84
N LEU D 44 19.56 47.44 -16.92
CA LEU D 44 19.62 47.08 -15.50
C LEU D 44 18.81 45.81 -15.22
N THR D 45 17.65 45.68 -15.85
CA THR D 45 16.85 44.48 -15.68
C THR D 45 17.58 43.24 -16.20
N ALA D 46 18.25 43.38 -17.34
CA ALA D 46 19.03 42.28 -17.88
C ALA D 46 20.20 41.93 -16.97
N TYR D 47 20.85 42.95 -16.39
CA TYR D 47 21.93 42.69 -15.45
C TYR D 47 21.43 41.93 -14.23
N GLY D 48 20.27 42.33 -13.70
CA GLY D 48 19.71 41.62 -12.56
C GLY D 48 19.32 40.19 -12.89
N THR D 49 18.73 39.97 -14.07
CA THR D 49 18.37 38.63 -14.48
C THR D 49 19.61 37.75 -14.64
N LEU D 50 20.67 38.30 -15.24
CA LEU D 50 21.92 37.55 -15.37
C LEU D 50 22.51 37.23 -14.00
N LYS D 51 22.44 38.18 -13.07
CA LYS D 51 22.95 37.94 -11.72
C LYS D 51 22.18 36.81 -11.05
N SER D 52 20.85 36.80 -11.18
CA SER D 52 20.04 35.74 -10.59
C SER D 52 20.36 34.39 -11.21
N ALA D 53 20.48 34.34 -12.54
CA ALA D 53 20.79 33.08 -13.21
C ALA D 53 22.17 32.57 -12.79
N LEU D 54 23.15 33.47 -12.71
CA LEU D 54 24.49 33.08 -12.27
C LEU D 54 24.48 32.59 -10.83
N GLU D 55 23.70 33.22 -9.96
CA GLU D 55 23.59 32.76 -8.59
C GLU D 55 23.00 31.36 -8.53
N LYS D 56 21.95 31.09 -9.31
CA LYS D 56 21.36 29.77 -9.33
C LYS D 56 22.35 28.72 -9.85
N PHE D 57 23.07 29.05 -10.92
CA PHE D 57 24.05 28.12 -11.46
C PHE D 57 25.18 27.86 -10.47
N GLN D 58 25.63 28.91 -9.77
CA GLN D 58 26.66 28.74 -8.76
C GLN D 58 26.19 27.86 -7.61
N THR D 59 24.93 28.04 -7.18
CA THR D 59 24.39 27.19 -6.13
C THR D 59 24.34 25.73 -6.57
N ALA D 60 23.88 25.48 -7.81
CA ALA D 60 23.83 24.11 -8.30
C ALA D 60 25.22 23.50 -8.41
N ASN D 61 26.19 24.28 -8.90
CA ASN D 61 27.56 23.78 -9.01
C ASN D 61 28.15 23.50 -7.64
N THR D 62 27.87 24.35 -6.66
CA THR D 62 28.34 24.11 -5.30
C THR D 62 27.74 22.85 -4.73
N ALA D 63 26.45 22.60 -5.00
CA ALA D 63 25.84 21.34 -4.61
C ALA D 63 26.54 20.15 -5.26
N LEU D 64 26.89 20.29 -6.55
CA LEU D 64 27.62 19.27 -7.26
C LEU D 64 29.05 19.06 -6.74
N ASN D 65 29.62 20.08 -6.09
CA ASN D 65 31.05 20.09 -5.81
C ASN D 65 31.49 18.90 -4.96
N LYS D 66 30.73 18.59 -3.91
CA LYS D 66 31.16 17.60 -2.93
C LYS D 66 31.34 16.23 -3.58
N ALA D 67 32.46 15.58 -3.30
CA ALA D 67 32.88 14.37 -4.00
C ALA D 67 32.49 13.08 -3.30
N ASP D 68 31.81 13.15 -2.16
CA ASP D 68 31.41 11.92 -1.48
C ASP D 68 30.41 11.11 -2.30
N LEU D 69 29.73 11.74 -3.25
CA LEU D 69 28.74 11.03 -4.05
C LEU D 69 29.39 10.04 -5.01
N PHE D 70 30.62 10.33 -5.45
CA PHE D 70 31.30 9.41 -6.37
C PHE D 70 31.62 8.08 -5.70
N LYS D 71 32.04 8.11 -4.44
CA LYS D 71 32.33 6.89 -3.69
C LYS D 71 31.10 6.50 -2.88
N SER D 72 30.00 6.31 -3.60
CA SER D 72 28.72 5.95 -3.00
C SER D 72 28.48 4.46 -3.16
N THR D 73 28.09 3.82 -2.06
CA THR D 73 27.81 2.39 -2.06
C THR D 73 26.45 2.15 -1.43
N VAL D 74 25.90 0.96 -1.70
CA VAL D 74 24.65 0.52 -1.12
C VAL D 74 24.83 -0.90 -0.59
N ALA D 75 24.28 -1.15 0.60
CA ALA D 75 24.50 -2.40 1.30
C ALA D 75 23.18 -3.05 1.66
N SER D 76 23.25 -4.35 1.89
CA SER D 76 22.08 -5.11 2.35
C SER D 76 22.55 -6.33 3.11
N SER D 77 21.62 -6.90 3.89
CA SER D 77 21.90 -8.07 4.71
C SER D 77 20.82 -9.12 4.48
N THR D 78 21.16 -10.36 4.82
CA THR D 78 20.20 -11.45 4.71
C THR D 78 19.15 -11.40 5.80
N THR D 79 19.56 -11.10 7.03
CA THR D 79 18.66 -11.08 8.18
C THR D 79 18.15 -9.67 8.44
N GLU D 80 17.00 -9.59 9.10
CA GLU D 80 16.41 -8.32 9.47
C GLU D 80 16.79 -7.87 10.88
N ASP D 81 17.60 -8.65 11.59
CA ASP D 81 18.10 -8.22 12.89
C ASP D 81 19.22 -7.19 12.72
N LEU D 82 20.30 -7.58 12.05
CA LEU D 82 21.38 -6.66 11.77
C LEU D 82 20.90 -5.55 10.83
N LYS D 83 21.34 -4.33 11.09
CA LYS D 83 21.06 -3.20 10.20
C LYS D 83 22.38 -2.60 9.72
N VAL D 84 22.39 -2.10 8.49
CA VAL D 84 23.61 -1.63 7.85
C VAL D 84 23.36 -0.27 7.22
N SER D 85 24.35 0.62 7.32
CA SER D 85 24.29 1.92 6.66
C SER D 85 25.68 2.27 6.13
N THR D 86 25.74 2.63 4.85
CA THR D 86 27.00 2.96 4.20
C THR D 86 26.91 4.36 3.61
N THR D 87 27.92 5.18 3.87
CA THR D 87 27.97 6.54 3.35
C THR D 87 29.03 6.70 2.27
N ALA D 88 30.29 6.40 2.60
CA ALA D 88 31.38 6.57 1.63
C ALA D 88 32.59 5.78 2.11
N GLY D 89 33.54 5.60 1.20
CA GLY D 89 34.78 4.92 1.53
C GLY D 89 34.61 3.48 1.94
N ALA D 90 33.60 2.79 1.40
CA ALA D 90 33.33 1.41 1.73
C ALA D 90 33.84 0.49 0.63
N CYS D 91 34.66 -0.48 0.99
CA CYS D 91 35.16 -1.45 0.02
C CYS D 91 34.03 -2.40 -0.35
N ALA D 92 33.53 -2.27 -1.58
CA ALA D 92 32.45 -3.13 -2.05
C ALA D 92 32.85 -4.59 -1.96
N GLY D 93 31.95 -5.42 -1.45
CA GLY D 93 32.27 -6.82 -1.27
C GLY D 93 31.25 -7.50 -0.39
N THR D 94 31.69 -8.55 0.29
CA THR D 94 30.85 -9.36 1.14
C THR D 94 31.50 -9.52 2.51
N TYR D 95 30.76 -9.22 3.56
CA TYR D 95 31.23 -9.33 4.93
C TYR D 95 30.38 -10.32 5.70
N LYS D 96 31.02 -11.29 6.34
CA LYS D 96 30.34 -12.25 7.20
C LYS D 96 30.40 -11.71 8.62
N ILE D 97 29.30 -11.11 9.07
CA ILE D 97 29.26 -10.36 10.32
C ILE D 97 28.56 -11.17 11.38
N ASN D 98 29.29 -11.53 12.43
CA ASN D 98 28.77 -12.27 13.56
C ASN D 98 28.68 -11.35 14.77
N VAL D 99 27.47 -11.14 15.28
CA VAL D 99 27.23 -10.25 16.41
C VAL D 99 27.29 -11.11 17.68
N THR D 100 28.49 -11.27 18.24
CA THR D 100 28.64 -12.19 19.35
C THR D 100 28.11 -11.63 20.66
N GLN D 101 27.83 -10.34 20.72
CA GLN D 101 27.41 -9.71 21.97
C GLN D 101 26.73 -8.38 21.67
N LEU D 102 25.90 -7.94 22.61
CA LEU D 102 25.30 -6.61 22.57
C LEU D 102 25.75 -5.84 23.81
N ALA D 103 25.42 -4.55 23.84
CA ALA D 103 25.86 -3.67 24.89
C ALA D 103 24.75 -3.43 25.89
N ALA D 104 25.05 -3.65 27.18
CA ALA D 104 24.13 -3.42 28.27
C ALA D 104 24.60 -2.25 29.11
N ALA D 105 23.67 -1.38 29.49
CA ALA D 105 23.96 -0.30 30.42
C ALA D 105 23.99 -0.87 31.84
N GLN D 106 24.22 0.01 32.81
CA GLN D 106 24.13 -0.35 34.22
C GLN D 106 22.98 0.41 34.85
N SER D 107 22.13 -0.30 35.58
CA SER D 107 21.04 0.33 36.32
C SER D 107 20.98 -0.29 37.70
N LEU D 108 20.80 0.58 38.69
CA LEU D 108 20.84 0.27 40.12
C LEU D 108 19.51 0.66 40.74
N ALA D 109 19.19 0.04 41.87
CA ALA D 109 17.94 0.32 42.56
C ALA D 109 18.16 0.26 44.06
N THR D 110 17.28 0.91 44.81
CA THR D 110 17.38 0.94 46.26
C THR D 110 17.05 -0.42 46.85
N LYS D 111 17.45 -0.60 48.10
CA LYS D 111 17.18 -1.84 48.82
C LYS D 111 15.88 -1.79 49.62
N THR D 112 15.26 -0.62 49.72
CA THR D 112 14.06 -0.44 50.53
C THR D 112 12.92 0.08 49.67
N THR D 113 11.74 -0.49 49.86
CA THR D 113 10.51 0.02 49.29
C THR D 113 9.84 0.97 50.28
N PHE D 114 9.14 1.96 49.77
CA PHE D 114 8.58 3.00 50.61
C PHE D 114 7.07 3.14 50.37
N ALA D 115 6.45 4.03 51.13
CA ALA D 115 5.00 4.17 51.08
C ALA D 115 4.56 4.86 49.80
N THR D 116 5.23 5.94 49.42
CA THR D 116 4.86 6.70 48.23
C THR D 116 6.05 7.53 47.78
N THR D 117 5.83 8.38 46.78
CA THR D 117 6.89 9.22 46.24
C THR D 117 7.19 10.42 47.14
N LYS D 118 6.16 11.03 47.71
CA LYS D 118 6.33 12.29 48.43
C LYS D 118 6.92 12.13 49.82
N GLU D 119 7.02 10.90 50.33
CA GLU D 119 7.62 10.67 51.63
C GLU D 119 9.11 11.03 51.61
N GLN D 120 9.57 11.68 52.68
CA GLN D 120 10.95 12.15 52.74
C GLN D 120 11.92 10.99 52.94
N LEU D 121 13.07 11.07 52.25
CA LEU D 121 14.07 10.02 52.28
C LEU D 121 15.30 10.40 53.10
N GLY D 122 15.38 11.63 53.60
CA GLY D 122 16.56 12.08 54.31
C GLY D 122 16.20 13.09 55.38
N ASP D 123 17.24 13.57 56.07
CA ASP D 123 17.04 14.47 57.20
C ASP D 123 16.44 15.79 56.73
N THR D 124 15.49 16.31 57.51
CA THR D 124 14.86 17.59 57.22
C THR D 124 15.57 18.76 57.88
N SER D 125 16.40 18.50 58.90
CA SER D 125 17.12 19.58 59.56
C SER D 125 18.31 20.05 58.73
N VAL D 126 18.78 19.22 57.80
CA VAL D 126 19.92 19.59 56.98
C VAL D 126 19.45 20.50 55.85
N THR D 127 20.12 21.65 55.68
CA THR D 127 19.68 22.63 54.70
C THR D 127 20.04 22.21 53.27
N SER D 128 21.22 21.62 53.08
CA SER D 128 21.66 21.25 51.73
C SER D 128 22.66 20.11 51.84
N ARG D 129 22.84 19.40 50.73
CA ARG D 129 23.67 18.21 50.69
C ARG D 129 24.11 17.96 49.26
N THR D 130 25.08 17.07 49.07
CA THR D 130 25.65 16.83 47.76
C THR D 130 25.72 15.33 47.48
N ILE D 131 25.44 14.96 46.24
CA ILE D 131 25.51 13.59 45.74
C ILE D 131 26.60 13.55 44.68
N LYS D 132 27.56 12.64 44.85
CA LYS D 132 28.75 12.56 44.00
C LYS D 132 28.76 11.22 43.28
N ILE D 133 28.87 11.26 41.96
CA ILE D 133 28.90 10.08 41.11
C ILE D 133 30.19 10.12 40.30
N GLU D 134 30.99 9.06 40.40
CA GLU D 134 32.28 8.95 39.74
C GLU D 134 32.22 7.86 38.67
N GLN D 135 32.63 8.20 37.46
CA GLN D 135 32.65 7.32 36.30
C GLN D 135 34.02 7.35 35.65
N PRO D 136 34.54 6.19 35.23
CA PRO D 136 35.85 6.18 34.53
C PRO D 136 35.85 6.98 33.25
N GLY D 137 34.72 7.05 32.54
CA GLY D 137 34.70 7.71 31.24
C GLY D 137 34.49 9.20 31.28
N ARG D 138 34.40 9.80 32.46
CA ARG D 138 34.23 11.24 32.61
C ARG D 138 35.46 11.85 33.25
N LYS D 139 35.76 13.10 32.86
CA LYS D 139 36.97 13.76 33.33
C LYS D 139 36.83 14.26 34.77
N GLU D 140 35.65 14.76 35.13
CA GLU D 140 35.41 15.27 36.47
C GLU D 140 34.13 14.65 37.04
N PRO D 141 34.10 14.40 38.35
CA PRO D 141 32.93 13.73 38.94
C PRO D 141 31.69 14.59 38.88
N LEU D 142 30.55 13.92 38.93
CA LEU D 142 29.24 14.56 38.84
C LEU D 142 28.72 14.89 40.24
N GLU D 143 28.29 16.12 40.44
CA GLU D 143 27.83 16.59 41.74
C GLU D 143 26.42 17.15 41.60
N ILE D 144 25.53 16.72 42.49
CA ILE D 144 24.14 17.17 42.51
C ILE D 144 23.83 17.76 43.88
N LYS D 145 23.26 18.96 43.89
CA LYS D 145 22.95 19.66 45.13
C LYS D 145 21.49 19.47 45.48
N LEU D 146 21.22 18.97 46.68
CA LEU D 146 19.87 18.69 47.15
C LEU D 146 19.54 19.61 48.31
N ASP D 147 18.31 20.13 48.28
CA ASP D 147 17.86 21.15 49.22
C ASP D 147 17.44 20.53 50.54
N LYS D 148 16.76 21.33 51.37
CA LYS D 148 16.39 20.91 52.72
C LYS D 148 15.23 19.93 52.72
N GLY D 149 14.08 20.35 52.19
CA GLY D 149 12.89 19.53 52.17
C GLY D 149 12.67 18.74 50.90
N ASP D 150 13.69 18.60 50.06
CA ASP D 150 13.57 17.95 48.76
C ASP D 150 14.14 16.55 48.76
N THR D 151 13.90 15.77 49.81
CA THR D 151 14.35 14.38 49.89
C THR D 151 13.25 13.40 49.54
N SER D 152 12.38 13.75 48.59
CA SER D 152 11.36 12.83 48.09
C SER D 152 11.85 12.20 46.79
N MET D 153 11.47 10.94 46.57
CA MET D 153 11.91 10.22 45.38
C MET D 153 11.60 11.01 44.11
N GLU D 154 10.49 11.74 44.08
CA GLU D 154 10.21 12.60 42.94
C GLU D 154 11.26 13.69 42.81
N ALA D 155 11.66 14.31 43.92
CA ALA D 155 12.62 15.41 43.86
C ALA D 155 14.01 14.90 43.47
N ILE D 156 14.44 13.79 44.09
CA ILE D 156 15.73 13.19 43.73
C ILE D 156 15.74 12.79 42.26
N ARG D 157 14.64 12.17 41.80
CA ARG D 157 14.54 11.75 40.41
C ARG D 157 14.63 12.94 39.47
N ASP D 158 13.92 14.03 39.78
CA ASP D 158 13.95 15.20 38.91
C ASP D 158 15.34 15.84 38.90
N ALA D 159 15.99 15.93 40.06
CA ALA D 159 17.32 16.52 40.10
C ALA D 159 18.32 15.69 39.29
N ILE D 160 18.28 14.37 39.44
CA ILE D 160 19.24 13.52 38.75
C ILE D 160 18.97 13.52 37.24
N ASN D 161 17.71 13.53 36.83
CA ASN D 161 17.41 13.67 35.41
C ASN D 161 17.77 15.06 34.90
N ASP D 162 17.82 16.07 35.77
CA ASP D 162 18.26 17.40 35.36
C ASP D 162 19.78 17.49 35.26
N ALA D 163 20.50 16.58 35.92
CA ALA D 163 21.95 16.54 35.78
C ALA D 163 22.35 16.41 34.30
N ASP D 164 21.74 15.44 33.60
CA ASP D 164 21.96 15.25 32.16
C ASP D 164 23.43 14.96 31.86
N SER D 165 23.99 13.98 32.55
CA SER D 165 25.38 13.58 32.36
C SER D 165 25.51 12.07 32.31
N GLY D 166 24.62 11.41 31.60
CA GLY D 166 24.70 9.98 31.42
C GLY D 166 24.06 9.14 32.51
N ILE D 167 23.33 9.74 33.44
CA ILE D 167 22.55 9.02 34.43
C ILE D 167 21.12 9.53 34.38
N CYS D 168 20.17 8.61 34.42
CA CYS D 168 18.74 8.92 34.36
C CYS D 168 18.02 8.21 35.50
N ALA D 169 16.98 8.86 36.03
CA ALA D 169 16.28 8.37 37.20
C ALA D 169 14.85 8.00 36.85
N SER D 170 14.35 6.98 37.55
CA SER D 170 12.98 6.52 37.37
C SER D 170 12.46 5.96 38.68
N ILE D 171 11.14 5.85 38.78
CA ILE D 171 10.47 5.30 39.96
C ILE D 171 9.71 4.05 39.53
N VAL D 172 9.76 3.02 40.37
CA VAL D 172 9.15 1.73 40.07
C VAL D 172 8.05 1.47 41.10
N LYS D 173 6.85 1.20 40.62
CA LYS D 173 5.71 0.85 41.47
C LYS D 173 5.54 -0.66 41.39
N VAL D 174 6.13 -1.38 42.35
CA VAL D 174 6.00 -2.83 42.38
C VAL D 174 4.53 -3.23 42.54
N LYS D 175 3.86 -2.64 43.52
CA LYS D 175 2.45 -2.86 43.77
C LYS D 175 1.95 -1.66 44.58
N GLU D 176 0.76 -1.79 45.16
CA GLU D 176 0.23 -0.73 46.00
C GLU D 176 1.04 -0.61 47.29
N ASN D 177 1.34 0.64 47.67
CA ASN D 177 2.15 0.95 48.85
C ASN D 177 3.56 0.37 48.74
N GLU D 178 4.13 0.40 47.54
CA GLU D 178 5.51 0.00 47.31
C GLU D 178 6.10 0.84 46.19
N PHE D 179 7.31 1.34 46.41
CA PHE D 179 7.99 2.19 45.43
C PHE D 179 9.50 2.00 45.56
N GLN D 180 10.18 2.11 44.42
CA GLN D 180 11.63 2.01 44.35
C GLN D 180 12.18 3.12 43.48
N LEU D 181 13.44 3.48 43.73
CA LEU D 181 14.18 4.43 42.92
C LEU D 181 15.22 3.68 42.10
N VAL D 182 15.29 3.98 40.80
CA VAL D 182 16.19 3.29 39.88
C VAL D 182 17.01 4.33 39.13
N LEU D 183 18.33 4.15 39.14
CA LEU D 183 19.27 5.05 38.48
C LEU D 183 20.03 4.27 37.42
N THR D 184 20.07 4.79 36.19
CA THR D 184 20.64 4.07 35.07
C THR D 184 21.74 4.90 34.40
N ALA D 185 22.77 4.19 33.96
CA ALA D 185 23.92 4.74 33.25
C ALA D 185 23.69 4.66 31.74
N ASN D 186 24.76 4.83 30.97
CA ASN D 186 24.75 4.56 29.54
C ASN D 186 25.48 3.24 29.28
N SER D 187 25.64 2.88 28.01
CA SER D 187 26.16 1.57 27.63
C SER D 187 27.68 1.60 27.55
N GLY D 188 28.31 0.58 28.11
CA GLY D 188 29.76 0.45 28.09
C GLY D 188 30.30 0.30 29.50
N THR D 189 31.38 -0.45 29.64
CA THR D 189 32.00 -0.62 30.95
C THR D 189 32.74 0.62 31.41
N ASP D 190 32.88 1.63 30.56
CA ASP D 190 33.46 2.89 30.96
C ASP D 190 32.47 3.77 31.73
N ASN D 191 31.22 3.34 31.86
CA ASN D 191 30.19 4.16 32.48
C ASN D 191 29.66 3.56 33.78
N THR D 192 30.28 2.50 34.29
CA THR D 192 29.97 2.04 35.64
C THR D 192 30.28 3.15 36.63
N MET D 193 29.43 3.29 37.65
CA MET D 193 29.41 4.48 38.48
C MET D 193 29.53 4.13 39.95
N LYS D 194 30.14 5.06 40.70
CA LYS D 194 30.32 4.92 42.14
C LYS D 194 29.72 6.15 42.81
N ILE D 195 28.79 5.94 43.75
CA ILE D 195 27.96 7.02 44.28
C ILE D 195 28.21 7.17 45.77
N THR D 196 28.27 8.42 46.21
CA THR D 196 28.43 8.76 47.62
C THR D 196 27.66 10.05 47.90
N VAL D 197 27.44 10.34 49.18
CA VAL D 197 26.70 11.52 49.59
C VAL D 197 27.47 12.22 50.71
N GLU D 198 27.60 13.53 50.60
CA GLU D 198 28.27 14.35 51.61
C GLU D 198 27.32 15.42 52.14
N GLY D 199 27.29 15.58 53.47
CA GLY D 199 26.41 16.51 54.15
C GLY D 199 25.24 15.83 54.82
N ASP D 200 24.84 14.65 54.34
CA ASP D 200 23.72 13.91 54.89
C ASP D 200 24.18 12.48 55.20
N THR D 201 23.49 11.83 56.12
CA THR D 201 23.85 10.47 56.49
C THR D 201 22.78 9.46 56.08
N LYS D 202 21.51 9.82 56.17
CA LYS D 202 20.44 8.90 55.76
C LYS D 202 20.42 8.74 54.24
N LEU D 203 20.49 9.86 53.50
CA LEU D 203 20.58 9.77 52.05
C LEU D 203 21.84 9.03 51.63
N ASN D 204 22.93 9.19 52.38
CA ASN D 204 24.12 8.38 52.12
C ASN D 204 23.89 6.92 52.49
N ASP D 205 23.03 6.66 53.47
CA ASP D 205 22.64 5.28 53.75
C ASP D 205 21.75 4.71 52.65
N LEU D 206 21.18 5.57 51.81
CA LEU D 206 20.27 5.14 50.76
C LEU D 206 20.96 4.95 49.41
N LEU D 207 21.69 5.97 48.95
CA LEU D 207 22.15 6.05 47.57
C LEU D 207 23.63 5.71 47.38
N ALA D 208 24.34 5.28 48.41
CA ALA D 208 25.78 5.07 48.29
C ALA D 208 26.06 3.71 47.63
N TYR D 209 26.75 3.74 46.49
CA TYR D 209 27.20 2.53 45.82
C TYR D 209 28.67 2.68 45.43
N ASP D 210 29.38 1.56 45.45
CA ASP D 210 30.78 1.49 45.04
C ASP D 210 30.92 0.41 43.98
N SER D 211 31.09 0.83 42.72
CA SER D 211 31.16 -0.13 41.63
C SER D 211 32.51 -0.84 41.56
N THR D 212 33.60 -0.15 41.94
CA THR D 212 34.92 -0.76 41.89
C THR D 212 35.01 -1.94 42.85
N THR D 213 34.49 -1.79 44.07
CA THR D 213 34.51 -2.85 45.05
C THR D 213 33.24 -3.70 45.06
N ASN D 214 32.25 -3.35 44.23
CA ASN D 214 30.98 -4.06 44.17
C ASN D 214 30.30 -4.11 45.54
N THR D 215 30.33 -2.99 46.24
CA THR D 215 29.66 -2.83 47.53
C THR D 215 28.83 -1.56 47.48
N GLY D 216 27.75 -1.51 48.25
CA GLY D 216 26.97 -0.29 48.27
C GLY D 216 25.66 -0.49 48.99
N ASN D 217 24.91 0.61 49.10
CA ASN D 217 23.59 0.59 49.70
C ASN D 217 22.48 0.40 48.69
N MET D 218 22.75 0.69 47.42
CA MET D 218 21.83 0.35 46.34
C MET D 218 22.02 -1.12 45.95
N GLN D 219 21.34 -1.53 44.89
CA GLN D 219 21.45 -2.90 44.40
C GLN D 219 21.50 -2.86 42.88
N GLU D 220 22.24 -3.80 42.28
CA GLU D 220 22.42 -3.80 40.84
C GLU D 220 21.26 -4.49 40.15
N LEU D 221 20.68 -3.79 39.16
CA LEU D 221 19.67 -4.41 38.30
C LEU D 221 20.28 -4.89 37.00
N VAL D 222 20.95 -4.01 36.27
CA VAL D 222 21.51 -4.32 34.95
C VAL D 222 23.00 -4.02 34.97
N LYS D 223 23.80 -5.02 34.60
CA LYS D 223 25.25 -4.93 34.60
C LYS D 223 25.76 -4.56 33.21
N ALA D 224 26.85 -3.79 33.17
CA ALA D 224 27.33 -3.18 31.93
C ALA D 224 28.25 -4.13 31.17
N GLU D 225 28.09 -4.15 29.84
CA GLU D 225 28.87 -4.99 28.96
C GLU D 225 29.21 -4.23 27.69
N ASN D 226 30.17 -4.78 26.94
CA ASN D 226 30.64 -4.19 25.69
C ASN D 226 30.17 -5.00 24.50
N ALA D 227 29.96 -4.31 23.38
CA ALA D 227 29.56 -4.98 22.15
C ALA D 227 30.76 -5.62 21.47
N LYS D 228 30.56 -6.82 20.94
CA LYS D 228 31.63 -7.59 20.32
C LYS D 228 31.10 -8.26 19.06
N LEU D 229 31.79 -8.06 17.95
CA LEU D 229 31.37 -8.69 16.70
C LEU D 229 32.60 -9.07 15.89
N ASN D 230 32.38 -9.84 14.84
CA ASN D 230 33.44 -10.30 13.95
C ASN D 230 33.05 -9.97 12.52
N VAL D 231 33.93 -9.28 11.80
CA VAL D 231 33.69 -8.86 10.43
C VAL D 231 34.88 -9.30 9.59
N ASN D 232 34.64 -10.23 8.66
CA ASN D 232 35.65 -10.68 7.71
C ASN D 232 36.95 -11.10 8.41
N GLY D 233 36.81 -11.82 9.51
CA GLY D 233 37.95 -12.33 10.23
C GLY D 233 38.61 -11.35 11.18
N ILE D 234 38.07 -10.13 11.32
CA ILE D 234 38.61 -9.12 12.21
C ILE D 234 37.64 -8.92 13.35
N ASP D 235 38.13 -9.03 14.58
CA ASP D 235 37.29 -8.83 15.76
C ASP D 235 37.16 -7.34 16.05
N ILE D 236 35.94 -6.89 16.32
CA ILE D 236 35.64 -5.49 16.60
C ILE D 236 34.96 -5.43 17.96
N GLU D 237 35.40 -4.49 18.79
CA GLU D 237 34.78 -4.24 20.09
C GLU D 237 34.37 -2.79 20.17
N ARG D 238 33.20 -2.54 20.77
CA ARG D 238 32.67 -1.20 20.90
C ARG D 238 31.97 -1.04 22.24
N GLN D 239 31.65 0.20 22.58
CA GLN D 239 30.90 0.49 23.80
C GLN D 239 29.41 0.29 23.57
N SER D 240 28.83 1.06 22.66
CA SER D 240 27.42 0.98 22.33
C SER D 240 27.15 -0.17 21.37
N ASN D 241 25.95 -0.18 20.81
CA ASN D 241 25.57 -1.15 19.78
C ASN D 241 25.49 -0.52 18.40
N THR D 242 26.11 0.63 18.21
CA THR D 242 26.28 1.25 16.90
C THR D 242 27.76 1.17 16.55
N VAL D 243 28.12 0.15 15.79
CA VAL D 243 29.50 -0.10 15.37
C VAL D 243 29.73 0.64 14.06
N THR D 244 30.78 1.46 14.00
CA THR D 244 30.95 2.40 12.89
C THR D 244 32.22 2.23 12.09
N ASP D 245 33.25 1.57 12.62
CA ASP D 245 34.52 1.45 11.90
C ASP D 245 35.03 0.01 11.90
N ALA D 246 34.15 -0.95 11.60
CA ALA D 246 34.68 -2.29 11.40
C ALA D 246 35.37 -2.30 10.03
N PRO D 247 34.65 -2.03 8.90
CA PRO D 247 35.32 -1.33 7.80
C PRO D 247 35.05 0.16 7.89
N GLN D 248 36.09 0.99 7.86
CA GLN D 248 35.86 2.43 7.99
C GLN D 248 35.01 2.94 6.84
N GLY D 249 33.77 3.31 7.15
CA GLY D 249 32.80 3.73 6.15
C GLY D 249 31.48 3.01 6.22
N ILE D 250 31.38 1.93 7.00
CA ILE D 250 30.15 1.15 7.14
C ILE D 250 29.77 1.11 8.62
N THR D 251 28.52 1.45 8.92
CA THR D 251 28.02 1.52 10.28
C THR D 251 26.96 0.44 10.47
N LEU D 252 27.19 -0.45 11.43
CA LEU D 252 26.27 -1.52 11.74
C LEU D 252 25.42 -1.17 12.95
N THR D 253 24.26 -1.83 13.06
CA THR D 253 23.36 -1.69 14.19
C THR D 253 22.93 -3.08 14.63
N LEU D 254 23.10 -3.35 15.92
CA LEU D 254 23.07 -4.71 16.47
C LEU D 254 21.79 -4.86 17.30
N THR D 255 20.70 -5.27 16.65
CA THR D 255 19.46 -5.47 17.37
C THR D 255 19.40 -6.84 18.05
N LYS D 256 19.91 -7.87 17.38
CA LYS D 256 19.92 -9.22 17.94
C LYS D 256 21.24 -9.89 17.57
N LYS D 257 21.61 -10.89 18.38
CA LYS D 257 22.76 -11.71 18.04
C LYS D 257 22.50 -12.47 16.75
N VAL D 258 23.43 -12.36 15.80
CA VAL D 258 23.27 -12.97 14.49
C VAL D 258 24.53 -13.79 14.21
N THR D 259 24.39 -14.81 13.36
CA THR D 259 25.51 -15.66 12.98
C THR D 259 25.61 -15.71 11.45
N ASP D 260 26.82 -15.51 10.95
CA ASP D 260 27.14 -15.65 9.53
C ASP D 260 26.20 -14.83 8.64
N ALA D 261 25.73 -13.69 9.14
CA ALA D 261 24.97 -12.79 8.28
C ALA D 261 25.86 -12.24 7.18
N THR D 262 25.38 -12.30 5.96
CA THR D 262 26.11 -11.79 4.80
C THR D 262 25.65 -10.37 4.53
N VAL D 263 26.58 -9.42 4.63
CA VAL D 263 26.32 -8.04 4.28
C VAL D 263 27.04 -7.78 2.98
N THR D 264 26.28 -7.54 1.91
CA THR D 264 26.84 -7.28 0.59
C THR D 264 26.77 -5.78 0.33
N VAL D 265 27.88 -5.23 -0.16
CA VAL D 265 28.01 -3.81 -0.47
C VAL D 265 28.43 -3.70 -1.93
N THR D 266 27.68 -2.91 -2.70
CA THR D 266 27.97 -2.71 -4.11
C THR D 266 28.09 -1.23 -4.39
N LYS D 267 28.76 -0.91 -5.50
CA LYS D 267 28.89 0.47 -5.94
C LYS D 267 27.53 1.00 -6.38
N ASP D 268 27.39 2.32 -6.35
CA ASP D 268 26.15 2.96 -6.74
C ASP D 268 26.43 4.36 -7.28
N ASP D 269 25.68 4.74 -8.32
CA ASP D 269 25.87 6.05 -8.93
C ASP D 269 24.55 6.73 -9.27
N THR D 270 23.41 6.23 -8.77
CA THR D 270 22.15 6.89 -9.04
C THR D 270 22.13 8.30 -8.45
N LYS D 271 22.72 8.48 -7.27
CA LYS D 271 22.92 9.82 -6.74
C LYS D 271 23.89 10.60 -7.63
N ALA D 272 24.98 9.95 -8.06
CA ALA D 272 25.92 10.61 -8.95
C ALA D 272 25.27 10.96 -10.28
N LYS D 273 24.51 10.03 -10.85
CA LYS D 273 23.80 10.31 -12.09
C LYS D 273 22.81 11.46 -11.93
N GLU D 274 22.04 11.47 -10.85
CA GLU D 274 21.07 12.53 -10.64
C GLU D 274 21.75 13.88 -10.44
N ALA D 275 22.90 13.89 -9.73
CA ALA D 275 23.64 15.13 -9.58
C ALA D 275 24.18 15.62 -10.92
N ILE D 276 24.65 14.70 -11.77
CA ILE D 276 25.13 15.08 -13.09
C ILE D 276 24.00 15.68 -13.92
N LYS D 277 22.83 15.04 -13.90
CA LYS D 277 21.68 15.58 -14.61
C LYS D 277 21.28 16.94 -14.06
N SER D 278 21.31 17.11 -12.73
CA SER D 278 20.95 18.39 -12.14
C SER D 278 21.90 19.49 -12.58
N TRP D 279 23.21 19.20 -12.59
CA TRP D 279 24.19 20.19 -13.04
C TRP D 279 24.00 20.50 -14.52
N VAL D 280 23.73 19.48 -15.33
CA VAL D 280 23.51 19.71 -16.76
C VAL D 280 22.29 20.60 -16.98
N ASP D 281 21.19 20.32 -16.26
CA ASP D 281 19.98 21.10 -16.43
C ASP D 281 20.17 22.53 -15.91
N ALA D 282 20.94 22.70 -14.84
CA ALA D 282 21.24 24.05 -14.36
C ALA D 282 22.07 24.81 -15.39
N TYR D 283 23.04 24.15 -16.01
CA TYR D 283 23.81 24.79 -17.08
C TYR D 283 22.91 25.14 -18.26
N ASN D 284 21.98 24.25 -18.60
CA ASN D 284 21.03 24.53 -19.67
C ASN D 284 20.19 25.76 -19.35
N SER D 285 19.69 25.85 -18.12
CA SER D 285 18.91 27.02 -17.72
C SER D 285 19.76 28.29 -17.78
N LEU D 286 21.00 28.21 -17.31
CA LEU D 286 21.88 29.38 -17.33
C LEU D 286 22.14 29.84 -18.76
N VAL D 287 22.43 28.89 -19.67
CA VAL D 287 22.72 29.27 -21.05
C VAL D 287 21.46 29.78 -21.74
N ASP D 288 20.30 29.23 -21.41
CA ASP D 288 19.05 29.74 -21.96
C ASP D 288 18.81 31.18 -21.50
N THR D 289 19.07 31.46 -20.22
CA THR D 289 18.94 32.82 -19.73
C THR D 289 19.93 33.75 -20.42
N PHE D 290 21.17 33.30 -20.61
CA PHE D 290 22.16 34.10 -21.32
C PHE D 290 21.71 34.39 -22.75
N SER D 291 21.22 33.37 -23.46
CA SER D 291 20.78 33.55 -24.83
C SER D 291 19.58 34.49 -24.91
N SER D 292 18.65 34.38 -23.96
CA SER D 292 17.53 35.32 -23.91
C SER D 292 18.03 36.75 -23.68
N LEU D 293 19.00 36.91 -22.78
CA LEU D 293 19.55 38.24 -22.53
C LEU D 293 20.47 38.70 -23.65
N THR D 294 20.90 37.77 -24.51
CA THR D 294 21.64 38.11 -25.72
C THR D 294 20.84 37.83 -26.98
N LYS D 295 19.53 37.63 -26.86
CA LYS D 295 18.70 37.36 -28.02
C LYS D 295 18.54 38.62 -28.87
N TYR D 296 18.72 38.46 -30.18
CA TYR D 296 18.55 39.56 -31.12
C TYR D 296 17.57 39.14 -32.20
N THR D 297 16.57 39.98 -32.43
CA THR D 297 15.53 39.72 -33.41
C THR D 297 15.78 40.54 -34.66
N ALA D 298 15.81 39.88 -35.81
CA ALA D 298 16.02 40.58 -37.06
C ALA D 298 14.87 41.53 -37.35
N VAL D 299 15.22 42.76 -37.72
CA VAL D 299 14.24 43.80 -38.01
C VAL D 299 14.62 44.48 -39.32
N GLU D 300 13.63 45.12 -39.93
CA GLU D 300 13.86 45.86 -41.15
C GLU D 300 14.71 47.09 -40.87
N PRO D 301 15.52 47.53 -41.83
CA PRO D 301 16.34 48.73 -41.62
C PRO D 301 15.47 49.94 -41.36
N GLY D 302 15.92 50.77 -40.42
CA GLY D 302 15.19 51.96 -40.04
C GLY D 302 14.08 51.75 -39.04
N GLU D 303 13.83 50.51 -38.63
CA GLU D 303 12.77 50.23 -37.68
C GLU D 303 13.23 50.51 -36.25
N GLU D 304 12.27 50.61 -35.34
CA GLU D 304 12.57 50.85 -33.94
C GLU D 304 13.17 49.61 -33.29
N ALA D 305 13.90 49.83 -32.20
CA ALA D 305 14.52 48.73 -31.48
C ALA D 305 13.45 47.89 -30.79
N SER D 306 13.53 46.58 -30.99
CA SER D 306 12.54 45.67 -30.41
C SER D 306 12.84 45.44 -28.94
N ASP D 307 11.78 45.37 -28.14
CA ASP D 307 11.94 45.04 -26.71
C ASP D 307 12.32 43.58 -26.52
N LYS D 308 12.02 42.73 -27.51
CA LYS D 308 12.43 41.33 -27.44
C LYS D 308 13.94 41.16 -27.51
N ASN D 309 14.66 42.17 -28.01
CA ASN D 309 16.11 42.08 -28.11
C ASN D 309 16.74 42.09 -26.73
N GLY D 310 17.68 41.19 -26.51
CA GLY D 310 18.39 41.15 -25.25
C GLY D 310 19.22 42.40 -25.02
N ALA D 311 19.16 42.91 -23.80
CA ALA D 311 19.87 44.14 -23.47
C ALA D 311 21.36 43.88 -23.24
N LEU D 312 21.76 42.61 -23.14
CA LEU D 312 23.15 42.24 -22.90
C LEU D 312 23.91 41.94 -24.19
N LEU D 313 23.51 42.54 -25.30
CA LEU D 313 24.19 42.32 -26.56
C LEU D 313 25.53 43.03 -26.60
N GLY D 314 26.57 42.31 -27.00
CA GLY D 314 27.89 42.90 -27.15
C GLY D 314 28.51 43.41 -25.86
N ASP D 315 28.42 42.62 -24.79
CA ASP D 315 28.99 42.99 -23.50
C ASP D 315 30.24 42.16 -23.24
N SER D 316 31.30 42.83 -22.79
CA SER D 316 32.58 42.16 -22.55
C SER D 316 32.48 41.12 -21.43
N VAL D 317 31.78 41.42 -20.34
CA VAL D 317 31.73 40.50 -19.21
C VAL D 317 31.00 39.23 -19.59
N VAL D 318 29.85 39.36 -20.27
CA VAL D 318 29.06 38.19 -20.64
C VAL D 318 29.84 37.30 -21.59
N ARG D 319 30.47 37.91 -22.61
CA ARG D 319 31.25 37.14 -23.57
C ARG D 319 32.43 36.47 -22.90
N THR D 320 33.10 37.18 -21.98
CA THR D 320 34.23 36.59 -21.26
C THR D 320 33.81 35.39 -20.43
N ILE D 321 32.68 35.53 -19.72
CA ILE D 321 32.21 34.43 -18.88
C ILE D 321 31.82 33.22 -19.74
N GLN D 322 31.10 33.48 -20.84
CA GLN D 322 30.70 32.38 -21.71
C GLN D 322 31.91 31.71 -22.34
N THR D 323 32.91 32.50 -22.76
CA THR D 323 34.12 31.92 -23.32
C THR D 323 34.87 31.09 -22.30
N GLY D 324 34.93 31.58 -21.05
CA GLY D 324 35.58 30.80 -20.01
C GLY D 324 34.88 29.49 -19.75
N ILE D 325 33.53 29.52 -19.71
CA ILE D 325 32.76 28.29 -19.49
C ILE D 325 32.97 27.32 -20.65
N ARG D 326 32.94 27.83 -21.89
CA ARG D 326 33.16 26.98 -23.05
C ARG D 326 34.55 26.36 -23.03
N ALA D 327 35.56 27.14 -22.65
CA ALA D 327 36.92 26.62 -22.57
C ALA D 327 37.08 25.59 -21.46
N GLN D 328 36.39 25.78 -20.34
CA GLN D 328 36.52 24.83 -19.24
C GLN D 328 35.65 23.60 -19.47
N PHE D 329 34.75 23.67 -20.46
CA PHE D 329 34.00 22.48 -20.85
C PHE D 329 34.93 21.32 -21.18
N ALA D 330 35.97 21.58 -21.96
CA ALA D 330 37.05 20.62 -22.15
C ALA D 330 38.14 20.90 -21.12
N ASN D 331 38.51 19.87 -20.36
CA ASN D 331 39.43 20.02 -19.23
C ASN D 331 40.87 20.05 -19.74
N SER D 332 41.72 20.79 -19.02
CA SER D 332 43.16 20.80 -19.26
C SER D 332 43.88 20.52 -17.95
N GLY D 333 44.94 19.72 -18.04
CA GLY D 333 45.70 19.34 -16.87
C GLY D 333 45.19 18.13 -16.12
N SER D 334 44.08 17.54 -16.55
CA SER D 334 43.53 16.37 -15.89
C SER D 334 44.36 15.14 -16.18
N ASN D 335 44.46 14.25 -15.20
CA ASN D 335 45.15 12.98 -15.36
C ASN D 335 44.25 11.88 -15.88
N SER D 336 42.96 12.14 -16.05
CA SER D 336 42.03 11.12 -16.53
C SER D 336 42.27 10.82 -18.01
N ALA D 337 41.90 9.60 -18.41
CA ALA D 337 42.04 9.21 -19.81
C ALA D 337 41.16 10.06 -20.72
N PHE D 338 39.92 10.31 -20.30
CA PHE D 338 39.00 11.15 -21.05
C PHE D 338 39.26 12.61 -20.67
N LYS D 339 39.26 13.50 -21.66
CA LYS D 339 39.54 14.91 -21.42
C LYS D 339 38.31 15.80 -21.51
N THR D 340 37.20 15.29 -22.04
CA THR D 340 35.99 16.09 -22.22
C THR D 340 34.77 15.21 -22.07
N MET D 341 33.65 15.82 -21.66
CA MET D 341 32.38 15.09 -21.58
C MET D 341 31.85 14.74 -22.97
N ALA D 342 32.41 15.31 -24.03
CA ALA D 342 32.07 14.86 -25.37
C ALA D 342 32.41 13.39 -25.55
N GLU D 343 33.54 12.96 -24.98
CA GLU D 343 33.84 11.53 -24.91
C GLU D 343 32.84 10.81 -24.00
N ILE D 344 32.45 11.45 -22.91
CA ILE D 344 31.51 10.83 -21.97
C ILE D 344 30.13 10.68 -22.60
N GLY D 345 29.63 11.74 -23.24
CA GLY D 345 28.37 11.64 -23.92
C GLY D 345 27.45 12.85 -23.81
N ILE D 346 27.87 13.88 -23.08
CA ILE D 346 27.07 15.09 -22.89
C ILE D 346 27.59 16.13 -23.87
N THR D 347 26.73 16.55 -24.80
CA THR D 347 27.11 17.47 -25.86
C THR D 347 26.17 18.67 -25.89
N GLN D 348 26.73 19.86 -26.09
CA GLN D 348 25.96 21.09 -26.05
C GLN D 348 25.42 21.40 -27.45
N ASP D 349 24.11 21.66 -27.53
CA ASP D 349 23.51 22.05 -28.79
C ASP D 349 23.98 23.44 -29.20
N GLY D 350 24.10 23.66 -30.51
CA GLY D 350 24.62 24.93 -30.99
C GLY D 350 23.64 26.08 -30.83
N THR D 351 22.46 25.94 -31.42
CA THR D 351 21.49 27.04 -31.42
C THR D 351 20.97 27.33 -30.01
N SER D 352 20.51 26.30 -29.31
CA SER D 352 19.93 26.52 -27.99
C SER D 352 21.00 26.74 -26.93
N GLY D 353 22.13 26.06 -27.07
CA GLY D 353 23.19 26.15 -26.08
C GLY D 353 23.00 25.29 -24.85
N LYS D 354 21.94 24.48 -24.80
CA LYS D 354 21.65 23.63 -23.66
C LYS D 354 22.22 22.24 -23.91
N LEU D 355 22.83 21.67 -22.87
CA LEU D 355 23.47 20.37 -23.00
C LEU D 355 22.42 19.27 -23.13
N LYS D 356 22.74 18.27 -23.94
CA LYS D 356 21.95 17.05 -24.07
C LYS D 356 22.82 15.87 -23.68
N ILE D 357 22.25 14.97 -22.87
CA ILE D 357 22.99 13.87 -22.27
C ILE D 357 22.66 12.58 -23.01
N ASP D 358 23.69 11.85 -23.41
CA ASP D 358 23.54 10.46 -23.83
C ASP D 358 23.54 9.62 -22.57
N ASP D 359 22.34 9.33 -22.06
CA ASP D 359 22.21 8.70 -20.74
C ASP D 359 22.86 7.33 -20.71
N ASP D 360 22.68 6.53 -21.77
CA ASP D 360 23.26 5.20 -21.81
C ASP D 360 24.78 5.25 -21.79
N LYS D 361 25.38 6.14 -22.58
CA LYS D 361 26.83 6.22 -22.63
C LYS D 361 27.41 6.79 -21.33
N LEU D 362 26.73 7.76 -20.74
CA LEU D 362 27.15 8.29 -19.43
C LEU D 362 27.10 7.20 -18.37
N THR D 363 26.02 6.42 -18.35
CA THR D 363 25.92 5.33 -17.39
C THR D 363 27.01 4.29 -17.61
N LYS D 364 27.30 3.97 -18.87
CA LYS D 364 28.37 3.04 -19.19
C LYS D 364 29.71 3.55 -18.68
N VAL D 365 29.99 4.83 -18.91
CA VAL D 365 31.26 5.41 -18.48
C VAL D 365 31.37 5.39 -16.97
N LEU D 366 30.30 5.76 -16.27
CA LEU D 366 30.33 5.78 -14.81
C LEU D 366 30.49 4.37 -14.24
N LYS D 367 29.77 3.40 -14.81
CA LYS D 367 29.81 2.04 -14.26
C LYS D 367 31.16 1.37 -14.53
N ASP D 368 31.71 1.57 -15.73
CA ASP D 368 32.92 0.83 -16.12
C ASP D 368 34.14 1.35 -15.37
N ASN D 369 34.30 2.67 -15.30
CA ASN D 369 35.46 3.30 -14.65
C ASN D 369 34.95 4.38 -13.70
N THR D 370 35.08 4.12 -12.39
CA THR D 370 34.59 5.07 -11.39
C THR D 370 35.66 6.09 -11.02
N ALA D 371 36.87 5.62 -10.69
CA ALA D 371 37.93 6.54 -10.26
C ALA D 371 38.34 7.48 -11.39
N ALA D 372 38.31 6.99 -12.64
CA ALA D 372 38.66 7.84 -13.77
C ALA D 372 37.68 9.01 -13.88
N ALA D 373 36.38 8.72 -13.86
CA ALA D 373 35.39 9.78 -13.93
C ALA D 373 35.48 10.70 -12.71
N ARG D 374 35.76 10.14 -11.54
CA ARG D 374 35.88 10.96 -10.34
C ARG D 374 37.04 11.95 -10.46
N GLU D 375 38.22 11.48 -10.82
CA GLU D 375 39.36 12.38 -11.01
C GLU D 375 39.07 13.37 -12.14
N LEU D 376 38.34 12.93 -13.17
CA LEU D 376 37.99 13.81 -14.26
C LEU D 376 37.10 14.97 -13.78
N LEU D 377 36.17 14.68 -12.88
CA LEU D 377 35.32 15.72 -12.32
C LEU D 377 35.90 16.34 -11.05
N VAL D 378 36.56 15.55 -10.20
CA VAL D 378 36.98 16.06 -8.90
C VAL D 378 38.50 16.22 -8.86
N GLY D 379 39.23 15.12 -9.08
CA GLY D 379 40.67 15.19 -9.03
C GLY D 379 41.17 15.45 -7.61
N ASP D 380 42.28 16.18 -7.51
CA ASP D 380 42.86 16.48 -6.21
C ASP D 380 42.02 17.47 -5.42
N GLY D 381 41.12 18.18 -6.08
CA GLY D 381 40.25 19.14 -5.41
C GLY D 381 40.82 20.53 -5.28
N LYS D 382 41.99 20.80 -5.84
CA LYS D 382 42.60 22.13 -5.78
C LYS D 382 42.67 22.80 -7.15
N GLU D 383 43.30 22.13 -8.13
CA GLU D 383 43.45 22.70 -9.47
C GLU D 383 42.84 21.84 -10.57
N THR D 384 42.88 20.52 -10.44
CA THR D 384 42.33 19.62 -11.44
C THR D 384 40.95 19.16 -11.02
N GLY D 385 40.28 18.45 -11.94
CA GLY D 385 38.93 18.03 -11.72
C GLY D 385 37.94 19.05 -12.22
N ILE D 386 37.08 18.66 -13.17
CA ILE D 386 36.24 19.64 -13.86
C ILE D 386 35.28 20.34 -12.91
N THR D 387 34.67 19.59 -11.98
CA THR D 387 33.77 20.23 -11.02
C THR D 387 34.52 21.25 -10.16
N THR D 388 35.70 20.87 -9.67
CA THR D 388 36.45 21.75 -8.77
C THR D 388 36.88 23.03 -9.47
N LYS D 389 37.50 22.90 -10.64
CA LYS D 389 38.02 24.08 -11.34
C LYS D 389 36.90 24.91 -11.95
N ILE D 390 35.79 24.28 -12.35
CA ILE D 390 34.64 25.07 -12.77
C ILE D 390 34.07 25.86 -11.59
N ALA D 391 33.99 25.23 -10.41
CA ALA D 391 33.54 25.95 -9.23
C ALA D 391 34.46 27.11 -8.90
N THR D 392 35.76 26.89 -9.01
CA THR D 392 36.72 27.97 -8.77
C THR D 392 36.53 29.10 -9.75
N GLU D 393 36.35 28.78 -11.04
CA GLU D 393 36.17 29.81 -12.05
C GLU D 393 34.89 30.60 -11.82
N VAL D 394 33.78 29.90 -11.52
CA VAL D 394 32.51 30.59 -11.29
C VAL D 394 32.58 31.45 -10.04
N LYS D 395 33.21 30.95 -8.98
CA LYS D 395 33.37 31.75 -7.78
C LYS D 395 34.20 33.00 -8.06
N SER D 396 35.29 32.85 -8.81
CA SER D 396 36.12 33.99 -9.16
C SER D 396 35.34 35.01 -9.99
N TYR D 397 34.49 34.52 -10.90
CA TYR D 397 33.62 35.43 -11.64
C TYR D 397 32.68 36.17 -10.70
N LEU D 398 32.09 35.45 -9.73
CA LEU D 398 31.14 36.04 -8.79
C LEU D 398 31.80 36.56 -7.52
N ALA D 399 33.12 36.46 -7.40
CA ALA D 399 33.80 36.93 -6.21
C ALA D 399 33.75 38.45 -6.12
N ASP D 400 33.97 38.96 -4.90
CA ASP D 400 34.01 40.40 -4.69
C ASP D 400 35.18 41.01 -5.45
N ASP D 401 34.95 42.21 -5.97
CA ASP D 401 35.91 42.96 -6.81
C ASP D 401 36.22 42.24 -8.11
N GLY D 402 35.43 41.25 -8.50
CA GLY D 402 35.64 40.55 -9.74
C GLY D 402 35.08 41.31 -10.93
N ILE D 403 35.11 40.65 -12.09
CA ILE D 403 34.63 41.28 -13.32
C ILE D 403 33.16 41.64 -13.21
N ILE D 404 32.37 40.78 -12.56
CA ILE D 404 30.95 41.07 -12.38
C ILE D 404 30.76 42.27 -11.45
N ASP D 405 31.48 42.29 -10.32
CA ASP D 405 31.37 43.41 -9.40
C ASP D 405 31.88 44.70 -10.02
N ASN D 406 32.97 44.62 -10.78
CA ASN D 406 33.49 45.80 -11.48
C ASN D 406 32.49 46.32 -12.50
N ALA D 407 31.84 45.40 -13.24
CA ALA D 407 30.82 45.82 -14.19
C ALA D 407 29.64 46.49 -13.48
N GLN D 408 29.21 45.93 -12.35
CA GLN D 408 28.12 46.53 -11.59
C GLN D 408 28.51 47.93 -11.10
N ASP D 409 29.74 48.09 -10.60
CA ASP D 409 30.17 49.40 -10.13
C ASP D 409 30.26 50.40 -11.27
N ASN D 410 30.75 49.97 -12.44
CA ASN D 410 30.82 50.86 -13.59
C ASN D 410 29.44 51.28 -14.06
N VAL D 411 28.49 50.33 -14.09
CA VAL D 411 27.13 50.66 -14.51
C VAL D 411 26.49 51.63 -13.52
N ASN D 412 26.66 51.37 -12.22
CA ASN D 412 26.08 52.24 -11.21
C ASN D 412 26.81 53.57 -11.10
N ALA D 413 28.02 53.67 -11.65
CA ALA D 413 28.79 54.91 -11.61
C ALA D 413 28.14 55.98 -12.48
N ALA E 39 -10.64 57.69 8.55
CA ALA E 39 -9.38 57.76 9.29
C ALA E 39 -9.44 56.88 10.54
N ASN E 40 -10.47 57.07 11.36
CA ASN E 40 -10.61 56.28 12.58
C ASN E 40 -11.06 54.86 12.27
N SER E 41 -11.79 54.66 11.17
CA SER E 41 -12.19 53.31 10.78
C SER E 41 -10.98 52.45 10.46
N ALA E 42 -9.98 53.03 9.77
CA ALA E 42 -8.75 52.31 9.52
C ALA E 42 -8.03 51.97 10.81
N LYS E 43 -8.04 52.90 11.78
CA LYS E 43 -7.43 52.61 13.08
C LYS E 43 -8.12 51.46 13.79
N LEU E 44 -9.45 51.44 13.76
CA LEU E 44 -10.19 50.35 14.40
C LEU E 44 -9.92 49.02 13.69
N THR E 45 -9.86 49.04 12.36
CA THR E 45 -9.54 47.82 11.62
C THR E 45 -8.15 47.31 11.96
N ALA E 46 -7.18 48.23 12.07
CA ALA E 46 -5.83 47.83 12.46
C ALA E 46 -5.81 47.26 13.88
N TYR E 47 -6.57 47.86 14.80
CA TYR E 47 -6.65 47.33 16.15
C TYR E 47 -7.23 45.91 16.16
N GLY E 48 -8.28 45.68 15.37
CA GLY E 48 -8.86 44.35 15.30
C GLY E 48 -7.91 43.34 14.70
N THR E 49 -7.19 43.73 13.63
CA THR E 49 -6.22 42.83 13.02
C THR E 49 -5.10 42.49 13.99
N LEU E 50 -4.60 43.49 14.73
CA LEU E 50 -3.58 43.23 15.72
C LEU E 50 -4.09 42.31 16.82
N LYS E 51 -5.34 42.51 17.25
CA LYS E 51 -5.92 41.63 18.26
C LYS E 51 -6.01 40.20 17.77
N SER E 52 -6.43 40.01 16.51
CA SER E 52 -6.52 38.65 15.96
C SER E 52 -5.14 38.00 15.86
N ALA E 53 -4.15 38.75 15.38
CA ALA E 53 -2.80 38.20 15.27
C ALA E 53 -2.24 37.84 16.64
N LEU E 54 -2.45 38.71 17.64
CA LEU E 54 -1.98 38.42 18.99
C LEU E 54 -2.71 37.22 19.59
N GLU E 55 -4.00 37.06 19.29
CA GLU E 55 -4.72 35.87 19.76
C GLU E 55 -4.14 34.61 19.15
N LYS E 56 -3.84 34.63 17.85
CA LYS E 56 -3.24 33.46 17.21
C LYS E 56 -1.87 33.15 17.80
N PHE E 57 -1.05 34.18 18.02
CA PHE E 57 0.27 33.97 18.62
C PHE E 57 0.15 33.43 20.05
N GLN E 58 -0.82 33.95 20.81
CA GLN E 58 -1.03 33.44 22.16
C GLN E 58 -1.48 31.99 22.15
N THR E 59 -2.34 31.61 21.21
CA THR E 59 -2.74 30.21 21.09
C THR E 59 -1.54 29.32 20.78
N ALA E 60 -0.69 29.75 19.84
CA ALA E 60 0.50 28.96 19.51
C ALA E 60 1.43 28.86 20.71
N ASN E 61 1.63 29.96 21.42
CA ASN E 61 2.52 29.94 22.59
C ASN E 61 1.96 29.05 23.69
N THR E 62 0.63 29.07 23.88
CA THR E 62 0.01 28.20 24.88
C THR E 62 0.17 26.73 24.48
N ALA E 63 0.05 26.44 23.19
CA ALA E 63 0.31 25.08 22.72
C ALA E 63 1.75 24.67 23.01
N LEU E 64 2.70 25.60 22.79
CA LEU E 64 4.09 25.35 23.12
C LEU E 64 4.35 25.22 24.62
N ASN E 65 3.49 25.81 25.46
CA ASN E 65 3.77 25.90 26.89
C ASN E 65 3.89 24.53 27.54
N LYS E 66 3.06 23.58 27.10
CA LYS E 66 3.14 22.22 27.65
C LYS E 66 4.54 21.66 27.44
N ALA E 67 5.17 21.22 28.53
CA ALA E 67 6.60 21.02 28.57
C ALA E 67 7.02 19.55 28.57
N ASP E 68 6.08 18.60 28.65
CA ASP E 68 6.46 17.20 28.66
C ASP E 68 7.06 16.75 27.33
N LEU E 69 6.91 17.56 26.28
CA LEU E 69 7.46 17.19 24.97
C LEU E 69 8.97 17.07 25.00
N PHE E 70 9.64 17.82 25.88
CA PHE E 70 11.09 17.72 25.96
C PHE E 70 11.52 16.36 26.51
N LYS E 71 10.76 15.81 27.44
CA LYS E 71 11.03 14.47 27.96
C LYS E 71 10.20 13.45 27.18
N SER E 72 10.42 13.42 25.87
CA SER E 72 9.70 12.54 24.96
C SER E 72 10.60 11.39 24.56
N THR E 73 10.07 10.18 24.63
CA THR E 73 10.81 8.97 24.26
C THR E 73 9.97 8.14 23.30
N VAL E 74 10.65 7.23 22.61
CA VAL E 74 10.01 6.29 21.70
C VAL E 74 10.56 4.90 21.98
N ALA E 75 9.69 3.90 21.98
CA ALA E 75 10.05 2.55 22.37
C ALA E 75 9.68 1.55 21.30
N SER E 76 10.33 0.40 21.35
CA SER E 76 10.03 -0.69 20.44
C SER E 76 10.42 -2.01 21.10
N SER E 77 9.86 -3.09 20.56
CA SER E 77 10.10 -4.43 21.08
C SER E 77 10.46 -5.36 19.94
N THR E 78 11.12 -6.47 20.29
CA THR E 78 11.48 -7.47 19.31
C THR E 78 10.27 -8.29 18.86
N THR E 79 9.41 -8.65 19.80
CA THR E 79 8.26 -9.50 19.53
C THR E 79 7.03 -8.64 19.23
N GLU E 80 6.09 -9.24 18.50
CA GLU E 80 4.82 -8.58 18.19
C GLU E 80 3.72 -8.92 19.19
N ASP E 81 4.01 -9.74 20.19
CA ASP E 81 3.02 -10.02 21.24
C ASP E 81 2.96 -8.86 22.24
N LEU E 82 4.08 -8.58 22.90
CA LEU E 82 4.14 -7.44 23.81
C LEU E 82 3.93 -6.14 23.06
N LYS E 83 3.18 -5.23 23.65
CA LYS E 83 3.01 -3.89 23.10
C LYS E 83 3.50 -2.87 24.12
N VAL E 84 4.05 -1.77 23.63
CA VAL E 84 4.69 -0.77 24.48
C VAL E 84 4.21 0.62 24.08
N SER E 85 3.98 1.48 25.08
CA SER E 85 3.63 2.87 24.83
C SER E 85 4.31 3.75 25.87
N THR E 86 5.03 4.76 25.41
CA THR E 86 5.77 5.66 26.30
C THR E 86 5.32 7.09 26.04
N THR E 87 5.00 7.81 27.12
CA THR E 87 4.58 9.20 27.03
C THR E 87 5.65 10.16 27.54
N ALA E 88 6.10 10.01 28.78
CA ALA E 88 7.08 10.93 29.35
C ALA E 88 7.69 10.29 30.59
N GLY E 89 8.81 10.86 31.01
CA GLY E 89 9.47 10.40 32.22
C GLY E 89 9.99 8.98 32.15
N ALA E 90 10.38 8.53 30.96
CA ALA E 90 10.89 7.19 30.76
C ALA E 90 12.40 7.21 30.65
N CYS E 91 13.06 6.40 31.47
CA CYS E 91 14.51 6.29 31.43
C CYS E 91 14.91 5.51 30.17
N ALA E 92 15.49 6.20 29.20
CA ALA E 92 15.91 5.56 27.97
C ALA E 92 16.90 4.44 28.26
N GLY E 93 16.68 3.30 27.62
CA GLY E 93 17.53 2.14 27.89
C GLY E 93 16.94 0.88 27.30
N THR E 94 17.29 -0.24 27.91
CA THR E 94 16.85 -1.56 27.46
C THR E 94 16.25 -2.31 28.63
N TYR E 95 15.05 -2.85 28.44
CA TYR E 95 14.35 -3.61 29.47
C TYR E 95 14.08 -5.02 28.96
N LYS E 96 14.46 -6.01 29.75
CA LYS E 96 14.19 -7.41 29.44
C LYS E 96 12.90 -7.80 30.14
N ILE E 97 11.80 -7.79 29.39
CA ILE E 97 10.47 -7.90 29.96
C ILE E 97 9.95 -9.33 29.74
N ASN E 98 9.70 -10.02 30.84
CA ASN E 98 9.15 -11.38 30.81
C ASN E 98 7.72 -11.35 31.32
N VAL E 99 6.77 -11.75 30.48
CA VAL E 99 5.35 -11.74 30.83
C VAL E 99 5.02 -13.12 31.37
N THR E 100 5.18 -13.31 32.67
CA THR E 100 5.03 -14.65 33.23
C THR E 100 3.57 -15.06 33.38
N GLN E 101 2.63 -14.14 33.22
CA GLN E 101 1.22 -14.44 33.45
C GLN E 101 0.37 -13.34 32.83
N LEU E 102 -0.86 -13.71 32.48
CA LEU E 102 -1.88 -12.77 32.05
C LEU E 102 -3.02 -12.76 33.06
N ALA E 103 -3.96 -11.86 32.86
CA ALA E 103 -5.06 -11.67 33.80
C ALA E 103 -6.33 -12.28 33.24
N ALA E 104 -6.99 -13.10 34.06
CA ALA E 104 -8.25 -13.74 33.71
C ALA E 104 -9.36 -13.20 34.59
N ALA E 105 -10.51 -12.91 33.98
CA ALA E 105 -11.69 -12.54 34.73
C ALA E 105 -12.32 -13.79 35.33
N GLN E 106 -13.44 -13.60 36.03
CA GLN E 106 -14.24 -14.71 36.53
C GLN E 106 -15.58 -14.70 35.84
N SER E 107 -15.98 -15.87 35.33
CA SER E 107 -17.29 -16.02 34.72
C SER E 107 -17.92 -17.31 35.23
N LEU E 108 -19.19 -17.24 35.56
CA LEU E 108 -19.98 -18.29 36.19
C LEU E 108 -21.17 -18.62 35.29
N ALA E 109 -21.69 -19.83 35.44
CA ALA E 109 -22.84 -20.27 34.65
C ALA E 109 -23.75 -21.12 35.51
N THR E 110 -25.01 -21.20 35.09
CA THR E 110 -26.01 -21.98 35.83
C THR E 110 -25.73 -23.47 35.69
N LYS E 111 -26.35 -24.24 36.58
CA LYS E 111 -26.23 -25.68 36.56
C LYS E 111 -27.34 -26.37 35.78
N THR E 112 -28.36 -25.63 35.37
CA THR E 112 -29.51 -26.19 34.68
C THR E 112 -29.67 -25.55 33.30
N THR E 113 -29.94 -26.37 32.30
CA THR E 113 -30.31 -25.92 30.97
C THR E 113 -31.82 -25.81 30.89
N PHE E 114 -32.30 -24.86 30.07
CA PHE E 114 -33.71 -24.55 30.00
C PHE E 114 -34.21 -24.71 28.56
N ALA E 115 -35.53 -24.58 28.40
CA ALA E 115 -36.14 -24.77 27.09
C ALA E 115 -35.86 -23.59 26.17
N THR E 116 -35.98 -22.37 26.67
CA THR E 116 -35.75 -21.18 25.87
C THR E 116 -35.49 -20.01 26.80
N THR E 117 -35.38 -18.82 26.22
CA THR E 117 -35.10 -17.61 27.00
C THR E 117 -36.34 -17.11 27.73
N LYS E 118 -37.51 -17.17 27.09
CA LYS E 118 -38.71 -16.53 27.62
C LYS E 118 -39.37 -17.34 28.74
N GLU E 119 -38.98 -18.59 28.95
CA GLU E 119 -39.52 -19.38 30.05
C GLU E 119 -39.16 -18.72 31.38
N GLN E 120 -40.08 -18.83 32.35
CA GLN E 120 -39.87 -18.23 33.66
C GLN E 120 -38.96 -19.10 34.52
N LEU E 121 -38.03 -18.45 35.21
CA LEU E 121 -37.05 -19.13 36.05
C LEU E 121 -37.28 -18.90 37.54
N GLY E 122 -38.35 -18.19 37.90
CA GLY E 122 -38.61 -17.89 39.30
C GLY E 122 -40.10 -17.80 39.57
N ASP E 123 -40.44 -17.57 40.83
CA ASP E 123 -41.84 -17.53 41.24
C ASP E 123 -42.56 -16.35 40.60
N THR E 124 -43.79 -16.61 40.14
CA THR E 124 -44.62 -15.57 39.56
C THR E 124 -45.52 -14.88 40.58
N SER E 125 -45.73 -15.50 41.75
CA SER E 125 -46.56 -14.87 42.77
C SER E 125 -45.80 -13.78 43.52
N VAL E 126 -44.47 -13.79 43.45
CA VAL E 126 -43.67 -12.77 44.14
C VAL E 126 -43.64 -11.50 43.29
N THR E 127 -43.96 -10.37 43.92
CA THR E 127 -44.03 -9.11 43.18
C THR E 127 -42.65 -8.56 42.85
N SER E 128 -41.70 -8.67 43.77
CA SER E 128 -40.37 -8.11 43.55
C SER E 128 -39.37 -8.85 44.42
N ARG E 129 -38.10 -8.74 44.05
CA ARG E 129 -37.03 -9.48 44.73
C ARG E 129 -35.72 -8.76 44.49
N THR E 130 -34.69 -9.16 45.24
CA THR E 130 -33.40 -8.50 45.21
C THR E 130 -32.30 -9.50 44.94
N ILE E 131 -31.32 -9.10 44.13
CA ILE E 131 -30.13 -9.88 43.83
C ILE E 131 -28.92 -9.10 44.34
N LYS E 132 -28.12 -9.73 45.20
CA LYS E 132 -27.03 -9.07 45.90
C LYS E 132 -25.70 -9.71 45.50
N ILE E 133 -24.78 -8.90 45.01
CA ILE E 133 -23.46 -9.34 44.58
C ILE E 133 -22.42 -8.58 45.39
N GLU E 134 -21.56 -9.31 46.08
CA GLU E 134 -20.53 -8.74 46.95
C GLU E 134 -19.15 -9.02 46.36
N GLN E 135 -18.36 -7.95 46.20
CA GLN E 135 -17.01 -8.00 45.65
C GLN E 135 -16.04 -7.31 46.59
N PRO E 136 -14.84 -7.88 46.80
CA PRO E 136 -13.85 -7.21 47.66
C PRO E 136 -13.43 -5.84 47.17
N GLY E 137 -13.43 -5.62 45.85
CA GLY E 137 -12.92 -4.36 45.32
C GLY E 137 -13.93 -3.24 45.25
N ARG E 138 -15.15 -3.46 45.74
CA ARG E 138 -16.18 -2.44 45.75
C ARG E 138 -16.53 -2.05 47.18
N LYS E 139 -16.89 -0.78 47.36
CA LYS E 139 -17.15 -0.25 48.71
C LYS E 139 -18.49 -0.73 49.25
N GLU E 140 -19.52 -0.79 48.39
CA GLU E 140 -20.85 -1.21 48.81
C GLU E 140 -21.37 -2.29 47.88
N PRO E 141 -22.14 -3.24 48.39
CA PRO E 141 -22.60 -4.36 47.54
C PRO E 141 -23.56 -3.90 46.45
N LEU E 142 -23.63 -4.71 45.41
CA LEU E 142 -24.46 -4.42 44.25
C LEU E 142 -25.83 -5.07 44.41
N GLU E 143 -26.88 -4.29 44.21
CA GLU E 143 -28.25 -4.76 44.41
C GLU E 143 -29.05 -4.54 43.13
N ILE E 144 -29.76 -5.56 42.70
CA ILE E 144 -30.59 -5.53 41.50
C ILE E 144 -32.02 -5.89 41.88
N LYS E 145 -32.97 -5.07 41.45
CA LYS E 145 -34.38 -5.28 41.77
C LYS E 145 -35.07 -5.95 40.59
N LEU E 146 -35.72 -7.08 40.85
CA LEU E 146 -36.38 -7.87 39.83
C LEU E 146 -37.89 -7.87 40.08
N ASP E 147 -38.64 -7.70 38.99
CA ASP E 147 -40.08 -7.53 39.04
C ASP E 147 -40.78 -8.88 39.20
N LYS E 148 -42.09 -8.88 38.99
CA LYS E 148 -42.93 -10.05 39.25
C LYS E 148 -42.77 -11.10 38.16
N GLY E 149 -43.11 -10.75 36.92
CA GLY E 149 -43.06 -11.68 35.80
C GLY E 149 -41.79 -11.65 34.99
N ASP E 150 -40.71 -11.05 35.52
CA ASP E 150 -39.46 -10.86 34.78
C ASP E 150 -38.39 -11.85 35.20
N THR E 151 -38.75 -13.12 35.40
CA THR E 151 -37.78 -14.16 35.73
C THR E 151 -37.33 -14.94 34.50
N SER E 152 -37.28 -14.30 33.35
CA SER E 152 -36.76 -14.92 32.14
C SER E 152 -35.29 -14.56 31.96
N MET E 153 -34.52 -15.50 31.42
CA MET E 153 -33.09 -15.28 31.24
C MET E 153 -32.81 -14.00 30.47
N GLU E 154 -33.68 -13.64 29.52
CA GLU E 154 -33.53 -12.36 28.84
C GLU E 154 -33.69 -11.20 29.81
N ALA E 155 -34.68 -11.27 30.70
CA ALA E 155 -34.93 -10.16 31.63
C ALA E 155 -33.80 -10.05 32.65
N ILE E 156 -33.39 -11.18 33.22
CA ILE E 156 -32.27 -11.18 34.17
C ILE E 156 -31.01 -10.65 33.51
N ARG E 157 -30.74 -11.11 32.28
CA ARG E 157 -29.57 -10.66 31.55
C ARG E 157 -29.60 -9.16 31.32
N ASP E 158 -30.76 -8.64 30.89
CA ASP E 158 -30.86 -7.20 30.62
C ASP E 158 -30.70 -6.39 31.90
N ALA E 159 -31.30 -6.84 33.00
CA ALA E 159 -31.16 -6.11 34.27
C ALA E 159 -29.71 -6.09 34.74
N ILE E 160 -29.03 -7.24 34.66
CA ILE E 160 -27.66 -7.30 35.16
C ILE E 160 -26.73 -6.49 34.27
N ASN E 161 -26.93 -6.52 32.95
CA ASN E 161 -26.15 -5.65 32.09
C ASN E 161 -26.50 -4.19 32.27
N ASP E 162 -27.70 -3.88 32.78
CA ASP E 162 -28.05 -2.50 33.08
C ASP E 162 -27.44 -2.04 34.39
N ALA E 163 -27.09 -2.97 35.28
CA ALA E 163 -26.39 -2.60 36.51
C ALA E 163 -25.12 -1.80 36.21
N ASP E 164 -24.29 -2.31 35.29
CA ASP E 164 -23.08 -1.61 34.84
C ASP E 164 -22.13 -1.35 36.00
N SER E 165 -21.80 -2.41 36.74
CA SER E 165 -20.89 -2.30 37.87
C SER E 165 -19.89 -3.46 37.86
N GLY E 166 -19.33 -3.76 36.69
CA GLY E 166 -18.31 -4.78 36.58
C GLY E 166 -18.80 -6.19 36.42
N ILE E 167 -20.10 -6.40 36.22
CA ILE E 167 -20.65 -7.71 35.90
C ILE E 167 -21.48 -7.58 34.63
N CYS E 168 -21.31 -8.55 33.72
CA CYS E 168 -22.01 -8.57 32.44
C CYS E 168 -22.65 -9.94 32.24
N ALA E 169 -23.81 -9.94 31.60
CA ALA E 169 -24.61 -11.15 31.44
C ALA E 169 -24.70 -11.55 29.98
N SER E 170 -24.76 -12.86 29.75
CA SER E 170 -24.91 -13.41 28.41
C SER E 170 -25.67 -14.72 28.49
N ILE E 171 -26.19 -15.15 27.33
CA ILE E 171 -26.94 -16.39 27.21
C ILE E 171 -26.19 -17.30 26.25
N VAL E 172 -26.13 -18.58 26.58
CA VAL E 172 -25.37 -19.57 25.81
C VAL E 172 -26.36 -20.60 25.25
N LYS E 173 -26.33 -20.80 23.94
CA LYS E 173 -27.15 -21.80 23.28
C LYS E 173 -26.25 -23.00 22.97
N VAL E 174 -26.26 -23.98 23.86
CA VAL E 174 -25.46 -25.18 23.66
C VAL E 174 -25.90 -25.90 22.39
N LYS E 175 -27.19 -26.13 22.25
CA LYS E 175 -27.79 -26.75 21.08
C LYS E 175 -29.27 -26.36 21.06
N GLU E 176 -30.05 -27.05 20.25
CA GLU E 176 -31.49 -26.79 20.21
C GLU E 176 -32.13 -27.26 21.52
N ASN E 177 -33.03 -26.42 22.06
CA ASN E 177 -33.73 -26.67 23.31
C ASN E 177 -32.75 -26.78 24.48
N GLU E 178 -31.71 -25.95 24.48
CA GLU E 178 -30.77 -25.85 25.59
C GLU E 178 -30.27 -24.43 25.69
N PHE E 179 -30.24 -23.89 26.91
CA PHE E 179 -29.81 -22.52 27.15
C PHE E 179 -29.20 -22.42 28.54
N GLN E 180 -28.21 -21.54 28.67
CA GLN E 180 -27.53 -21.27 29.93
C GLN E 180 -27.39 -19.77 30.12
N LEU E 181 -27.29 -19.36 31.39
CA LEU E 181 -27.02 -17.97 31.76
C LEU E 181 -25.60 -17.88 32.28
N VAL E 182 -24.83 -16.91 31.79
CA VAL E 182 -23.44 -16.73 32.15
C VAL E 182 -23.22 -15.31 32.63
N LEU E 183 -22.61 -15.17 33.81
CA LEU E 183 -22.32 -13.87 34.42
C LEU E 183 -20.82 -13.73 34.58
N THR E 184 -20.27 -12.61 34.12
CA THR E 184 -18.83 -12.42 34.10
C THR E 184 -18.44 -11.15 34.85
N ALA E 185 -17.31 -11.23 35.55
CA ALA E 185 -16.71 -10.14 36.31
C ALA E 185 -15.70 -9.39 35.43
N ASN E 186 -14.85 -8.59 36.08
CA ASN E 186 -13.70 -7.98 35.42
C ASN E 186 -12.45 -8.73 35.85
N SER E 187 -11.28 -8.26 35.42
CA SER E 187 -10.03 -8.98 35.63
C SER E 187 -9.39 -8.59 36.95
N GLY E 188 -8.93 -9.59 37.70
CA GLY E 188 -8.28 -9.38 38.97
C GLY E 188 -8.96 -10.19 40.05
N THR E 189 -8.17 -10.63 41.03
CA THR E 189 -8.74 -11.39 42.14
C THR E 189 -9.52 -10.52 43.11
N ASP E 190 -9.48 -9.19 42.94
CA ASP E 190 -10.31 -8.29 43.74
C ASP E 190 -11.75 -8.25 43.25
N ASN E 191 -12.07 -8.94 42.15
CA ASN E 191 -13.40 -8.86 41.56
C ASN E 191 -14.17 -10.17 41.60
N THR E 192 -13.64 -11.18 42.29
CA THR E 192 -14.43 -12.38 42.55
C THR E 192 -15.67 -12.01 43.35
N MET E 193 -16.79 -12.65 43.04
CA MET E 193 -18.09 -12.19 43.51
C MET E 193 -18.82 -13.29 44.29
N LYS E 194 -19.67 -12.85 45.21
CA LYS E 194 -20.53 -13.74 45.99
C LYS E 194 -21.96 -13.26 45.82
N ILE E 195 -22.84 -14.15 45.39
CA ILE E 195 -24.18 -13.78 44.95
C ILE E 195 -25.22 -14.45 45.84
N THR E 196 -26.27 -13.69 46.17
CA THR E 196 -27.39 -14.20 46.95
C THR E 196 -28.66 -13.51 46.49
N VAL E 197 -29.80 -14.06 46.86
CA VAL E 197 -31.10 -13.53 46.46
C VAL E 197 -31.99 -13.39 47.70
N GLU E 198 -32.64 -12.23 47.81
CA GLU E 198 -33.51 -11.91 48.93
C GLU E 198 -34.94 -11.72 48.43
N GLY E 199 -35.87 -12.46 49.04
CA GLY E 199 -37.28 -12.38 48.72
C GLY E 199 -37.80 -13.59 47.95
N ASP E 200 -36.95 -14.18 47.11
CA ASP E 200 -37.33 -15.33 46.29
C ASP E 200 -36.50 -16.53 46.72
N THR E 201 -37.03 -17.73 46.47
CA THR E 201 -36.32 -18.95 46.85
C THR E 201 -35.85 -19.75 45.64
N LYS E 202 -36.64 -19.77 44.56
CA LYS E 202 -36.21 -20.48 43.35
C LYS E 202 -35.06 -19.74 42.67
N LEU E 203 -35.20 -18.42 42.51
CA LEU E 203 -34.10 -17.63 41.98
C LEU E 203 -32.88 -17.71 42.87
N ASN E 204 -33.08 -17.84 44.19
CA ASN E 204 -31.95 -18.07 45.09
C ASN E 204 -31.41 -19.48 44.93
N ASP E 205 -32.27 -20.44 44.59
CA ASP E 205 -31.77 -21.77 44.27
C ASP E 205 -31.01 -21.79 42.96
N LEU E 206 -31.15 -20.74 42.15
CA LEU E 206 -30.52 -20.68 40.83
C LEU E 206 -29.21 -19.88 40.84
N LEU E 207 -29.25 -18.65 41.33
CA LEU E 207 -28.18 -17.69 41.12
C LEU E 207 -27.23 -17.53 42.30
N ALA E 208 -27.41 -18.29 43.38
CA ALA E 208 -26.62 -18.08 44.59
C ALA E 208 -25.25 -18.70 44.44
N TYR E 209 -24.20 -17.89 44.57
CA TYR E 209 -22.83 -18.37 44.58
C TYR E 209 -22.07 -17.71 45.72
N ASP E 210 -21.12 -18.46 46.28
CA ASP E 210 -20.25 -17.98 47.35
C ASP E 210 -18.81 -18.24 46.94
N SER E 211 -18.09 -17.18 46.57
CA SER E 211 -16.71 -17.32 46.10
C SER E 211 -15.73 -17.53 47.23
N THR E 212 -16.01 -16.95 48.41
CA THR E 212 -15.10 -17.12 49.55
C THR E 212 -15.02 -18.58 49.97
N THR E 213 -16.17 -19.27 50.03
CA THR E 213 -16.20 -20.68 50.41
C THR E 213 -16.17 -21.62 49.20
N ASN E 214 -16.19 -21.08 47.98
CA ASN E 214 -16.21 -21.88 46.76
C ASN E 214 -17.39 -22.84 46.74
N THR E 215 -18.55 -22.34 47.16
CA THR E 215 -19.81 -23.09 47.13
C THR E 215 -20.86 -22.22 46.46
N GLY E 216 -21.84 -22.84 45.83
CA GLY E 216 -22.90 -22.05 45.22
C GLY E 216 -23.79 -22.90 44.36
N ASN E 217 -24.81 -22.24 43.80
CA ASN E 217 -25.75 -22.90 42.90
C ASN E 217 -25.36 -22.78 41.44
N MET E 218 -24.51 -21.81 41.09
CA MET E 218 -23.91 -21.75 39.77
C MET E 218 -22.68 -22.64 39.71
N GLN E 219 -21.93 -22.51 38.62
CA GLN E 219 -20.71 -23.25 38.39
C GLN E 219 -19.68 -22.30 37.79
N GLU E 220 -18.41 -22.53 38.12
CA GLU E 220 -17.35 -21.64 37.67
C GLU E 220 -16.90 -22.02 36.25
N LEU E 221 -16.90 -21.03 35.35
CA LEU E 221 -16.32 -21.22 34.03
C LEU E 221 -14.89 -20.72 33.96
N VAL E 222 -14.67 -19.46 34.30
CA VAL E 222 -13.35 -18.83 34.21
C VAL E 222 -12.97 -18.29 35.57
N LYS E 223 -11.79 -18.69 36.06
CA LYS E 223 -11.28 -18.30 37.37
C LYS E 223 -10.35 -17.11 37.24
N ALA E 224 -10.37 -16.24 38.27
CA ALA E 224 -9.68 -14.96 38.22
C ALA E 224 -8.22 -15.09 38.62
N GLU E 225 -7.36 -14.37 37.91
CA GLU E 225 -5.92 -14.38 38.16
C GLU E 225 -5.36 -12.97 37.97
N ASN E 226 -4.14 -12.78 38.45
CA ASN E 226 -3.44 -11.50 38.38
C ASN E 226 -2.30 -11.57 37.38
N ALA E 227 -2.02 -10.43 36.75
CA ALA E 227 -0.91 -10.35 35.80
C ALA E 227 0.41 -10.21 36.54
N LYS E 228 1.43 -10.90 36.04
CA LYS E 228 2.74 -10.92 36.66
C LYS E 228 3.81 -10.84 35.59
N LEU E 229 4.74 -9.91 35.74
CA LEU E 229 5.82 -9.77 34.77
C LEU E 229 7.09 -9.35 35.50
N ASN E 230 8.20 -9.42 34.78
CA ASN E 230 9.51 -9.05 35.31
C ASN E 230 10.16 -8.06 34.35
N VAL E 231 10.58 -6.91 34.89
CA VAL E 231 11.19 -5.85 34.10
C VAL E 231 12.49 -5.46 34.77
N ASN E 232 13.62 -5.72 34.09
CA ASN E 232 14.94 -5.32 34.55
C ASN E 232 15.21 -5.77 35.99
N GLY E 233 14.82 -7.00 36.29
CA GLY E 233 15.07 -7.58 37.59
C GLY E 233 14.07 -7.20 38.67
N ILE E 234 13.04 -6.43 38.33
CA ILE E 234 12.02 -6.02 39.29
C ILE E 234 10.72 -6.72 38.92
N ASP E 235 10.13 -7.41 39.89
CA ASP E 235 8.85 -8.09 39.66
C ASP E 235 7.71 -7.10 39.79
N ILE E 236 6.77 -7.16 38.85
CA ILE E 236 5.61 -6.28 38.81
C ILE E 236 4.37 -7.15 38.79
N GLU E 237 3.38 -6.81 39.61
CA GLU E 237 2.09 -7.48 39.65
C GLU E 237 0.99 -6.46 39.41
N ARG E 238 -0.02 -6.85 38.65
CA ARG E 238 -1.13 -5.96 38.32
C ARG E 238 -2.42 -6.75 38.29
N GLN E 239 -3.54 -6.03 38.26
CA GLN E 239 -4.85 -6.65 38.13
C GLN E 239 -5.16 -6.99 36.68
N SER E 240 -5.20 -5.98 35.82
CA SER E 240 -5.48 -6.15 34.41
C SER E 240 -4.22 -6.58 33.67
N ASN E 241 -4.29 -6.53 32.34
CA ASN E 241 -3.13 -6.79 31.48
C ASN E 241 -2.58 -5.52 30.84
N THR E 242 -2.91 -4.37 31.41
CA THR E 242 -2.31 -3.10 31.03
C THR E 242 -1.44 -2.65 32.20
N VAL E 243 -0.14 -2.93 32.11
CA VAL E 243 0.83 -2.59 33.16
C VAL E 243 1.37 -1.21 32.84
N THR E 244 1.33 -0.30 33.82
CA THR E 244 1.59 1.11 33.56
C THR E 244 2.76 1.71 34.34
N ASP E 245 3.19 1.09 35.44
CA ASP E 245 4.26 1.67 36.27
C ASP E 245 5.31 0.64 36.60
N ALA E 246 5.75 -0.14 35.61
CA ALA E 246 6.91 -0.97 35.91
C ALA E 246 8.14 -0.06 35.92
N PRO E 247 8.50 0.64 34.81
CA PRO E 247 9.10 1.98 34.99
C PRO E 247 8.02 3.04 34.89
N GLN E 248 7.94 3.95 35.86
CA GLN E 248 6.89 4.96 35.83
C GLN E 248 7.07 5.84 34.60
N GLY E 249 6.14 5.70 33.65
CA GLY E 249 6.20 6.40 32.38
C GLY E 249 6.08 5.50 31.17
N ILE E 250 6.14 4.18 31.34
CA ILE E 250 6.04 3.22 30.24
C ILE E 250 4.89 2.27 30.54
N THR E 251 3.98 2.11 29.58
CA THR E 251 2.80 1.28 29.72
C THR E 251 2.91 0.09 28.77
N LEU E 252 2.85 -1.11 29.33
CA LEU E 252 2.93 -2.34 28.55
C LEU E 252 1.55 -2.93 28.36
N THR E 253 1.43 -3.76 27.31
CA THR E 253 0.21 -4.49 27.01
C THR E 253 0.58 -5.93 26.72
N LEU E 254 -0.08 -6.86 27.41
CA LEU E 254 0.34 -8.24 27.52
C LEU E 254 -0.63 -9.11 26.73
N THR E 255 -0.35 -9.29 25.43
CA THR E 255 -1.23 -10.13 24.62
C THR E 255 -0.90 -11.61 24.77
N LYS E 256 0.40 -11.94 24.86
CA LYS E 256 0.83 -13.32 25.01
C LYS E 256 2.00 -13.38 25.98
N LYS E 257 2.20 -14.54 26.57
CA LYS E 257 3.37 -14.76 27.41
C LYS E 257 4.63 -14.69 26.55
N VAL E 258 5.56 -13.83 26.96
CA VAL E 258 6.79 -13.62 26.21
C VAL E 258 7.96 -13.84 27.16
N THR E 259 9.11 -14.19 26.59
CA THR E 259 10.32 -14.42 27.35
C THR E 259 11.46 -13.58 26.79
N ASP E 260 12.16 -12.88 27.68
CA ASP E 260 13.36 -12.10 27.33
C ASP E 260 13.13 -11.16 26.16
N ALA E 261 11.91 -10.65 26.03
CA ALA E 261 11.67 -9.60 25.04
C ALA E 261 12.44 -8.35 25.41
N THR E 262 13.14 -7.78 24.42
CA THR E 262 13.91 -6.58 24.62
C THR E 262 13.07 -5.38 24.21
N VAL E 263 12.80 -4.49 25.15
CA VAL E 263 12.11 -3.24 24.87
C VAL E 263 13.14 -2.14 24.97
N THR E 264 13.43 -1.50 23.85
CA THR E 264 14.40 -0.42 23.79
C THR E 264 13.65 0.91 23.73
N VAL E 265 14.08 1.85 24.56
CA VAL E 265 13.49 3.18 24.64
C VAL E 265 14.60 4.19 24.38
N THR E 266 14.37 5.10 23.44
CA THR E 266 15.35 6.12 23.09
C THR E 266 14.71 7.50 23.19
N LYS E 267 15.55 8.51 23.35
CA LYS E 267 15.08 9.89 23.38
C LYS E 267 14.56 10.28 22.00
N ASP E 268 13.66 11.27 21.99
CA ASP E 268 13.07 11.73 20.74
C ASP E 268 12.73 13.21 20.86
N ASP E 269 12.95 13.96 19.77
CA ASP E 269 12.66 15.37 19.76
C ASP E 269 12.01 15.84 18.46
N THR E 270 11.52 14.92 17.63
CA THR E 270 10.83 15.33 16.41
C THR E 270 9.58 16.14 16.74
N LYS E 271 8.84 15.71 17.77
CA LYS E 271 7.74 16.53 18.26
C LYS E 271 8.25 17.84 18.83
N ALA E 272 9.38 17.79 19.55
CA ALA E 272 9.95 19.01 20.12
C ALA E 272 10.36 19.99 19.03
N LYS E 273 11.08 19.51 18.01
CA LYS E 273 11.49 20.41 16.94
C LYS E 273 10.29 20.89 16.12
N GLU E 274 9.29 20.03 15.91
CA GLU E 274 8.10 20.46 15.21
C GLU E 274 7.37 21.57 15.96
N ALA E 275 7.28 21.44 17.29
CA ALA E 275 6.69 22.50 18.10
C ALA E 275 7.53 23.77 18.02
N ILE E 276 8.85 23.64 18.04
CA ILE E 276 9.71 24.82 17.96
C ILE E 276 9.50 25.55 16.64
N LYS E 277 9.51 24.80 15.53
CA LYS E 277 9.27 25.41 14.22
C LYS E 277 7.87 26.03 14.14
N SER E 278 6.86 25.35 14.68
CA SER E 278 5.51 25.91 14.62
C SER E 278 5.42 27.22 15.38
N TRP E 279 6.01 27.27 16.58
CA TRP E 279 6.01 28.50 17.35
C TRP E 279 6.79 29.61 16.65
N VAL E 280 7.94 29.25 16.05
CA VAL E 280 8.74 30.25 15.35
C VAL E 280 7.97 30.81 14.16
N ASP E 281 7.29 29.95 13.40
CA ASP E 281 6.51 30.42 12.26
C ASP E 281 5.31 31.25 12.70
N ALA E 282 4.70 30.89 13.84
CA ALA E 282 3.62 31.71 14.38
C ALA E 282 4.13 33.09 14.76
N TYR E 283 5.31 33.16 15.39
CA TYR E 283 5.91 34.45 15.70
C TYR E 283 6.24 35.22 14.43
N ASN E 284 6.70 34.52 13.40
CA ASN E 284 6.96 35.17 12.11
C ASN E 284 5.69 35.79 11.54
N SER E 285 4.58 35.05 11.58
CA SER E 285 3.30 35.59 11.12
C SER E 285 2.88 36.78 11.97
N LEU E 286 3.07 36.69 13.28
CA LEU E 286 2.71 37.79 14.17
C LEU E 286 3.49 39.05 13.84
N VAL E 287 4.80 38.92 13.65
CA VAL E 287 5.63 40.10 13.38
C VAL E 287 5.37 40.62 11.98
N ASP E 288 5.03 39.73 11.03
CA ASP E 288 4.64 40.19 9.71
C ASP E 288 3.36 41.01 9.78
N THR E 289 2.39 40.55 10.56
CA THR E 289 1.16 41.33 10.75
C THR E 289 1.46 42.66 11.42
N PHE E 290 2.34 42.65 12.43
CA PHE E 290 2.72 43.89 13.11
C PHE E 290 3.37 44.87 12.12
N SER E 291 4.29 44.38 11.30
CA SER E 291 4.98 45.23 10.34
C SER E 291 4.02 45.76 9.29
N SER E 292 3.05 44.94 8.86
CA SER E 292 2.02 45.42 7.95
C SER E 292 1.19 46.53 8.60
N LEU E 293 0.84 46.35 9.88
CA LEU E 293 0.08 47.38 10.58
C LEU E 293 0.94 48.57 10.96
N THR E 294 2.27 48.41 10.93
CA THR E 294 3.20 49.51 11.11
C THR E 294 3.96 49.85 9.84
N LYS E 295 3.48 49.39 8.69
CA LYS E 295 4.15 49.67 7.43
C LYS E 295 3.93 51.12 7.01
N TYR E 296 5.01 51.80 6.69
CA TYR E 296 4.96 53.17 6.21
C TYR E 296 5.63 53.26 4.85
N THR E 297 4.89 53.76 3.87
CA THR E 297 5.35 53.88 2.50
C THR E 297 5.84 55.30 2.25
N ALA E 298 7.04 55.42 1.68
CA ALA E 298 7.59 56.73 1.38
C ALA E 298 6.73 57.44 0.33
N VAL E 299 6.38 58.69 0.63
CA VAL E 299 5.56 59.50 -0.26
C VAL E 299 6.19 60.87 -0.39
N GLU E 300 5.82 61.57 -1.46
CA GLU E 300 6.28 62.92 -1.68
C GLU E 300 5.66 63.86 -0.64
N PRO E 301 6.40 64.88 -0.22
CA PRO E 301 5.83 65.83 0.75
C PRO E 301 4.60 66.52 0.19
N GLY E 302 3.60 66.71 1.05
CA GLY E 302 2.35 67.33 0.66
C GLY E 302 1.34 66.39 0.04
N GLU E 303 1.69 65.11 -0.14
CA GLU E 303 0.76 64.16 -0.72
C GLU E 303 -0.22 63.65 0.31
N GLU E 304 -1.31 63.06 -0.17
CA GLU E 304 -2.33 62.51 0.71
C GLU E 304 -1.82 61.25 1.40
N ALA E 305 -2.45 60.92 2.53
CA ALA E 305 -2.06 59.73 3.28
C ALA E 305 -2.42 58.47 2.50
N SER E 306 -1.46 57.58 2.37
CA SER E 306 -1.68 56.34 1.63
C SER E 306 -2.45 55.34 2.47
N ASP E 307 -3.37 54.62 1.81
CA ASP E 307 -4.10 53.56 2.50
C ASP E 307 -3.21 52.36 2.79
N LYS E 308 -2.14 52.18 2.01
CA LYS E 308 -1.18 51.12 2.28
C LYS E 308 -0.45 51.31 3.59
N ASN E 309 -0.38 52.54 4.10
CA ASN E 309 0.30 52.80 5.37
C ASN E 309 -0.48 52.19 6.52
N GLY E 310 0.24 51.50 7.41
CA GLY E 310 -0.40 50.93 8.57
C GLY E 310 -0.94 52.00 9.51
N ALA E 311 -2.13 51.73 10.04
CA ALA E 311 -2.78 52.69 10.93
C ALA E 311 -2.16 52.68 12.32
N LEU E 312 -1.33 51.68 12.64
CA LEU E 312 -0.71 51.56 13.94
C LEU E 312 0.66 52.24 14.00
N LEU E 313 0.91 53.22 13.14
CA LEU E 313 2.19 53.91 13.16
C LEU E 313 2.31 54.81 14.39
N GLY E 314 3.46 54.72 15.06
CA GLY E 314 3.72 55.56 16.22
C GLY E 314 2.80 55.31 17.40
N ASP E 315 2.54 54.05 17.71
CA ASP E 315 1.71 53.67 18.84
C ASP E 315 2.57 53.08 19.95
N SER E 316 2.30 53.51 21.18
CA SER E 316 3.08 53.05 22.32
C SER E 316 2.87 51.57 22.64
N VAL E 317 1.64 51.07 22.46
CA VAL E 317 1.35 49.68 22.84
C VAL E 317 2.16 48.71 21.98
N VAL E 318 2.18 48.93 20.67
CA VAL E 318 2.88 48.01 19.76
C VAL E 318 4.37 48.01 20.07
N ARG E 319 4.96 49.20 20.22
CA ARG E 319 6.38 49.29 20.50
C ARG E 319 6.71 48.65 21.85
N THR E 320 5.88 48.88 22.86
CA THR E 320 6.12 48.30 24.17
C THR E 320 6.06 46.78 24.12
N ILE E 321 5.05 46.23 23.43
CA ILE E 321 4.90 44.78 23.35
C ILE E 321 6.08 44.16 22.59
N GLN E 322 6.46 44.78 21.48
CA GLN E 322 7.57 44.26 20.69
C GLN E 322 8.88 44.32 21.48
N THR E 323 9.11 45.42 22.20
CA THR E 323 10.30 45.52 23.03
C THR E 323 10.30 44.48 24.14
N GLY E 324 9.14 44.25 24.75
CA GLY E 324 9.05 43.23 25.78
C GLY E 324 9.36 41.84 25.25
N ILE E 325 8.81 41.51 24.08
CA ILE E 325 9.08 40.20 23.49
C ILE E 325 10.56 40.08 23.13
N ARG E 326 11.14 41.13 22.55
CA ARG E 326 12.55 41.11 22.19
C ARG E 326 13.43 40.91 23.42
N ALA E 327 13.10 41.57 24.53
CA ALA E 327 13.82 41.35 25.77
C ALA E 327 13.59 39.95 26.30
N GLN E 328 12.40 39.38 26.10
CA GLN E 328 12.15 38.01 26.50
C GLN E 328 13.03 37.03 25.72
N PHE E 329 13.36 37.37 24.47
CA PHE E 329 14.30 36.56 23.72
C PHE E 329 15.66 36.52 24.41
N ALA E 330 16.12 37.65 24.92
CA ALA E 330 17.34 37.69 25.72
C ALA E 330 17.02 37.22 27.13
N ASN E 331 17.13 35.92 27.37
CA ASN E 331 16.72 35.30 28.63
C ASN E 331 17.63 35.78 29.75
N SER E 332 17.03 36.02 30.92
CA SER E 332 17.76 36.40 32.12
C SER E 332 17.28 35.55 33.29
N GLY E 333 18.21 35.19 34.16
CA GLY E 333 17.92 34.40 35.34
C GLY E 333 17.87 32.91 35.10
N SER E 334 18.04 32.45 33.86
CA SER E 334 18.00 31.03 33.56
C SER E 334 19.28 30.34 34.05
N ASN E 335 19.15 29.09 34.48
CA ASN E 335 20.28 28.28 34.89
C ASN E 335 20.95 27.55 33.73
N SER E 336 20.41 27.66 32.52
CA SER E 336 20.97 26.98 31.38
C SER E 336 22.31 27.57 30.98
N ALA E 337 23.15 26.73 30.37
CA ALA E 337 24.45 27.20 29.88
C ALA E 337 24.29 28.27 28.80
N PHE E 338 23.36 28.06 27.88
CA PHE E 338 23.06 29.03 26.84
C PHE E 338 22.16 30.11 27.42
N LYS E 339 22.61 31.36 27.38
CA LYS E 339 21.87 32.47 27.96
C LYS E 339 20.94 33.15 26.98
N THR E 340 20.98 32.78 25.69
CA THR E 340 20.14 33.43 24.69
C THR E 340 19.70 32.39 23.67
N MET E 341 18.51 32.62 23.10
CA MET E 341 18.02 31.75 22.02
C MET E 341 18.82 31.93 20.74
N ALA E 342 19.57 33.04 20.61
CA ALA E 342 20.41 33.23 19.43
C ALA E 342 21.50 32.17 19.35
N GLU E 343 21.97 31.69 20.51
CA GLU E 343 22.97 30.63 20.52
C GLU E 343 22.43 29.34 19.92
N ILE E 344 21.12 29.14 19.99
CA ILE E 344 20.51 27.95 19.40
C ILE E 344 20.68 27.95 17.89
N GLY E 345 20.41 29.09 17.24
CA GLY E 345 20.61 29.18 15.81
C GLY E 345 19.52 29.94 15.08
N ILE E 346 18.47 30.33 15.80
CA ILE E 346 17.34 31.06 15.23
C ILE E 346 17.63 32.55 15.34
N THR E 347 17.60 33.24 14.19
CA THR E 347 17.92 34.66 14.13
C THR E 347 16.81 35.41 13.42
N GLN E 348 16.52 36.62 13.89
CA GLN E 348 15.42 37.43 13.34
C GLN E 348 15.99 38.44 12.36
N ASP E 349 15.48 38.42 11.13
CA ASP E 349 15.86 39.42 10.14
C ASP E 349 15.26 40.77 10.51
N GLY E 350 16.06 41.83 10.34
CA GLY E 350 15.60 43.14 10.75
C GLY E 350 14.47 43.67 9.87
N THR E 351 14.63 43.58 8.55
CA THR E 351 13.64 44.14 7.64
C THR E 351 12.32 43.37 7.71
N SER E 352 12.38 42.04 7.59
CA SER E 352 11.15 41.25 7.58
C SER E 352 10.59 41.09 8.98
N GLY E 353 11.45 40.93 9.98
CA GLY E 353 11.00 40.68 11.34
C GLY E 353 10.65 39.24 11.63
N LYS E 354 10.76 38.34 10.65
CA LYS E 354 10.39 36.94 10.80
C LYS E 354 11.64 36.11 11.09
N LEU E 355 11.54 35.25 12.09
CA LEU E 355 12.69 34.46 12.51
C LEU E 355 13.02 33.38 11.48
N LYS E 356 14.31 33.10 11.33
CA LYS E 356 14.81 32.02 10.48
C LYS E 356 15.61 31.07 11.35
N ILE E 357 15.34 29.78 11.23
CA ILE E 357 15.91 28.75 12.09
C ILE E 357 17.07 28.09 11.38
N ASP E 358 18.20 27.96 12.08
CA ASP E 358 19.30 27.11 11.64
C ASP E 358 19.01 25.71 12.15
N ASP E 359 18.42 24.88 11.29
CA ASP E 359 17.88 23.60 11.74
C ASP E 359 18.95 22.68 12.29
N ASP E 360 20.11 22.62 11.63
CA ASP E 360 21.16 21.70 12.05
C ASP E 360 21.68 22.04 13.45
N LYS E 361 21.92 23.31 13.72
CA LYS E 361 22.46 23.70 15.02
C LYS E 361 21.43 23.53 16.12
N LEU E 362 20.15 23.81 15.84
CA LEU E 362 19.10 23.56 16.81
C LEU E 362 18.99 22.07 17.12
N THR E 363 19.06 21.22 16.08
CA THR E 363 19.01 19.78 16.31
C THR E 363 20.20 19.31 17.13
N LYS E 364 21.39 19.85 16.83
CA LYS E 364 22.57 19.50 17.62
C LYS E 364 22.41 19.89 19.08
N VAL E 365 21.91 21.10 19.33
CA VAL E 365 21.72 21.57 20.70
C VAL E 365 20.72 20.69 21.44
N LEU E 366 19.61 20.36 20.78
CA LEU E 366 18.59 19.52 21.42
C LEU E 366 19.13 18.13 21.70
N LYS E 367 19.88 17.56 20.76
CA LYS E 367 20.34 16.18 20.92
C LYS E 367 21.43 16.06 21.98
N ASP E 368 22.40 16.99 21.97
CA ASP E 368 23.53 16.87 22.86
C ASP E 368 23.14 17.16 24.31
N ASN E 369 22.41 18.25 24.54
CA ASN E 369 22.02 18.68 25.89
C ASN E 369 20.52 18.94 25.91
N THR E 370 19.75 17.92 26.29
CA THR E 370 18.31 18.07 26.38
C THR E 370 17.89 18.91 27.59
N ALA E 371 18.49 18.65 28.75
CA ALA E 371 18.10 19.37 29.96
C ALA E 371 18.45 20.84 29.89
N ALA E 372 19.58 21.18 29.25
CA ALA E 372 19.96 22.57 29.11
C ALA E 372 18.93 23.35 28.29
N ALA E 373 18.54 22.79 27.14
CA ALA E 373 17.52 23.44 26.32
C ALA E 373 16.19 23.50 27.05
N ARG E 374 15.83 22.43 27.77
CA ARG E 374 14.57 22.44 28.49
C ARG E 374 14.54 23.53 29.55
N GLU E 375 15.62 23.67 30.31
CA GLU E 375 15.68 24.72 31.33
C GLU E 375 15.68 26.10 30.69
N LEU E 376 16.38 26.26 29.56
CA LEU E 376 16.40 27.55 28.88
C LEU E 376 15.00 27.95 28.42
N LEU E 377 14.25 27.00 27.86
CA LEU E 377 12.91 27.32 27.38
C LEU E 377 11.87 27.21 28.48
N VAL E 378 11.91 26.15 29.29
CA VAL E 378 10.87 25.92 30.29
C VAL E 378 11.38 26.30 31.68
N GLY E 379 12.45 25.66 32.12
CA GLY E 379 12.95 25.94 33.46
C GLY E 379 12.02 25.39 34.52
N ASP E 380 11.92 26.10 35.64
CA ASP E 380 11.06 25.66 36.73
C ASP E 380 9.59 25.79 36.39
N GLY E 381 9.25 26.57 35.35
CA GLY E 381 7.88 26.75 34.96
C GLY E 381 7.14 27.88 35.64
N LYS E 382 7.78 28.58 36.57
CA LYS E 382 7.16 29.69 37.28
C LYS E 382 7.79 31.03 36.93
N GLU E 383 9.11 31.16 37.08
CA GLU E 383 9.79 32.42 36.83
C GLU E 383 10.79 32.36 35.67
N THR E 384 11.57 31.31 35.56
CA THR E 384 12.61 31.21 34.53
C THR E 384 12.12 30.37 33.36
N GLY E 385 12.89 30.41 32.27
CA GLY E 385 12.54 29.69 31.06
C GLY E 385 12.00 30.60 29.98
N ILE E 386 12.55 30.50 28.77
CA ILE E 386 12.13 31.39 27.68
C ILE E 386 10.64 31.25 27.40
N THR E 387 10.17 30.01 27.29
CA THR E 387 8.73 29.80 27.05
C THR E 387 7.90 30.32 28.22
N THR E 388 8.35 30.10 29.45
CA THR E 388 7.59 30.55 30.61
C THR E 388 7.53 32.07 30.66
N LYS E 389 8.67 32.74 30.49
CA LYS E 389 8.69 34.20 30.50
C LYS E 389 7.84 34.77 29.38
N ILE E 390 7.95 34.19 28.18
CA ILE E 390 7.20 34.70 27.04
C ILE E 390 5.70 34.50 27.26
N ALA E 391 5.31 33.33 27.79
CA ALA E 391 3.90 33.07 28.05
C ALA E 391 3.35 34.05 29.09
N THR E 392 4.10 34.28 30.17
CA THR E 392 3.66 35.22 31.19
C THR E 392 3.52 36.62 30.62
N GLU E 393 4.51 37.06 29.84
CA GLU E 393 4.48 38.41 29.30
C GLU E 393 3.33 38.59 28.32
N VAL E 394 3.12 37.62 27.41
CA VAL E 394 2.06 37.74 26.43
C VAL E 394 0.70 37.65 27.10
N LYS E 395 0.56 36.79 28.11
CA LYS E 395 -0.70 36.73 28.86
C LYS E 395 -0.98 38.06 29.55
N SER E 396 0.04 38.67 30.16
CA SER E 396 -0.15 39.97 30.79
C SER E 396 -0.53 41.03 29.77
N TYR E 397 0.08 40.98 28.59
CA TYR E 397 -0.29 41.93 27.53
C TYR E 397 -1.74 41.73 27.11
N LEU E 398 -2.18 40.49 27.01
CA LEU E 398 -3.55 40.18 26.60
C LEU E 398 -4.50 40.01 27.79
N ALA E 399 -4.02 40.17 29.02
CA ALA E 399 -4.88 40.02 30.18
C ALA E 399 -5.91 41.15 30.24
N ASP E 400 -7.01 40.87 30.93
CA ASP E 400 -8.03 41.89 31.13
C ASP E 400 -7.48 43.05 31.94
N ASP E 401 -7.96 44.25 31.65
CA ASP E 401 -7.51 45.51 32.23
C ASP E 401 -6.05 45.81 31.89
N GLY E 402 -5.48 45.14 30.90
CA GLY E 402 -4.11 45.38 30.51
C GLY E 402 -3.98 46.56 29.56
N ILE E 403 -2.81 46.66 28.95
CA ILE E 403 -2.54 47.78 28.04
C ILE E 403 -3.47 47.73 26.83
N ILE E 404 -3.79 46.52 26.35
CA ILE E 404 -4.69 46.40 25.21
C ILE E 404 -6.11 46.80 25.60
N ASP E 405 -6.58 46.34 26.76
CA ASP E 405 -7.92 46.72 27.22
C ASP E 405 -8.00 48.22 27.48
N ASN E 406 -6.95 48.79 28.07
CA ASN E 406 -6.94 50.24 28.30
C ASN E 406 -6.95 51.00 26.99
N ALA E 407 -6.19 50.55 25.99
CA ALA E 407 -6.21 51.19 24.68
C ALA E 407 -7.59 51.10 24.05
N GLN E 408 -8.24 49.94 24.15
CA GLN E 408 -9.58 49.78 23.61
C GLN E 408 -10.57 50.71 24.31
N ASP E 409 -10.47 50.82 25.64
CA ASP E 409 -11.36 51.72 26.37
C ASP E 409 -11.12 53.17 25.96
N ASN E 410 -9.86 53.57 25.78
CA ASN E 410 -9.56 54.93 25.37
C ASN E 410 -10.10 55.22 23.97
N VAL E 411 -9.94 54.26 23.05
CA VAL E 411 -10.40 54.47 21.67
C VAL E 411 -11.93 54.53 21.62
N ASN E 412 -12.60 53.59 22.30
CA ASN E 412 -14.05 53.55 22.26
C ASN E 412 -14.69 54.70 23.03
N ALA E 413 -13.95 55.36 23.91
CA ALA E 413 -14.48 56.49 24.68
C ALA E 413 -14.75 57.68 23.77
#